data_2YZU
# 
_entry.id   2YZU 
# 
_audit_conform.dict_name       mmcif_pdbx.dic 
_audit_conform.dict_version    5.397 
_audit_conform.dict_location   http://mmcif.pdb.org/dictionaries/ascii/mmcif_pdbx.dic 
# 
loop_
_database_2.database_id 
_database_2.database_code 
_database_2.pdbx_database_accession 
_database_2.pdbx_DOI 
PDB   2YZU         pdb_00002yzu 10.2210/pdb2yzu/pdb 
RCSB  RCSB027342   ?            ?                   
WWPDB D_1000027342 ?            ?                   
# 
loop_
_pdbx_audit_revision_history.ordinal 
_pdbx_audit_revision_history.data_content_type 
_pdbx_audit_revision_history.major_revision 
_pdbx_audit_revision_history.minor_revision 
_pdbx_audit_revision_history.revision_date 
1 'Structure model' 1 0 2007-11-06 
2 'Structure model' 1 1 2011-07-13 
3 'Structure model' 1 2 2017-10-11 
4 'Structure model' 1 3 2023-10-25 
5 'Structure model' 1 4 2023-11-15 
6 'Structure model' 1 5 2024-10-30 
# 
_pdbx_audit_revision_details.ordinal             1 
_pdbx_audit_revision_details.revision_ordinal    1 
_pdbx_audit_revision_details.data_content_type   'Structure model' 
_pdbx_audit_revision_details.provider            repository 
_pdbx_audit_revision_details.type                'Initial release' 
_pdbx_audit_revision_details.description         ? 
_pdbx_audit_revision_details.details             ? 
# 
loop_
_pdbx_audit_revision_group.ordinal 
_pdbx_audit_revision_group.revision_ordinal 
_pdbx_audit_revision_group.data_content_type 
_pdbx_audit_revision_group.group 
1 2 'Structure model' 'Source and taxonomy'       
2 2 'Structure model' 'Version format compliance' 
3 3 'Structure model' 'Refinement description'    
4 4 'Structure model' 'Data collection'           
5 4 'Structure model' 'Database references'       
6 4 'Structure model' 'Derived calculations'      
7 4 'Structure model' 'Refinement description'    
8 5 'Structure model' 'Data collection'           
9 6 'Structure model' 'Structure summary'         
# 
loop_
_pdbx_audit_revision_category.ordinal 
_pdbx_audit_revision_category.revision_ordinal 
_pdbx_audit_revision_category.data_content_type 
_pdbx_audit_revision_category.category 
1  3 'Structure model' software                      
2  4 'Structure model' chem_comp_atom                
3  4 'Structure model' chem_comp_bond                
4  4 'Structure model' database_2                    
5  4 'Structure model' pdbx_initial_refinement_model 
6  4 'Structure model' struct_conn                   
7  5 'Structure model' chem_comp_atom                
8  5 'Structure model' chem_comp_bond                
9  6 'Structure model' pdbx_entry_details            
10 6 'Structure model' pdbx_modification_feature     
# 
loop_
_pdbx_audit_revision_item.ordinal 
_pdbx_audit_revision_item.revision_ordinal 
_pdbx_audit_revision_item.data_content_type 
_pdbx_audit_revision_item.item 
1 4 'Structure model' '_database_2.pdbx_DOI'                
2 4 'Structure model' '_database_2.pdbx_database_accession' 
3 4 'Structure model' '_struct_conn.pdbx_leaving_atom_flag' 
4 5 'Structure model' '_chem_comp_atom.atom_id'             
5 5 'Structure model' '_chem_comp_bond.atom_id_2'           
# 
_pdbx_database_status.status_code                     REL 
_pdbx_database_status.entry_id                        2YZU 
_pdbx_database_status.recvd_initial_deposition_date   2007-05-06 
_pdbx_database_status.deposit_site                    PDBJ 
_pdbx_database_status.process_site                    PDBJ 
_pdbx_database_status.status_code_sf                  REL 
_pdbx_database_status.status_code_mr                  ? 
_pdbx_database_status.SG_entry                        Y 
_pdbx_database_status.pdb_format_compatible           Y 
_pdbx_database_status.status_code_cs                  ? 
_pdbx_database_status.methods_development_category    ? 
_pdbx_database_status.status_code_nmr_data            ? 
# 
_pdbx_database_related.db_name        TargetDB 
_pdbx_database_related.db_id          ttk003000408.2 
_pdbx_database_related.details        . 
_pdbx_database_related.content_type   unspecified 
# 
loop_
_audit_author.name 
_audit_author.pdbx_ordinal 
'Ebihara, A.'                                            1 
'Yanai, H.'                                              2 
'Yokoyama, S.'                                           3 
'Kuramitsu, S.'                                          4 
'RIKEN Structural Genomics/Proteomics Initiative (RSGI)' 5 
# 
_citation.id                        primary 
_citation.title                     'Crystal structure of oxidized thioredoxin from Thermus thermophilus HB8' 
_citation.journal_abbrev            'To be Published' 
_citation.journal_volume            ? 
_citation.page_first                ? 
_citation.page_last                 ? 
_citation.year                      ? 
_citation.journal_id_ASTM           ? 
_citation.country                   ? 
_citation.journal_id_ISSN           ? 
_citation.journal_id_CSD            0353 
_citation.book_publisher            ? 
_citation.pdbx_database_id_PubMed   ? 
_citation.pdbx_database_id_DOI      ? 
# 
loop_
_citation_author.citation_id 
_citation_author.name 
_citation_author.ordinal 
_citation_author.identifier_ORCID 
primary 'Ebihara, A.'   1 ? 
primary 'Yanai, H.'     2 ? 
primary 'Yokoyama, S.'  3 ? 
primary 'Kuramitsu, S.' 4 ? 
# 
loop_
_entity.id 
_entity.type 
_entity.src_method 
_entity.pdbx_description 
_entity.formula_weight 
_entity.pdbx_number_of_molecules 
_entity.pdbx_ec 
_entity.pdbx_mutation 
_entity.pdbx_fragment 
_entity.details 
1 polymer man Thioredoxin 12486.024 1  ? ? 'Residues 2-110' ? 
2 water   nat water       18.015    33 ? ? ?                ? 
# 
_entity_poly.entity_id                      1 
_entity_poly.type                           'polypeptide(L)' 
_entity_poly.nstd_linkage                   no 
_entity_poly.nstd_monomer                   yes 
_entity_poly.pdbx_seq_one_letter_code       
;AKPIEVTDQNFDETLGQHPLVLVDFWAEWCAPCR(MSE)IAPILEEIAKEYEGKLLVAKLDVDENPKTA(MSE)RYRV
(MSE)SIPTVILFKDGQPVEVLVGAQPKRNYQAKIEKHLPATA
;
_entity_poly.pdbx_seq_one_letter_code_can   
;AKPIEVTDQNFDETLGQHPLVLVDFWAEWCAPCRMIAPILEEIAKEYEGKLLVAKLDVDENPKTAMRYRVMSIPTVILFK
DGQPVEVLVGAQPKRNYQAKIEKHLPATA
;
_entity_poly.pdbx_strand_id                 A 
_entity_poly.pdbx_target_identifier         ttk003000408.2 
# 
_pdbx_entity_nonpoly.entity_id   2 
_pdbx_entity_nonpoly.name        water 
_pdbx_entity_nonpoly.comp_id     HOH 
# 
loop_
_entity_poly_seq.entity_id 
_entity_poly_seq.num 
_entity_poly_seq.mon_id 
_entity_poly_seq.hetero 
1 1   ALA n 
1 2   LYS n 
1 3   PRO n 
1 4   ILE n 
1 5   GLU n 
1 6   VAL n 
1 7   THR n 
1 8   ASP n 
1 9   GLN n 
1 10  ASN n 
1 11  PHE n 
1 12  ASP n 
1 13  GLU n 
1 14  THR n 
1 15  LEU n 
1 16  GLY n 
1 17  GLN n 
1 18  HIS n 
1 19  PRO n 
1 20  LEU n 
1 21  VAL n 
1 22  LEU n 
1 23  VAL n 
1 24  ASP n 
1 25  PHE n 
1 26  TRP n 
1 27  ALA n 
1 28  GLU n 
1 29  TRP n 
1 30  CYS n 
1 31  ALA n 
1 32  PRO n 
1 33  CYS n 
1 34  ARG n 
1 35  MSE n 
1 36  ILE n 
1 37  ALA n 
1 38  PRO n 
1 39  ILE n 
1 40  LEU n 
1 41  GLU n 
1 42  GLU n 
1 43  ILE n 
1 44  ALA n 
1 45  LYS n 
1 46  GLU n 
1 47  TYR n 
1 48  GLU n 
1 49  GLY n 
1 50  LYS n 
1 51  LEU n 
1 52  LEU n 
1 53  VAL n 
1 54  ALA n 
1 55  LYS n 
1 56  LEU n 
1 57  ASP n 
1 58  VAL n 
1 59  ASP n 
1 60  GLU n 
1 61  ASN n 
1 62  PRO n 
1 63  LYS n 
1 64  THR n 
1 65  ALA n 
1 66  MSE n 
1 67  ARG n 
1 68  TYR n 
1 69  ARG n 
1 70  VAL n 
1 71  MSE n 
1 72  SER n 
1 73  ILE n 
1 74  PRO n 
1 75  THR n 
1 76  VAL n 
1 77  ILE n 
1 78  LEU n 
1 79  PHE n 
1 80  LYS n 
1 81  ASP n 
1 82  GLY n 
1 83  GLN n 
1 84  PRO n 
1 85  VAL n 
1 86  GLU n 
1 87  VAL n 
1 88  LEU n 
1 89  VAL n 
1 90  GLY n 
1 91  ALA n 
1 92  GLN n 
1 93  PRO n 
1 94  LYS n 
1 95  ARG n 
1 96  ASN n 
1 97  TYR n 
1 98  GLN n 
1 99  ALA n 
1 100 LYS n 
1 101 ILE n 
1 102 GLU n 
1 103 LYS n 
1 104 HIS n 
1 105 LEU n 
1 106 PRO n 
1 107 ALA n 
1 108 THR n 
1 109 ALA n 
# 
_entity_src_gen.entity_id                          1 
_entity_src_gen.pdbx_src_id                        1 
_entity_src_gen.pdbx_alt_source_flag               sample 
_entity_src_gen.pdbx_seq_type                      ? 
_entity_src_gen.pdbx_beg_seq_num                   ? 
_entity_src_gen.pdbx_end_seq_num                   ? 
_entity_src_gen.gene_src_common_name               ? 
_entity_src_gen.gene_src_genus                     Thermus 
_entity_src_gen.pdbx_gene_src_gene                 ? 
_entity_src_gen.gene_src_species                   'Thermus thermophilus' 
_entity_src_gen.gene_src_strain                    HB8 
_entity_src_gen.gene_src_tissue                    ? 
_entity_src_gen.gene_src_tissue_fraction           ? 
_entity_src_gen.gene_src_details                   ? 
_entity_src_gen.pdbx_gene_src_fragment             ? 
_entity_src_gen.pdbx_gene_src_scientific_name      'Thermus thermophilus' 
_entity_src_gen.pdbx_gene_src_ncbi_taxonomy_id     300852 
_entity_src_gen.pdbx_gene_src_variant              ? 
_entity_src_gen.pdbx_gene_src_cell_line            ? 
_entity_src_gen.pdbx_gene_src_atcc                 ? 
_entity_src_gen.pdbx_gene_src_organ                ? 
_entity_src_gen.pdbx_gene_src_organelle            ? 
_entity_src_gen.pdbx_gene_src_cell                 ? 
_entity_src_gen.pdbx_gene_src_cellular_location    ? 
_entity_src_gen.host_org_common_name               ? 
_entity_src_gen.pdbx_host_org_scientific_name      'Escherichia coli' 
_entity_src_gen.pdbx_host_org_ncbi_taxonomy_id     562 
_entity_src_gen.host_org_genus                     Escherichia 
_entity_src_gen.pdbx_host_org_gene                 ? 
_entity_src_gen.pdbx_host_org_organ                ? 
_entity_src_gen.host_org_species                   ? 
_entity_src_gen.pdbx_host_org_tissue               ? 
_entity_src_gen.pdbx_host_org_tissue_fraction      ? 
_entity_src_gen.pdbx_host_org_strain               'B834(DE3)pLysS' 
_entity_src_gen.pdbx_host_org_variant              ? 
_entity_src_gen.pdbx_host_org_cell_line            ? 
_entity_src_gen.pdbx_host_org_atcc                 ? 
_entity_src_gen.pdbx_host_org_culture_collection   ? 
_entity_src_gen.pdbx_host_org_cell                 ? 
_entity_src_gen.pdbx_host_org_organelle            ? 
_entity_src_gen.pdbx_host_org_cellular_location    ? 
_entity_src_gen.pdbx_host_org_vector_type          Plasmid 
_entity_src_gen.pdbx_host_org_vector               ? 
_entity_src_gen.host_org_details                   ? 
_entity_src_gen.expression_system_id               ? 
_entity_src_gen.plasmid_name                       pET-11a 
_entity_src_gen.plasmid_details                    ? 
_entity_src_gen.pdbx_description                   ? 
# 
loop_
_chem_comp.id 
_chem_comp.type 
_chem_comp.mon_nstd_flag 
_chem_comp.name 
_chem_comp.pdbx_synonyms 
_chem_comp.formula 
_chem_comp.formula_weight 
ALA 'L-peptide linking' y ALANINE          ? 'C3 H7 N O2'     89.093  
ARG 'L-peptide linking' y ARGININE         ? 'C6 H15 N4 O2 1' 175.209 
ASN 'L-peptide linking' y ASPARAGINE       ? 'C4 H8 N2 O3'    132.118 
ASP 'L-peptide linking' y 'ASPARTIC ACID'  ? 'C4 H7 N O4'     133.103 
CYS 'L-peptide linking' y CYSTEINE         ? 'C3 H7 N O2 S'   121.158 
GLN 'L-peptide linking' y GLUTAMINE        ? 'C5 H10 N2 O3'   146.144 
GLU 'L-peptide linking' y 'GLUTAMIC ACID'  ? 'C5 H9 N O4'     147.129 
GLY 'peptide linking'   y GLYCINE          ? 'C2 H5 N O2'     75.067  
HIS 'L-peptide linking' y HISTIDINE        ? 'C6 H10 N3 O2 1' 156.162 
HOH non-polymer         . WATER            ? 'H2 O'           18.015  
ILE 'L-peptide linking' y ISOLEUCINE       ? 'C6 H13 N O2'    131.173 
LEU 'L-peptide linking' y LEUCINE          ? 'C6 H13 N O2'    131.173 
LYS 'L-peptide linking' y LYSINE           ? 'C6 H15 N2 O2 1' 147.195 
MSE 'L-peptide linking' n SELENOMETHIONINE ? 'C5 H11 N O2 Se' 196.106 
PHE 'L-peptide linking' y PHENYLALANINE    ? 'C9 H11 N O2'    165.189 
PRO 'L-peptide linking' y PROLINE          ? 'C5 H9 N O2'     115.130 
SER 'L-peptide linking' y SERINE           ? 'C3 H7 N O3'     105.093 
THR 'L-peptide linking' y THREONINE        ? 'C4 H9 N O3'     119.119 
TRP 'L-peptide linking' y TRYPTOPHAN       ? 'C11 H12 N2 O2'  204.225 
TYR 'L-peptide linking' y TYROSINE         ? 'C9 H11 N O3'    181.189 
VAL 'L-peptide linking' y VALINE           ? 'C5 H11 N O2'    117.146 
# 
loop_
_pdbx_poly_seq_scheme.asym_id 
_pdbx_poly_seq_scheme.entity_id 
_pdbx_poly_seq_scheme.seq_id 
_pdbx_poly_seq_scheme.mon_id 
_pdbx_poly_seq_scheme.ndb_seq_num 
_pdbx_poly_seq_scheme.pdb_seq_num 
_pdbx_poly_seq_scheme.auth_seq_num 
_pdbx_poly_seq_scheme.pdb_mon_id 
_pdbx_poly_seq_scheme.auth_mon_id 
_pdbx_poly_seq_scheme.pdb_strand_id 
_pdbx_poly_seq_scheme.pdb_ins_code 
_pdbx_poly_seq_scheme.hetero 
A 1 1   ALA 1   2   ?   ?   ?   A . n 
A 1 2   LYS 2   3   3   LYS LYS A . n 
A 1 3   PRO 3   4   4   PRO PRO A . n 
A 1 4   ILE 4   5   5   ILE ILE A . n 
A 1 5   GLU 5   6   6   GLU GLU A . n 
A 1 6   VAL 6   7   7   VAL VAL A . n 
A 1 7   THR 7   8   8   THR THR A . n 
A 1 8   ASP 8   9   9   ASP ASP A . n 
A 1 9   GLN 9   10  10  GLN GLN A . n 
A 1 10  ASN 10  11  11  ASN ASN A . n 
A 1 11  PHE 11  12  12  PHE PHE A . n 
A 1 12  ASP 12  13  13  ASP ASP A . n 
A 1 13  GLU 13  14  14  GLU GLU A . n 
A 1 14  THR 14  15  15  THR THR A . n 
A 1 15  LEU 15  16  16  LEU LEU A . n 
A 1 16  GLY 16  17  17  GLY GLY A . n 
A 1 17  GLN 17  18  18  GLN GLN A . n 
A 1 18  HIS 18  19  19  HIS HIS A . n 
A 1 19  PRO 19  20  20  PRO PRO A . n 
A 1 20  LEU 20  21  21  LEU LEU A . n 
A 1 21  VAL 21  22  22  VAL VAL A . n 
A 1 22  LEU 22  23  23  LEU LEU A . n 
A 1 23  VAL 23  24  24  VAL VAL A . n 
A 1 24  ASP 24  25  25  ASP ASP A . n 
A 1 25  PHE 25  26  26  PHE PHE A . n 
A 1 26  TRP 26  27  27  TRP TRP A . n 
A 1 27  ALA 27  28  28  ALA ALA A . n 
A 1 28  GLU 28  29  29  GLU GLU A . n 
A 1 29  TRP 29  30  30  TRP TRP A . n 
A 1 30  CYS 30  31  31  CYS CYS A . n 
A 1 31  ALA 31  32  32  ALA ALA A . n 
A 1 32  PRO 32  33  33  PRO PRO A . n 
A 1 33  CYS 33  34  34  CYS CYS A . n 
A 1 34  ARG 34  35  35  ARG ARG A . n 
A 1 35  MSE 35  36  36  MSE MSE A . n 
A 1 36  ILE 36  37  37  ILE ILE A . n 
A 1 37  ALA 37  38  38  ALA ALA A . n 
A 1 38  PRO 38  39  39  PRO PRO A . n 
A 1 39  ILE 39  40  40  ILE ILE A . n 
A 1 40  LEU 40  41  41  LEU LEU A . n 
A 1 41  GLU 41  42  42  GLU GLU A . n 
A 1 42  GLU 42  43  43  GLU GLU A . n 
A 1 43  ILE 43  44  44  ILE ILE A . n 
A 1 44  ALA 44  45  45  ALA ALA A . n 
A 1 45  LYS 45  46  46  LYS LYS A . n 
A 1 46  GLU 46  47  47  GLU GLU A . n 
A 1 47  TYR 47  48  48  TYR TYR A . n 
A 1 48  GLU 48  49  49  GLU GLU A . n 
A 1 49  GLY 49  50  50  GLY GLY A . n 
A 1 50  LYS 50  51  51  LYS LYS A . n 
A 1 51  LEU 51  52  52  LEU LEU A . n 
A 1 52  LEU 52  53  53  LEU LEU A . n 
A 1 53  VAL 53  54  54  VAL VAL A . n 
A 1 54  ALA 54  55  55  ALA ALA A . n 
A 1 55  LYS 55  56  56  LYS LYS A . n 
A 1 56  LEU 56  57  57  LEU LEU A . n 
A 1 57  ASP 57  58  58  ASP ASP A . n 
A 1 58  VAL 58  59  59  VAL VAL A . n 
A 1 59  ASP 59  60  60  ASP ASP A . n 
A 1 60  GLU 60  61  61  GLU GLU A . n 
A 1 61  ASN 61  62  62  ASN ASN A . n 
A 1 62  PRO 62  63  63  PRO PRO A . n 
A 1 63  LYS 63  64  64  LYS LYS A . n 
A 1 64  THR 64  65  65  THR THR A . n 
A 1 65  ALA 65  66  66  ALA ALA A . n 
A 1 66  MSE 66  67  67  MSE MSE A . n 
A 1 67  ARG 67  68  68  ARG ARG A . n 
A 1 68  TYR 68  69  69  TYR TYR A . n 
A 1 69  ARG 69  70  70  ARG ARG A . n 
A 1 70  VAL 70  71  71  VAL VAL A . n 
A 1 71  MSE 71  72  72  MSE MSE A . n 
A 1 72  SER 72  73  73  SER SER A . n 
A 1 73  ILE 73  74  74  ILE ILE A . n 
A 1 74  PRO 74  75  75  PRO PRO A . n 
A 1 75  THR 75  76  76  THR THR A . n 
A 1 76  VAL 76  77  77  VAL VAL A . n 
A 1 77  ILE 77  78  78  ILE ILE A . n 
A 1 78  LEU 78  79  79  LEU LEU A . n 
A 1 79  PHE 79  80  80  PHE PHE A . n 
A 1 80  LYS 80  81  81  LYS LYS A . n 
A 1 81  ASP 81  82  82  ASP ASP A . n 
A 1 82  GLY 82  83  83  GLY GLY A . n 
A 1 83  GLN 83  84  84  GLN GLN A . n 
A 1 84  PRO 84  85  85  PRO PRO A . n 
A 1 85  VAL 85  86  86  VAL VAL A . n 
A 1 86  GLU 86  87  87  GLU GLU A . n 
A 1 87  VAL 87  88  88  VAL VAL A . n 
A 1 88  LEU 88  89  89  LEU LEU A . n 
A 1 89  VAL 89  90  90  VAL VAL A . n 
A 1 90  GLY 90  91  91  GLY GLY A . n 
A 1 91  ALA 91  92  92  ALA ALA A . n 
A 1 92  GLN 92  93  93  GLN GLN A . n 
A 1 93  PRO 93  94  94  PRO PRO A . n 
A 1 94  LYS 94  95  95  LYS LYS A . n 
A 1 95  ARG 95  96  96  ARG ARG A . n 
A 1 96  ASN 96  97  97  ASN ASN A . n 
A 1 97  TYR 97  98  98  TYR TYR A . n 
A 1 98  GLN 98  99  99  GLN GLN A . n 
A 1 99  ALA 99  100 100 ALA ALA A . n 
A 1 100 LYS 100 101 101 LYS LYS A . n 
A 1 101 ILE 101 102 102 ILE ILE A . n 
A 1 102 GLU 102 103 103 GLU GLU A . n 
A 1 103 LYS 103 104 104 LYS LYS A . n 
A 1 104 HIS 104 105 105 HIS HIS A . n 
A 1 105 LEU 105 106 106 LEU LEU A . n 
A 1 106 PRO 106 107 ?   ?   ?   A . n 
A 1 107 ALA 107 108 ?   ?   ?   A . n 
A 1 108 THR 108 109 ?   ?   ?   A . n 
A 1 109 ALA 109 110 ?   ?   ?   A . n 
# 
loop_
_pdbx_nonpoly_scheme.asym_id 
_pdbx_nonpoly_scheme.entity_id 
_pdbx_nonpoly_scheme.mon_id 
_pdbx_nonpoly_scheme.ndb_seq_num 
_pdbx_nonpoly_scheme.pdb_seq_num 
_pdbx_nonpoly_scheme.auth_seq_num 
_pdbx_nonpoly_scheme.pdb_mon_id 
_pdbx_nonpoly_scheme.auth_mon_id 
_pdbx_nonpoly_scheme.pdb_strand_id 
_pdbx_nonpoly_scheme.pdb_ins_code 
B 2 HOH 1  111 1  HOH HOH A . 
B 2 HOH 2  112 2  HOH HOH A . 
B 2 HOH 3  113 3  HOH HOH A . 
B 2 HOH 4  114 4  HOH HOH A . 
B 2 HOH 5  115 5  HOH HOH A . 
B 2 HOH 6  116 6  HOH HOH A . 
B 2 HOH 7  117 7  HOH HOH A . 
B 2 HOH 8  118 8  HOH HOH A . 
B 2 HOH 9  119 9  HOH HOH A . 
B 2 HOH 10 120 10 HOH HOH A . 
B 2 HOH 11 121 11 HOH HOH A . 
B 2 HOH 12 122 12 HOH HOH A . 
B 2 HOH 13 123 13 HOH HOH A . 
B 2 HOH 14 124 14 HOH HOH A . 
B 2 HOH 15 125 15 HOH HOH A . 
B 2 HOH 16 126 16 HOH HOH A . 
B 2 HOH 17 127 17 HOH HOH A . 
B 2 HOH 18 128 18 HOH HOH A . 
B 2 HOH 19 129 19 HOH HOH A . 
B 2 HOH 20 130 20 HOH HOH A . 
B 2 HOH 21 131 21 HOH HOH A . 
B 2 HOH 22 132 22 HOH HOH A . 
B 2 HOH 23 133 23 HOH HOH A . 
B 2 HOH 24 134 24 HOH HOH A . 
B 2 HOH 25 135 25 HOH HOH A . 
B 2 HOH 26 136 26 HOH HOH A . 
B 2 HOH 27 137 27 HOH HOH A . 
B 2 HOH 28 138 28 HOH HOH A . 
B 2 HOH 29 139 29 HOH HOH A . 
B 2 HOH 30 140 30 HOH HOH A . 
B 2 HOH 31 141 31 HOH HOH A . 
B 2 HOH 32 142 32 HOH HOH A . 
B 2 HOH 33 143 33 HOH HOH A . 
# 
loop_
_software.name 
_software.classification 
_software.version 
_software.citation_id 
_software.pdbx_ordinal 
CNS      refinement       1.1 ? 1 
HKL-2000 'data reduction' .   ? 2 
HKL-2000 'data scaling'   .   ? 3 
MOLREP   phasing          .   ? 4 
# 
_cell.entry_id           2YZU 
_cell.length_a           58.380 
_cell.length_b           58.380 
_cell.length_c           59.846 
_cell.angle_alpha        90.00 
_cell.angle_beta         90.00 
_cell.angle_gamma        90.00 
_cell.Z_PDB              8 
_cell.pdbx_unique_axis   ? 
_cell.length_a_esd       ? 
_cell.length_b_esd       ? 
_cell.length_c_esd       ? 
_cell.angle_alpha_esd    ? 
_cell.angle_beta_esd     ? 
_cell.angle_gamma_esd    ? 
# 
_symmetry.entry_id                         2YZU 
_symmetry.space_group_name_H-M             'P 43 21 2' 
_symmetry.pdbx_full_space_group_name_H-M   ? 
_symmetry.cell_setting                     ? 
_symmetry.Int_Tables_number                96 
_symmetry.space_group_name_Hall            ? 
# 
_exptl.entry_id          2YZU 
_exptl.method            'X-RAY DIFFRACTION' 
_exptl.crystals_number   1 
# 
_exptl_crystal.id                    1 
_exptl_crystal.density_meas          ? 
_exptl_crystal.density_Matthews      2.04 
_exptl_crystal.density_percent_sol   39.76 
_exptl_crystal.description           ? 
_exptl_crystal.F_000                 ? 
_exptl_crystal.preparation           ? 
# 
_exptl_crystal_grow.crystal_id      1 
_exptl_crystal_grow.method          'VAPOR DIFFUSION, SITTING DROP' 
_exptl_crystal_grow.temp            293 
_exptl_crystal_grow.temp_details    ? 
_exptl_crystal_grow.pH              6.8 
_exptl_crystal_grow.pdbx_details    '4.3M Sodium chloride, 0.1M HEPES, pH 6.8, VAPOR DIFFUSION, SITTING DROP, temperature 293K' 
_exptl_crystal_grow.pdbx_pH_range   . 
# 
_diffrn.id                     1 
_diffrn.ambient_temp           100 
_diffrn.ambient_temp_details   ? 
_diffrn.crystal_id             1 
# 
_diffrn_detector.diffrn_id              1 
_diffrn_detector.detector               CCD 
_diffrn_detector.type                   'RIGAKU JUPITER 210' 
_diffrn_detector.pdbx_collection_date   2005-07-19 
_diffrn_detector.details                ? 
# 
_diffrn_radiation.diffrn_id                        1 
_diffrn_radiation.wavelength_id                    1 
_diffrn_radiation.pdbx_monochromatic_or_laue_m_l   M 
_diffrn_radiation.monochromator                    'SI Double-Crystal' 
_diffrn_radiation.pdbx_diffrn_protocol             'SINGLE WAVELENGTH' 
_diffrn_radiation.pdbx_scattering_type             x-ray 
# 
_diffrn_radiation_wavelength.id           1 
_diffrn_radiation_wavelength.wavelength   1.0000 
_diffrn_radiation_wavelength.wt           1.0 
# 
_diffrn_source.diffrn_id                   1 
_diffrn_source.source                      SYNCHROTRON 
_diffrn_source.type                        'SPRING-8 BEAMLINE BL26B1' 
_diffrn_source.pdbx_synchrotron_site       SPring-8 
_diffrn_source.pdbx_synchrotron_beamline   BL26B1 
_diffrn_source.pdbx_wavelength             ? 
_diffrn_source.pdbx_wavelength_list        1.0000 
# 
_reflns.entry_id                     2YZU 
_reflns.observed_criterion_sigma_I   ? 
_reflns.observed_criterion_sigma_F   ? 
_reflns.d_resolution_low             50 
_reflns.d_resolution_high            1.9 
_reflns.number_obs                   8643 
_reflns.number_all                   ? 
_reflns.percent_possible_obs         99.7 
_reflns.pdbx_Rmerge_I_obs            0.034 
_reflns.pdbx_Rsym_value              ? 
_reflns.pdbx_netI_over_sigmaI        60.5 
_reflns.B_iso_Wilson_estimate        26.7 
_reflns.pdbx_redundancy              13.3 
_reflns.R_free_details               ? 
_reflns.limit_h_max                  ? 
_reflns.limit_h_min                  ? 
_reflns.limit_k_max                  ? 
_reflns.limit_k_min                  ? 
_reflns.limit_l_max                  ? 
_reflns.limit_l_min                  ? 
_reflns.observed_criterion_F_max     ? 
_reflns.observed_criterion_F_min     ? 
_reflns.pdbx_chi_squared             ? 
_reflns.pdbx_scaling_rejects         ? 
_reflns.pdbx_ordinal                 1 
_reflns.pdbx_diffrn_id               1 
# 
_reflns_shell.d_res_high             1.90 
_reflns_shell.d_res_low              1.97 
_reflns_shell.percent_possible_all   100.0 
_reflns_shell.Rmerge_I_obs           0.160 
_reflns_shell.pdbx_Rsym_value        ? 
_reflns_shell.meanI_over_sigI_obs    17.2 
_reflns_shell.pdbx_redundancy        13.3 
_reflns_shell.percent_possible_obs   ? 
_reflns_shell.number_unique_all      ? 
_reflns_shell.number_measured_all    ? 
_reflns_shell.number_measured_obs    ? 
_reflns_shell.number_unique_obs      ? 
_reflns_shell.pdbx_chi_squared       ? 
_reflns_shell.pdbx_ordinal           1 
_reflns_shell.pdbx_diffrn_id         1 
# 
_refine.entry_id                                 2YZU 
_refine.ls_number_reflns_obs                     8569 
_refine.ls_number_reflns_all                     ? 
_refine.pdbx_ls_sigma_I                          ? 
_refine.pdbx_ls_sigma_F                          0.0 
_refine.pdbx_data_cutoff_high_absF               1027395.22 
_refine.pdbx_data_cutoff_low_absF                0.000000 
_refine.pdbx_data_cutoff_high_rms_absF           ? 
_refine.ls_d_res_low                             20.90 
_refine.ls_d_res_high                            1.90 
_refine.ls_percent_reflns_obs                    99.8 
_refine.ls_R_factor_obs                          0.25 
_refine.ls_R_factor_all                          ? 
_refine.ls_R_factor_R_work                       0.25 
_refine.ls_R_factor_R_free                       0.271 
_refine.ls_R_factor_R_free_error                 0.009 
_refine.ls_R_factor_R_free_error_details         ? 
_refine.ls_percent_reflns_R_free                 10.7 
_refine.ls_number_reflns_R_free                  914 
_refine.ls_number_parameters                     ? 
_refine.ls_number_restraints                     ? 
_refine.occupancy_min                            ? 
_refine.occupancy_max                            ? 
_refine.correlation_coeff_Fo_to_Fc               ? 
_refine.correlation_coeff_Fo_to_Fc_free          ? 
_refine.B_iso_mean                               32.0 
_refine.aniso_B[1][1]                            -4.54 
_refine.aniso_B[2][2]                            -4.54 
_refine.aniso_B[3][3]                            9.08 
_refine.aniso_B[1][2]                            0.00 
_refine.aniso_B[1][3]                            0.00 
_refine.aniso_B[2][3]                            0.00 
_refine.solvent_model_details                    'FLAT MODEL' 
_refine.solvent_model_param_ksol                 0.398074 
_refine.solvent_model_param_bsol                 50.115 
_refine.pdbx_solvent_vdw_probe_radii             ? 
_refine.pdbx_solvent_ion_probe_radii             ? 
_refine.pdbx_solvent_shrinkage_radii             ? 
_refine.pdbx_ls_cross_valid_method               THROUGHOUT 
_refine.details                                  ? 
_refine.pdbx_starting_model                      'PDB ENTRY 2CVK' 
_refine.pdbx_method_to_determine_struct          'MOLECULAR REPLACEMENT' 
_refine.pdbx_isotropic_thermal_model             RESTRAINED 
_refine.pdbx_stereochemistry_target_values       'Engh & Huber' 
_refine.pdbx_stereochem_target_val_spec_case     ? 
_refine.pdbx_R_Free_selection_details            RANDOM 
_refine.pdbx_overall_ESU_R                       ? 
_refine.pdbx_overall_ESU_R_Free                  ? 
_refine.overall_SU_ML                            ? 
_refine.overall_SU_B                             ? 
_refine.ls_redundancy_reflns_obs                 ? 
_refine.B_iso_min                                ? 
_refine.B_iso_max                                ? 
_refine.overall_SU_R_Cruickshank_DPI             ? 
_refine.overall_SU_R_free                        ? 
_refine.ls_wR_factor_R_free                      ? 
_refine.ls_wR_factor_R_work                      ? 
_refine.overall_FOM_free_R_set                   ? 
_refine.overall_FOM_work_R_set                   ? 
_refine.pdbx_refine_id                           'X-RAY DIFFRACTION' 
_refine.pdbx_diffrn_id                           1 
_refine.pdbx_TLS_residual_ADP_flag               ? 
_refine.pdbx_overall_phase_error                 ? 
_refine.pdbx_overall_SU_R_free_Cruickshank_DPI   ? 
_refine.pdbx_overall_SU_R_Blow_DPI               ? 
_refine.pdbx_overall_SU_R_free_Blow_DPI          ? 
# 
_refine_analyze.entry_id                        2YZU 
_refine_analyze.Luzzati_coordinate_error_obs    0.28 
_refine_analyze.Luzzati_sigma_a_obs             0.18 
_refine_analyze.Luzzati_d_res_low_obs           5.00 
_refine_analyze.Luzzati_coordinate_error_free   0.33 
_refine_analyze.Luzzati_sigma_a_free            0.27 
_refine_analyze.Luzzati_d_res_low_free          ? 
_refine_analyze.number_disordered_residues      ? 
_refine_analyze.occupancy_sum_hydrogen          ? 
_refine_analyze.occupancy_sum_non_hydrogen      ? 
_refine_analyze.pdbx_Luzzati_d_res_high_obs     ? 
_refine_analyze.pdbx_refine_id                  'X-RAY DIFFRACTION' 
# 
_refine_hist.pdbx_refine_id                   'X-RAY DIFFRACTION' 
_refine_hist.cycle_id                         LAST 
_refine_hist.pdbx_number_atoms_protein        837 
_refine_hist.pdbx_number_atoms_nucleic_acid   0 
_refine_hist.pdbx_number_atoms_ligand         0 
_refine_hist.number_atoms_solvent             33 
_refine_hist.number_atoms_total               870 
_refine_hist.d_res_high                       1.90 
_refine_hist.d_res_low                        20.90 
# 
loop_
_refine_ls_restr.type 
_refine_ls_restr.dev_ideal 
_refine_ls_restr.dev_ideal_target 
_refine_ls_restr.weight 
_refine_ls_restr.number 
_refine_ls_restr.pdbx_refine_id 
_refine_ls_restr.pdbx_restraint_function 
c_bond_d                0.006 ?    ? ? 'X-RAY DIFFRACTION' ? 
c_bond_d_na             ?     ?    ? ? 'X-RAY DIFFRACTION' ? 
c_bond_d_prot           ?     ?    ? ? 'X-RAY DIFFRACTION' ? 
c_angle_d               ?     ?    ? ? 'X-RAY DIFFRACTION' ? 
c_angle_d_na            ?     ?    ? ? 'X-RAY DIFFRACTION' ? 
c_angle_d_prot          ?     ?    ? ? 'X-RAY DIFFRACTION' ? 
c_angle_deg             1.3   ?    ? ? 'X-RAY DIFFRACTION' ? 
c_angle_deg_na          ?     ?    ? ? 'X-RAY DIFFRACTION' ? 
c_angle_deg_prot        ?     ?    ? ? 'X-RAY DIFFRACTION' ? 
c_dihedral_angle_d      23.8  ?    ? ? 'X-RAY DIFFRACTION' ? 
c_dihedral_angle_d_na   ?     ?    ? ? 'X-RAY DIFFRACTION' ? 
c_dihedral_angle_d_prot ?     ?    ? ? 'X-RAY DIFFRACTION' ? 
c_improper_angle_d      0.82  ?    ? ? 'X-RAY DIFFRACTION' ? 
c_improper_angle_d_na   ?     ?    ? ? 'X-RAY DIFFRACTION' ? 
c_improper_angle_d_prot ?     ?    ? ? 'X-RAY DIFFRACTION' ? 
c_mcbond_it             1.52  1.50 ? ? 'X-RAY DIFFRACTION' ? 
c_mcangle_it            2.38  2.00 ? ? 'X-RAY DIFFRACTION' ? 
c_scbond_it             2.19  2.00 ? ? 'X-RAY DIFFRACTION' ? 
c_scangle_it            3.20  2.50 ? ? 'X-RAY DIFFRACTION' ? 
# 
_refine_ls_shell.pdbx_total_number_of_bins_used   6 
_refine_ls_shell.d_res_high                       1.90 
_refine_ls_shell.d_res_low                        2.02 
_refine_ls_shell.number_reflns_R_work             1278 
_refine_ls_shell.R_factor_R_work                  0.307 
_refine_ls_shell.percent_reflns_obs               100.0 
_refine_ls_shell.R_factor_R_free                  0.354 
_refine_ls_shell.R_factor_R_free_error            0.032 
_refine_ls_shell.percent_reflns_R_free            8.5 
_refine_ls_shell.number_reflns_R_free             119 
_refine_ls_shell.number_reflns_all                ? 
_refine_ls_shell.R_factor_all                     ? 
_refine_ls_shell.number_reflns_obs                ? 
_refine_ls_shell.redundancy_reflns_obs            ? 
_refine_ls_shell.pdbx_refine_id                   'X-RAY DIFFRACTION' 
# 
loop_
_pdbx_xplor_file.serial_no 
_pdbx_xplor_file.param_file 
_pdbx_xplor_file.topol_file 
_pdbx_xplor_file.pdbx_refine_id 
1 protein_rep.param protein.top 'X-RAY DIFFRACTION' 
2 water_rep.param   water.top   'X-RAY DIFFRACTION' 
# 
_struct.entry_id                  2YZU 
_struct.title                     'Crystal structure of oxidized thioredoxin from Thermus thermophilus HB8' 
_struct.pdbx_model_details        ? 
_struct.pdbx_CASP_flag            ? 
_struct.pdbx_model_type_details   ? 
# 
_struct_keywords.entry_id        2YZU 
_struct_keywords.pdbx_keywords   'ELECTRON TRANSPORT' 
_struct_keywords.text            
;Redox protein, ELECTRON TRANSPORT, Structural Genomics, NPPSFA, National Project on Protein Structural and Functional Analyses, RIKEN Structural Genomics/Proteomics Initiative, RSGI
;
# 
loop_
_struct_asym.id 
_struct_asym.pdbx_blank_PDB_chainid_flag 
_struct_asym.pdbx_modified 
_struct_asym.entity_id 
_struct_asym.details 
A N N 1 ? 
B N N 2 ? 
# 
_struct_ref.id                         1 
_struct_ref.db_name                    UNP 
_struct_ref.db_code                    Q5SHI3_THET8 
_struct_ref.pdbx_db_accession          Q5SHI3 
_struct_ref.entity_id                  1 
_struct_ref.pdbx_seq_one_letter_code   
;AKPIEVTDQNFDETLGQHPLVLVDFWAEWCAPCRMIAPILEEIAKEYEGKLLVAKLDVDENPKTAMRYRVMSIPTVILFK
DGQPVEVLVGAQPKRNYQAKIEKHLPATA
;
_struct_ref.pdbx_align_begin           2 
_struct_ref.pdbx_db_isoform            ? 
# 
_struct_ref_seq.align_id                      1 
_struct_ref_seq.ref_id                        1 
_struct_ref_seq.pdbx_PDB_id_code              2YZU 
_struct_ref_seq.pdbx_strand_id                A 
_struct_ref_seq.seq_align_beg                 1 
_struct_ref_seq.pdbx_seq_align_beg_ins_code   ? 
_struct_ref_seq.seq_align_end                 109 
_struct_ref_seq.pdbx_seq_align_end_ins_code   ? 
_struct_ref_seq.pdbx_db_accession             Q5SHI3 
_struct_ref_seq.db_align_beg                  2 
_struct_ref_seq.pdbx_db_align_beg_ins_code    ? 
_struct_ref_seq.db_align_end                  110 
_struct_ref_seq.pdbx_db_align_end_ins_code    ? 
_struct_ref_seq.pdbx_auth_seq_align_beg       2 
_struct_ref_seq.pdbx_auth_seq_align_end       110 
# 
_pdbx_struct_assembly.id                   1 
_pdbx_struct_assembly.details              author_and_software_defined_assembly 
_pdbx_struct_assembly.method_details       PISA 
_pdbx_struct_assembly.oligomeric_details   monomeric 
_pdbx_struct_assembly.oligomeric_count     1 
# 
_pdbx_struct_assembly_gen.assembly_id       1 
_pdbx_struct_assembly_gen.oper_expression   1 
_pdbx_struct_assembly_gen.asym_id_list      A,B 
# 
_pdbx_struct_oper_list.id                   1 
_pdbx_struct_oper_list.type                 'identity operation' 
_pdbx_struct_oper_list.name                 1_555 
_pdbx_struct_oper_list.symmetry_operation   x,y,z 
_pdbx_struct_oper_list.matrix[1][1]         1.0000000000 
_pdbx_struct_oper_list.matrix[1][2]         0.0000000000 
_pdbx_struct_oper_list.matrix[1][3]         0.0000000000 
_pdbx_struct_oper_list.vector[1]            0.0000000000 
_pdbx_struct_oper_list.matrix[2][1]         0.0000000000 
_pdbx_struct_oper_list.matrix[2][2]         1.0000000000 
_pdbx_struct_oper_list.matrix[2][3]         0.0000000000 
_pdbx_struct_oper_list.vector[2]            0.0000000000 
_pdbx_struct_oper_list.matrix[3][1]         0.0000000000 
_pdbx_struct_oper_list.matrix[3][2]         0.0000000000 
_pdbx_struct_oper_list.matrix[3][3]         1.0000000000 
_pdbx_struct_oper_list.vector[3]            0.0000000000 
# 
_struct_biol.id        1 
_struct_biol.details   ? 
# 
loop_
_struct_conf.conf_type_id 
_struct_conf.id 
_struct_conf.pdbx_PDB_helix_id 
_struct_conf.beg_label_comp_id 
_struct_conf.beg_label_asym_id 
_struct_conf.beg_label_seq_id 
_struct_conf.pdbx_beg_PDB_ins_code 
_struct_conf.end_label_comp_id 
_struct_conf.end_label_asym_id 
_struct_conf.end_label_seq_id 
_struct_conf.pdbx_end_PDB_ins_code 
_struct_conf.beg_auth_comp_id 
_struct_conf.beg_auth_asym_id 
_struct_conf.beg_auth_seq_id 
_struct_conf.end_auth_comp_id 
_struct_conf.end_auth_asym_id 
_struct_conf.end_auth_seq_id 
_struct_conf.pdbx_PDB_helix_class 
_struct_conf.details 
_struct_conf.pdbx_PDB_helix_length 
HELX_P HELX_P1 1 ASN A 10 ? HIS A 18  ? ASN A 11 HIS A 19  1 ? 9  
HELX_P HELX_P2 2 CYS A 30 ? TYR A 47  ? CYS A 31 TYR A 48  1 ? 18 
HELX_P HELX_P3 3 ASN A 61 ? TYR A 68  ? ASN A 62 TYR A 69  1 ? 8  
HELX_P HELX_P4 4 PRO A 93 ? LYS A 103 ? PRO A 94 LYS A 104 1 ? 11 
# 
_struct_conf_type.id          HELX_P 
_struct_conf_type.criteria    ? 
_struct_conf_type.reference   ? 
# 
loop_
_struct_conn.id 
_struct_conn.conn_type_id 
_struct_conn.pdbx_leaving_atom_flag 
_struct_conn.pdbx_PDB_id 
_struct_conn.ptnr1_label_asym_id 
_struct_conn.ptnr1_label_comp_id 
_struct_conn.ptnr1_label_seq_id 
_struct_conn.ptnr1_label_atom_id 
_struct_conn.pdbx_ptnr1_label_alt_id 
_struct_conn.pdbx_ptnr1_PDB_ins_code 
_struct_conn.pdbx_ptnr1_standard_comp_id 
_struct_conn.ptnr1_symmetry 
_struct_conn.ptnr2_label_asym_id 
_struct_conn.ptnr2_label_comp_id 
_struct_conn.ptnr2_label_seq_id 
_struct_conn.ptnr2_label_atom_id 
_struct_conn.pdbx_ptnr2_label_alt_id 
_struct_conn.pdbx_ptnr2_PDB_ins_code 
_struct_conn.ptnr1_auth_asym_id 
_struct_conn.ptnr1_auth_comp_id 
_struct_conn.ptnr1_auth_seq_id 
_struct_conn.ptnr2_auth_asym_id 
_struct_conn.ptnr2_auth_comp_id 
_struct_conn.ptnr2_auth_seq_id 
_struct_conn.ptnr2_symmetry 
_struct_conn.pdbx_ptnr3_label_atom_id 
_struct_conn.pdbx_ptnr3_label_seq_id 
_struct_conn.pdbx_ptnr3_label_comp_id 
_struct_conn.pdbx_ptnr3_label_asym_id 
_struct_conn.pdbx_ptnr3_label_alt_id 
_struct_conn.pdbx_ptnr3_PDB_ins_code 
_struct_conn.details 
_struct_conn.pdbx_dist_value 
_struct_conn.pdbx_value_order 
_struct_conn.pdbx_role 
disulf1 disulf ?    ? A CYS 30 SG ? ? ? 1_555 A CYS 33 SG ? ? A CYS 31 A CYS 34 1_555 ? ? ? ? ? ? ? 2.039 ? ? 
covale1 covale both ? A ARG 34 C  ? ? ? 1_555 A MSE 35 N  ? ? A ARG 35 A MSE 36 1_555 ? ? ? ? ? ? ? 1.331 ? ? 
covale2 covale both ? A MSE 35 C  ? ? ? 1_555 A ILE 36 N  ? ? A MSE 36 A ILE 37 1_555 ? ? ? ? ? ? ? 1.332 ? ? 
covale3 covale both ? A ALA 65 C  ? ? ? 1_555 A MSE 66 N  ? ? A ALA 66 A MSE 67 1_555 ? ? ? ? ? ? ? 1.331 ? ? 
covale4 covale both ? A MSE 66 C  ? ? ? 1_555 A ARG 67 N  ? ? A MSE 67 A ARG 68 1_555 ? ? ? ? ? ? ? 1.325 ? ? 
covale5 covale both ? A VAL 70 C  ? ? ? 1_555 A MSE 71 N  ? ? A VAL 71 A MSE 72 1_555 ? ? ? ? ? ? ? 1.327 ? ? 
covale6 covale both ? A MSE 71 C  ? ? ? 1_555 A SER 72 N  ? ? A MSE 72 A SER 73 1_555 ? ? ? ? ? ? ? 1.324 ? ? 
# 
loop_
_struct_conn_type.id 
_struct_conn_type.criteria 
_struct_conn_type.reference 
disulf ? ? 
covale ? ? 
# 
loop_
_pdbx_modification_feature.ordinal 
_pdbx_modification_feature.label_comp_id 
_pdbx_modification_feature.label_asym_id 
_pdbx_modification_feature.label_seq_id 
_pdbx_modification_feature.label_alt_id 
_pdbx_modification_feature.modified_residue_label_comp_id 
_pdbx_modification_feature.modified_residue_label_asym_id 
_pdbx_modification_feature.modified_residue_label_seq_id 
_pdbx_modification_feature.modified_residue_label_alt_id 
_pdbx_modification_feature.auth_comp_id 
_pdbx_modification_feature.auth_asym_id 
_pdbx_modification_feature.auth_seq_id 
_pdbx_modification_feature.PDB_ins_code 
_pdbx_modification_feature.symmetry 
_pdbx_modification_feature.modified_residue_auth_comp_id 
_pdbx_modification_feature.modified_residue_auth_asym_id 
_pdbx_modification_feature.modified_residue_auth_seq_id 
_pdbx_modification_feature.modified_residue_PDB_ins_code 
_pdbx_modification_feature.modified_residue_symmetry 
_pdbx_modification_feature.comp_id_linking_atom 
_pdbx_modification_feature.modified_residue_id_linking_atom 
_pdbx_modification_feature.modified_residue_id 
_pdbx_modification_feature.ref_pcm_id 
_pdbx_modification_feature.ref_comp_id 
_pdbx_modification_feature.type 
_pdbx_modification_feature.category 
1 MSE A 35 ? .   . .  . MSE A 36 ? 1_555 .   . .  . .     .  .  MET 1 MSE Selenomethionine 'Named protein modification' 
2 MSE A 66 ? .   . .  . MSE A 67 ? 1_555 .   . .  . .     .  .  MET 1 MSE Selenomethionine 'Named protein modification' 
3 MSE A 71 ? .   . .  . MSE A 72 ? 1_555 .   . .  . .     .  .  MET 1 MSE Selenomethionine 'Named protein modification' 
4 CYS A 30 ? CYS A 33 ? CYS A 31 ? 1_555 CYS A 34 ? 1_555 SG SG .   . .   None             'Disulfide bridge'           
# 
_struct_mon_prot_cis.pdbx_id                1 
_struct_mon_prot_cis.label_comp_id          ILE 
_struct_mon_prot_cis.label_seq_id           73 
_struct_mon_prot_cis.label_asym_id          A 
_struct_mon_prot_cis.label_alt_id           . 
_struct_mon_prot_cis.pdbx_PDB_ins_code      ? 
_struct_mon_prot_cis.auth_comp_id           ILE 
_struct_mon_prot_cis.auth_seq_id            74 
_struct_mon_prot_cis.auth_asym_id           A 
_struct_mon_prot_cis.pdbx_label_comp_id_2   PRO 
_struct_mon_prot_cis.pdbx_label_seq_id_2    74 
_struct_mon_prot_cis.pdbx_label_asym_id_2   A 
_struct_mon_prot_cis.pdbx_PDB_ins_code_2    ? 
_struct_mon_prot_cis.pdbx_auth_comp_id_2    PRO 
_struct_mon_prot_cis.pdbx_auth_seq_id_2     75 
_struct_mon_prot_cis.pdbx_auth_asym_id_2    A 
_struct_mon_prot_cis.pdbx_PDB_model_num     1 
_struct_mon_prot_cis.pdbx_omega_angle       -0.01 
# 
_struct_sheet.id               A 
_struct_sheet.type             ? 
_struct_sheet.number_strands   5 
_struct_sheet.details          ? 
# 
loop_
_struct_sheet_order.sheet_id 
_struct_sheet_order.range_id_1 
_struct_sheet_order.range_id_2 
_struct_sheet_order.offset 
_struct_sheet_order.sense 
A 1 2 ? parallel      
A 2 3 ? parallel      
A 3 4 ? anti-parallel 
A 4 5 ? anti-parallel 
# 
loop_
_struct_sheet_range.sheet_id 
_struct_sheet_range.id 
_struct_sheet_range.beg_label_comp_id 
_struct_sheet_range.beg_label_asym_id 
_struct_sheet_range.beg_label_seq_id 
_struct_sheet_range.pdbx_beg_PDB_ins_code 
_struct_sheet_range.end_label_comp_id 
_struct_sheet_range.end_label_asym_id 
_struct_sheet_range.end_label_seq_id 
_struct_sheet_range.pdbx_end_PDB_ins_code 
_struct_sheet_range.beg_auth_comp_id 
_struct_sheet_range.beg_auth_asym_id 
_struct_sheet_range.beg_auth_seq_id 
_struct_sheet_range.end_auth_comp_id 
_struct_sheet_range.end_auth_asym_id 
_struct_sheet_range.end_auth_seq_id 
A 1 ILE A 4  ? GLU A 5  ? ILE A 5  GLU A 6  
A 2 LEU A 52 ? ASP A 57 ? LEU A 53 ASP A 58 
A 3 LEU A 20 ? TRP A 26 ? LEU A 21 TRP A 27 
A 4 THR A 75 ? LYS A 80 ? THR A 76 LYS A 81 
A 5 GLN A 83 ? VAL A 89 ? GLN A 84 VAL A 90 
# 
loop_
_pdbx_struct_sheet_hbond.sheet_id 
_pdbx_struct_sheet_hbond.range_id_1 
_pdbx_struct_sheet_hbond.range_id_2 
_pdbx_struct_sheet_hbond.range_1_label_atom_id 
_pdbx_struct_sheet_hbond.range_1_label_comp_id 
_pdbx_struct_sheet_hbond.range_1_label_asym_id 
_pdbx_struct_sheet_hbond.range_1_label_seq_id 
_pdbx_struct_sheet_hbond.range_1_PDB_ins_code 
_pdbx_struct_sheet_hbond.range_1_auth_atom_id 
_pdbx_struct_sheet_hbond.range_1_auth_comp_id 
_pdbx_struct_sheet_hbond.range_1_auth_asym_id 
_pdbx_struct_sheet_hbond.range_1_auth_seq_id 
_pdbx_struct_sheet_hbond.range_2_label_atom_id 
_pdbx_struct_sheet_hbond.range_2_label_comp_id 
_pdbx_struct_sheet_hbond.range_2_label_asym_id 
_pdbx_struct_sheet_hbond.range_2_label_seq_id 
_pdbx_struct_sheet_hbond.range_2_PDB_ins_code 
_pdbx_struct_sheet_hbond.range_2_auth_atom_id 
_pdbx_struct_sheet_hbond.range_2_auth_comp_id 
_pdbx_struct_sheet_hbond.range_2_auth_asym_id 
_pdbx_struct_sheet_hbond.range_2_auth_seq_id 
A 1 2 N ILE A 4  ? N ILE A 5  O LYS A 55 ? O LYS A 56 
A 2 3 O LEU A 56 ? O LEU A 57 N ASP A 24 ? N ASP A 25 
A 3 4 N VAL A 23 ? N VAL A 24 O ILE A 77 ? O ILE A 78 
A 4 5 N LYS A 80 ? N LYS A 81 O GLN A 83 ? O GLN A 84 
# 
_pdbx_entry_details.entry_id                   2YZU 
_pdbx_entry_details.compound_details           ? 
_pdbx_entry_details.source_details             ? 
_pdbx_entry_details.nonpolymer_details         ? 
_pdbx_entry_details.sequence_details           ? 
_pdbx_entry_details.has_ligand_of_interest     ? 
_pdbx_entry_details.has_protein_modification   Y 
# 
_pdbx_SG_project.id                    1 
_pdbx_SG_project.project_name          'NPPSFA, National Project on Protein Structural and Functional Analyses' 
_pdbx_SG_project.full_name_of_center   'RIKEN Structural Genomics/Proteomics Initiative' 
_pdbx_SG_project.initial_of_center     RSGI 
# 
loop_
_pdbx_struct_mod_residue.id 
_pdbx_struct_mod_residue.label_asym_id 
_pdbx_struct_mod_residue.label_comp_id 
_pdbx_struct_mod_residue.label_seq_id 
_pdbx_struct_mod_residue.auth_asym_id 
_pdbx_struct_mod_residue.auth_comp_id 
_pdbx_struct_mod_residue.auth_seq_id 
_pdbx_struct_mod_residue.PDB_ins_code 
_pdbx_struct_mod_residue.parent_comp_id 
_pdbx_struct_mod_residue.details 
1 A MSE 35 A MSE 36 ? MET SELENOMETHIONINE 
2 A MSE 66 A MSE 67 ? MET SELENOMETHIONINE 
3 A MSE 71 A MSE 72 ? MET SELENOMETHIONINE 
# 
loop_
_pdbx_unobs_or_zero_occ_residues.id 
_pdbx_unobs_or_zero_occ_residues.PDB_model_num 
_pdbx_unobs_or_zero_occ_residues.polymer_flag 
_pdbx_unobs_or_zero_occ_residues.occupancy_flag 
_pdbx_unobs_or_zero_occ_residues.auth_asym_id 
_pdbx_unobs_or_zero_occ_residues.auth_comp_id 
_pdbx_unobs_or_zero_occ_residues.auth_seq_id 
_pdbx_unobs_or_zero_occ_residues.PDB_ins_code 
_pdbx_unobs_or_zero_occ_residues.label_asym_id 
_pdbx_unobs_or_zero_occ_residues.label_comp_id 
_pdbx_unobs_or_zero_occ_residues.label_seq_id 
1 1 Y 1 A ALA 2   ? A ALA 1   
2 1 Y 1 A PRO 107 ? A PRO 106 
3 1 Y 1 A ALA 108 ? A ALA 107 
4 1 Y 1 A THR 109 ? A THR 108 
5 1 Y 1 A ALA 110 ? A ALA 109 
# 
loop_
_chem_comp_atom.comp_id 
_chem_comp_atom.atom_id 
_chem_comp_atom.type_symbol 
_chem_comp_atom.pdbx_aromatic_flag 
_chem_comp_atom.pdbx_stereo_config 
_chem_comp_atom.pdbx_ordinal 
ALA N    N  N N 1   
ALA CA   C  N S 2   
ALA C    C  N N 3   
ALA O    O  N N 4   
ALA CB   C  N N 5   
ALA OXT  O  N N 6   
ALA H    H  N N 7   
ALA H2   H  N N 8   
ALA HA   H  N N 9   
ALA HB1  H  N N 10  
ALA HB2  H  N N 11  
ALA HB3  H  N N 12  
ALA HXT  H  N N 13  
ARG N    N  N N 14  
ARG CA   C  N S 15  
ARG C    C  N N 16  
ARG O    O  N N 17  
ARG CB   C  N N 18  
ARG CG   C  N N 19  
ARG CD   C  N N 20  
ARG NE   N  N N 21  
ARG CZ   C  N N 22  
ARG NH1  N  N N 23  
ARG NH2  N  N N 24  
ARG OXT  O  N N 25  
ARG H    H  N N 26  
ARG H2   H  N N 27  
ARG HA   H  N N 28  
ARG HB2  H  N N 29  
ARG HB3  H  N N 30  
ARG HG2  H  N N 31  
ARG HG3  H  N N 32  
ARG HD2  H  N N 33  
ARG HD3  H  N N 34  
ARG HE   H  N N 35  
ARG HH11 H  N N 36  
ARG HH12 H  N N 37  
ARG HH21 H  N N 38  
ARG HH22 H  N N 39  
ARG HXT  H  N N 40  
ASN N    N  N N 41  
ASN CA   C  N S 42  
ASN C    C  N N 43  
ASN O    O  N N 44  
ASN CB   C  N N 45  
ASN CG   C  N N 46  
ASN OD1  O  N N 47  
ASN ND2  N  N N 48  
ASN OXT  O  N N 49  
ASN H    H  N N 50  
ASN H2   H  N N 51  
ASN HA   H  N N 52  
ASN HB2  H  N N 53  
ASN HB3  H  N N 54  
ASN HD21 H  N N 55  
ASN HD22 H  N N 56  
ASN HXT  H  N N 57  
ASP N    N  N N 58  
ASP CA   C  N S 59  
ASP C    C  N N 60  
ASP O    O  N N 61  
ASP CB   C  N N 62  
ASP CG   C  N N 63  
ASP OD1  O  N N 64  
ASP OD2  O  N N 65  
ASP OXT  O  N N 66  
ASP H    H  N N 67  
ASP H2   H  N N 68  
ASP HA   H  N N 69  
ASP HB2  H  N N 70  
ASP HB3  H  N N 71  
ASP HD2  H  N N 72  
ASP HXT  H  N N 73  
CYS N    N  N N 74  
CYS CA   C  N R 75  
CYS C    C  N N 76  
CYS O    O  N N 77  
CYS CB   C  N N 78  
CYS SG   S  N N 79  
CYS OXT  O  N N 80  
CYS H    H  N N 81  
CYS H2   H  N N 82  
CYS HA   H  N N 83  
CYS HB2  H  N N 84  
CYS HB3  H  N N 85  
CYS HG   H  N N 86  
CYS HXT  H  N N 87  
GLN N    N  N N 88  
GLN CA   C  N S 89  
GLN C    C  N N 90  
GLN O    O  N N 91  
GLN CB   C  N N 92  
GLN CG   C  N N 93  
GLN CD   C  N N 94  
GLN OE1  O  N N 95  
GLN NE2  N  N N 96  
GLN OXT  O  N N 97  
GLN H    H  N N 98  
GLN H2   H  N N 99  
GLN HA   H  N N 100 
GLN HB2  H  N N 101 
GLN HB3  H  N N 102 
GLN HG2  H  N N 103 
GLN HG3  H  N N 104 
GLN HE21 H  N N 105 
GLN HE22 H  N N 106 
GLN HXT  H  N N 107 
GLU N    N  N N 108 
GLU CA   C  N S 109 
GLU C    C  N N 110 
GLU O    O  N N 111 
GLU CB   C  N N 112 
GLU CG   C  N N 113 
GLU CD   C  N N 114 
GLU OE1  O  N N 115 
GLU OE2  O  N N 116 
GLU OXT  O  N N 117 
GLU H    H  N N 118 
GLU H2   H  N N 119 
GLU HA   H  N N 120 
GLU HB2  H  N N 121 
GLU HB3  H  N N 122 
GLU HG2  H  N N 123 
GLU HG3  H  N N 124 
GLU HE2  H  N N 125 
GLU HXT  H  N N 126 
GLY N    N  N N 127 
GLY CA   C  N N 128 
GLY C    C  N N 129 
GLY O    O  N N 130 
GLY OXT  O  N N 131 
GLY H    H  N N 132 
GLY H2   H  N N 133 
GLY HA2  H  N N 134 
GLY HA3  H  N N 135 
GLY HXT  H  N N 136 
HIS N    N  N N 137 
HIS CA   C  N S 138 
HIS C    C  N N 139 
HIS O    O  N N 140 
HIS CB   C  N N 141 
HIS CG   C  Y N 142 
HIS ND1  N  Y N 143 
HIS CD2  C  Y N 144 
HIS CE1  C  Y N 145 
HIS NE2  N  Y N 146 
HIS OXT  O  N N 147 
HIS H    H  N N 148 
HIS H2   H  N N 149 
HIS HA   H  N N 150 
HIS HB2  H  N N 151 
HIS HB3  H  N N 152 
HIS HD1  H  N N 153 
HIS HD2  H  N N 154 
HIS HE1  H  N N 155 
HIS HE2  H  N N 156 
HIS HXT  H  N N 157 
HOH O    O  N N 158 
HOH H1   H  N N 159 
HOH H2   H  N N 160 
ILE N    N  N N 161 
ILE CA   C  N S 162 
ILE C    C  N N 163 
ILE O    O  N N 164 
ILE CB   C  N S 165 
ILE CG1  C  N N 166 
ILE CG2  C  N N 167 
ILE CD1  C  N N 168 
ILE OXT  O  N N 169 
ILE H    H  N N 170 
ILE H2   H  N N 171 
ILE HA   H  N N 172 
ILE HB   H  N N 173 
ILE HG12 H  N N 174 
ILE HG13 H  N N 175 
ILE HG21 H  N N 176 
ILE HG22 H  N N 177 
ILE HG23 H  N N 178 
ILE HD11 H  N N 179 
ILE HD12 H  N N 180 
ILE HD13 H  N N 181 
ILE HXT  H  N N 182 
LEU N    N  N N 183 
LEU CA   C  N S 184 
LEU C    C  N N 185 
LEU O    O  N N 186 
LEU CB   C  N N 187 
LEU CG   C  N N 188 
LEU CD1  C  N N 189 
LEU CD2  C  N N 190 
LEU OXT  O  N N 191 
LEU H    H  N N 192 
LEU H2   H  N N 193 
LEU HA   H  N N 194 
LEU HB2  H  N N 195 
LEU HB3  H  N N 196 
LEU HG   H  N N 197 
LEU HD11 H  N N 198 
LEU HD12 H  N N 199 
LEU HD13 H  N N 200 
LEU HD21 H  N N 201 
LEU HD22 H  N N 202 
LEU HD23 H  N N 203 
LEU HXT  H  N N 204 
LYS N    N  N N 205 
LYS CA   C  N S 206 
LYS C    C  N N 207 
LYS O    O  N N 208 
LYS CB   C  N N 209 
LYS CG   C  N N 210 
LYS CD   C  N N 211 
LYS CE   C  N N 212 
LYS NZ   N  N N 213 
LYS OXT  O  N N 214 
LYS H    H  N N 215 
LYS H2   H  N N 216 
LYS HA   H  N N 217 
LYS HB2  H  N N 218 
LYS HB3  H  N N 219 
LYS HG2  H  N N 220 
LYS HG3  H  N N 221 
LYS HD2  H  N N 222 
LYS HD3  H  N N 223 
LYS HE2  H  N N 224 
LYS HE3  H  N N 225 
LYS HZ1  H  N N 226 
LYS HZ2  H  N N 227 
LYS HZ3  H  N N 228 
LYS HXT  H  N N 229 
MSE N    N  N N 230 
MSE CA   C  N S 231 
MSE C    C  N N 232 
MSE O    O  N N 233 
MSE OXT  O  N N 234 
MSE CB   C  N N 235 
MSE CG   C  N N 236 
MSE SE   SE N N 237 
MSE CE   C  N N 238 
MSE H    H  N N 239 
MSE H2   H  N N 240 
MSE HA   H  N N 241 
MSE HXT  H  N N 242 
MSE HB2  H  N N 243 
MSE HB3  H  N N 244 
MSE HG2  H  N N 245 
MSE HG3  H  N N 246 
MSE HE1  H  N N 247 
MSE HE2  H  N N 248 
MSE HE3  H  N N 249 
PHE N    N  N N 250 
PHE CA   C  N S 251 
PHE C    C  N N 252 
PHE O    O  N N 253 
PHE CB   C  N N 254 
PHE CG   C  Y N 255 
PHE CD1  C  Y N 256 
PHE CD2  C  Y N 257 
PHE CE1  C  Y N 258 
PHE CE2  C  Y N 259 
PHE CZ   C  Y N 260 
PHE OXT  O  N N 261 
PHE H    H  N N 262 
PHE H2   H  N N 263 
PHE HA   H  N N 264 
PHE HB2  H  N N 265 
PHE HB3  H  N N 266 
PHE HD1  H  N N 267 
PHE HD2  H  N N 268 
PHE HE1  H  N N 269 
PHE HE2  H  N N 270 
PHE HZ   H  N N 271 
PHE HXT  H  N N 272 
PRO N    N  N N 273 
PRO CA   C  N S 274 
PRO C    C  N N 275 
PRO O    O  N N 276 
PRO CB   C  N N 277 
PRO CG   C  N N 278 
PRO CD   C  N N 279 
PRO OXT  O  N N 280 
PRO H    H  N N 281 
PRO HA   H  N N 282 
PRO HB2  H  N N 283 
PRO HB3  H  N N 284 
PRO HG2  H  N N 285 
PRO HG3  H  N N 286 
PRO HD2  H  N N 287 
PRO HD3  H  N N 288 
PRO HXT  H  N N 289 
SER N    N  N N 290 
SER CA   C  N S 291 
SER C    C  N N 292 
SER O    O  N N 293 
SER CB   C  N N 294 
SER OG   O  N N 295 
SER OXT  O  N N 296 
SER H    H  N N 297 
SER H2   H  N N 298 
SER HA   H  N N 299 
SER HB2  H  N N 300 
SER HB3  H  N N 301 
SER HG   H  N N 302 
SER HXT  H  N N 303 
THR N    N  N N 304 
THR CA   C  N S 305 
THR C    C  N N 306 
THR O    O  N N 307 
THR CB   C  N R 308 
THR OG1  O  N N 309 
THR CG2  C  N N 310 
THR OXT  O  N N 311 
THR H    H  N N 312 
THR H2   H  N N 313 
THR HA   H  N N 314 
THR HB   H  N N 315 
THR HG1  H  N N 316 
THR HG21 H  N N 317 
THR HG22 H  N N 318 
THR HG23 H  N N 319 
THR HXT  H  N N 320 
TRP N    N  N N 321 
TRP CA   C  N S 322 
TRP C    C  N N 323 
TRP O    O  N N 324 
TRP CB   C  N N 325 
TRP CG   C  Y N 326 
TRP CD1  C  Y N 327 
TRP CD2  C  Y N 328 
TRP NE1  N  Y N 329 
TRP CE2  C  Y N 330 
TRP CE3  C  Y N 331 
TRP CZ2  C  Y N 332 
TRP CZ3  C  Y N 333 
TRP CH2  C  Y N 334 
TRP OXT  O  N N 335 
TRP H    H  N N 336 
TRP H2   H  N N 337 
TRP HA   H  N N 338 
TRP HB2  H  N N 339 
TRP HB3  H  N N 340 
TRP HD1  H  N N 341 
TRP HE1  H  N N 342 
TRP HE3  H  N N 343 
TRP HZ2  H  N N 344 
TRP HZ3  H  N N 345 
TRP HH2  H  N N 346 
TRP HXT  H  N N 347 
TYR N    N  N N 348 
TYR CA   C  N S 349 
TYR C    C  N N 350 
TYR O    O  N N 351 
TYR CB   C  N N 352 
TYR CG   C  Y N 353 
TYR CD1  C  Y N 354 
TYR CD2  C  Y N 355 
TYR CE1  C  Y N 356 
TYR CE2  C  Y N 357 
TYR CZ   C  Y N 358 
TYR OH   O  N N 359 
TYR OXT  O  N N 360 
TYR H    H  N N 361 
TYR H2   H  N N 362 
TYR HA   H  N N 363 
TYR HB2  H  N N 364 
TYR HB3  H  N N 365 
TYR HD1  H  N N 366 
TYR HD2  H  N N 367 
TYR HE1  H  N N 368 
TYR HE2  H  N N 369 
TYR HH   H  N N 370 
TYR HXT  H  N N 371 
VAL N    N  N N 372 
VAL CA   C  N S 373 
VAL C    C  N N 374 
VAL O    O  N N 375 
VAL CB   C  N N 376 
VAL CG1  C  N N 377 
VAL CG2  C  N N 378 
VAL OXT  O  N N 379 
VAL H    H  N N 380 
VAL H2   H  N N 381 
VAL HA   H  N N 382 
VAL HB   H  N N 383 
VAL HG11 H  N N 384 
VAL HG12 H  N N 385 
VAL HG13 H  N N 386 
VAL HG21 H  N N 387 
VAL HG22 H  N N 388 
VAL HG23 H  N N 389 
VAL HXT  H  N N 390 
# 
loop_
_chem_comp_bond.comp_id 
_chem_comp_bond.atom_id_1 
_chem_comp_bond.atom_id_2 
_chem_comp_bond.value_order 
_chem_comp_bond.pdbx_aromatic_flag 
_chem_comp_bond.pdbx_stereo_config 
_chem_comp_bond.pdbx_ordinal 
ALA N   CA   sing N N 1   
ALA N   H    sing N N 2   
ALA N   H2   sing N N 3   
ALA CA  C    sing N N 4   
ALA CA  CB   sing N N 5   
ALA CA  HA   sing N N 6   
ALA C   O    doub N N 7   
ALA C   OXT  sing N N 8   
ALA CB  HB1  sing N N 9   
ALA CB  HB2  sing N N 10  
ALA CB  HB3  sing N N 11  
ALA OXT HXT  sing N N 12  
ARG N   CA   sing N N 13  
ARG N   H    sing N N 14  
ARG N   H2   sing N N 15  
ARG CA  C    sing N N 16  
ARG CA  CB   sing N N 17  
ARG CA  HA   sing N N 18  
ARG C   O    doub N N 19  
ARG C   OXT  sing N N 20  
ARG CB  CG   sing N N 21  
ARG CB  HB2  sing N N 22  
ARG CB  HB3  sing N N 23  
ARG CG  CD   sing N N 24  
ARG CG  HG2  sing N N 25  
ARG CG  HG3  sing N N 26  
ARG CD  NE   sing N N 27  
ARG CD  HD2  sing N N 28  
ARG CD  HD3  sing N N 29  
ARG NE  CZ   sing N N 30  
ARG NE  HE   sing N N 31  
ARG CZ  NH1  sing N N 32  
ARG CZ  NH2  doub N N 33  
ARG NH1 HH11 sing N N 34  
ARG NH1 HH12 sing N N 35  
ARG NH2 HH21 sing N N 36  
ARG NH2 HH22 sing N N 37  
ARG OXT HXT  sing N N 38  
ASN N   CA   sing N N 39  
ASN N   H    sing N N 40  
ASN N   H2   sing N N 41  
ASN CA  C    sing N N 42  
ASN CA  CB   sing N N 43  
ASN CA  HA   sing N N 44  
ASN C   O    doub N N 45  
ASN C   OXT  sing N N 46  
ASN CB  CG   sing N N 47  
ASN CB  HB2  sing N N 48  
ASN CB  HB3  sing N N 49  
ASN CG  OD1  doub N N 50  
ASN CG  ND2  sing N N 51  
ASN ND2 HD21 sing N N 52  
ASN ND2 HD22 sing N N 53  
ASN OXT HXT  sing N N 54  
ASP N   CA   sing N N 55  
ASP N   H    sing N N 56  
ASP N   H2   sing N N 57  
ASP CA  C    sing N N 58  
ASP CA  CB   sing N N 59  
ASP CA  HA   sing N N 60  
ASP C   O    doub N N 61  
ASP C   OXT  sing N N 62  
ASP CB  CG   sing N N 63  
ASP CB  HB2  sing N N 64  
ASP CB  HB3  sing N N 65  
ASP CG  OD1  doub N N 66  
ASP CG  OD2  sing N N 67  
ASP OD2 HD2  sing N N 68  
ASP OXT HXT  sing N N 69  
CYS N   CA   sing N N 70  
CYS N   H    sing N N 71  
CYS N   H2   sing N N 72  
CYS CA  C    sing N N 73  
CYS CA  CB   sing N N 74  
CYS CA  HA   sing N N 75  
CYS C   O    doub N N 76  
CYS C   OXT  sing N N 77  
CYS CB  SG   sing N N 78  
CYS CB  HB2  sing N N 79  
CYS CB  HB3  sing N N 80  
CYS SG  HG   sing N N 81  
CYS OXT HXT  sing N N 82  
GLN N   CA   sing N N 83  
GLN N   H    sing N N 84  
GLN N   H2   sing N N 85  
GLN CA  C    sing N N 86  
GLN CA  CB   sing N N 87  
GLN CA  HA   sing N N 88  
GLN C   O    doub N N 89  
GLN C   OXT  sing N N 90  
GLN CB  CG   sing N N 91  
GLN CB  HB2  sing N N 92  
GLN CB  HB3  sing N N 93  
GLN CG  CD   sing N N 94  
GLN CG  HG2  sing N N 95  
GLN CG  HG3  sing N N 96  
GLN CD  OE1  doub N N 97  
GLN CD  NE2  sing N N 98  
GLN NE2 HE21 sing N N 99  
GLN NE2 HE22 sing N N 100 
GLN OXT HXT  sing N N 101 
GLU N   CA   sing N N 102 
GLU N   H    sing N N 103 
GLU N   H2   sing N N 104 
GLU CA  C    sing N N 105 
GLU CA  CB   sing N N 106 
GLU CA  HA   sing N N 107 
GLU C   O    doub N N 108 
GLU C   OXT  sing N N 109 
GLU CB  CG   sing N N 110 
GLU CB  HB2  sing N N 111 
GLU CB  HB3  sing N N 112 
GLU CG  CD   sing N N 113 
GLU CG  HG2  sing N N 114 
GLU CG  HG3  sing N N 115 
GLU CD  OE1  doub N N 116 
GLU CD  OE2  sing N N 117 
GLU OE2 HE2  sing N N 118 
GLU OXT HXT  sing N N 119 
GLY N   CA   sing N N 120 
GLY N   H    sing N N 121 
GLY N   H2   sing N N 122 
GLY CA  C    sing N N 123 
GLY CA  HA2  sing N N 124 
GLY CA  HA3  sing N N 125 
GLY C   O    doub N N 126 
GLY C   OXT  sing N N 127 
GLY OXT HXT  sing N N 128 
HIS N   CA   sing N N 129 
HIS N   H    sing N N 130 
HIS N   H2   sing N N 131 
HIS CA  C    sing N N 132 
HIS CA  CB   sing N N 133 
HIS CA  HA   sing N N 134 
HIS C   O    doub N N 135 
HIS C   OXT  sing N N 136 
HIS CB  CG   sing N N 137 
HIS CB  HB2  sing N N 138 
HIS CB  HB3  sing N N 139 
HIS CG  ND1  sing Y N 140 
HIS CG  CD2  doub Y N 141 
HIS ND1 CE1  doub Y N 142 
HIS ND1 HD1  sing N N 143 
HIS CD2 NE2  sing Y N 144 
HIS CD2 HD2  sing N N 145 
HIS CE1 NE2  sing Y N 146 
HIS CE1 HE1  sing N N 147 
HIS NE2 HE2  sing N N 148 
HIS OXT HXT  sing N N 149 
HOH O   H1   sing N N 150 
HOH O   H2   sing N N 151 
ILE N   CA   sing N N 152 
ILE N   H    sing N N 153 
ILE N   H2   sing N N 154 
ILE CA  C    sing N N 155 
ILE CA  CB   sing N N 156 
ILE CA  HA   sing N N 157 
ILE C   O    doub N N 158 
ILE C   OXT  sing N N 159 
ILE CB  CG1  sing N N 160 
ILE CB  CG2  sing N N 161 
ILE CB  HB   sing N N 162 
ILE CG1 CD1  sing N N 163 
ILE CG1 HG12 sing N N 164 
ILE CG1 HG13 sing N N 165 
ILE CG2 HG21 sing N N 166 
ILE CG2 HG22 sing N N 167 
ILE CG2 HG23 sing N N 168 
ILE CD1 HD11 sing N N 169 
ILE CD1 HD12 sing N N 170 
ILE CD1 HD13 sing N N 171 
ILE OXT HXT  sing N N 172 
LEU N   CA   sing N N 173 
LEU N   H    sing N N 174 
LEU N   H2   sing N N 175 
LEU CA  C    sing N N 176 
LEU CA  CB   sing N N 177 
LEU CA  HA   sing N N 178 
LEU C   O    doub N N 179 
LEU C   OXT  sing N N 180 
LEU CB  CG   sing N N 181 
LEU CB  HB2  sing N N 182 
LEU CB  HB3  sing N N 183 
LEU CG  CD1  sing N N 184 
LEU CG  CD2  sing N N 185 
LEU CG  HG   sing N N 186 
LEU CD1 HD11 sing N N 187 
LEU CD1 HD12 sing N N 188 
LEU CD1 HD13 sing N N 189 
LEU CD2 HD21 sing N N 190 
LEU CD2 HD22 sing N N 191 
LEU CD2 HD23 sing N N 192 
LEU OXT HXT  sing N N 193 
LYS N   CA   sing N N 194 
LYS N   H    sing N N 195 
LYS N   H2   sing N N 196 
LYS CA  C    sing N N 197 
LYS CA  CB   sing N N 198 
LYS CA  HA   sing N N 199 
LYS C   O    doub N N 200 
LYS C   OXT  sing N N 201 
LYS CB  CG   sing N N 202 
LYS CB  HB2  sing N N 203 
LYS CB  HB3  sing N N 204 
LYS CG  CD   sing N N 205 
LYS CG  HG2  sing N N 206 
LYS CG  HG3  sing N N 207 
LYS CD  CE   sing N N 208 
LYS CD  HD2  sing N N 209 
LYS CD  HD3  sing N N 210 
LYS CE  NZ   sing N N 211 
LYS CE  HE2  sing N N 212 
LYS CE  HE3  sing N N 213 
LYS NZ  HZ1  sing N N 214 
LYS NZ  HZ2  sing N N 215 
LYS NZ  HZ3  sing N N 216 
LYS OXT HXT  sing N N 217 
MSE N   CA   sing N N 218 
MSE N   H    sing N N 219 
MSE N   H2   sing N N 220 
MSE CA  C    sing N N 221 
MSE CA  CB   sing N N 222 
MSE CA  HA   sing N N 223 
MSE C   O    doub N N 224 
MSE C   OXT  sing N N 225 
MSE OXT HXT  sing N N 226 
MSE CB  CG   sing N N 227 
MSE CB  HB2  sing N N 228 
MSE CB  HB3  sing N N 229 
MSE CG  SE   sing N N 230 
MSE CG  HG2  sing N N 231 
MSE CG  HG3  sing N N 232 
MSE SE  CE   sing N N 233 
MSE CE  HE1  sing N N 234 
MSE CE  HE2  sing N N 235 
MSE CE  HE3  sing N N 236 
PHE N   CA   sing N N 237 
PHE N   H    sing N N 238 
PHE N   H2   sing N N 239 
PHE CA  C    sing N N 240 
PHE CA  CB   sing N N 241 
PHE CA  HA   sing N N 242 
PHE C   O    doub N N 243 
PHE C   OXT  sing N N 244 
PHE CB  CG   sing N N 245 
PHE CB  HB2  sing N N 246 
PHE CB  HB3  sing N N 247 
PHE CG  CD1  doub Y N 248 
PHE CG  CD2  sing Y N 249 
PHE CD1 CE1  sing Y N 250 
PHE CD1 HD1  sing N N 251 
PHE CD2 CE2  doub Y N 252 
PHE CD2 HD2  sing N N 253 
PHE CE1 CZ   doub Y N 254 
PHE CE1 HE1  sing N N 255 
PHE CE2 CZ   sing Y N 256 
PHE CE2 HE2  sing N N 257 
PHE CZ  HZ   sing N N 258 
PHE OXT HXT  sing N N 259 
PRO N   CA   sing N N 260 
PRO N   CD   sing N N 261 
PRO N   H    sing N N 262 
PRO CA  C    sing N N 263 
PRO CA  CB   sing N N 264 
PRO CA  HA   sing N N 265 
PRO C   O    doub N N 266 
PRO C   OXT  sing N N 267 
PRO CB  CG   sing N N 268 
PRO CB  HB2  sing N N 269 
PRO CB  HB3  sing N N 270 
PRO CG  CD   sing N N 271 
PRO CG  HG2  sing N N 272 
PRO CG  HG3  sing N N 273 
PRO CD  HD2  sing N N 274 
PRO CD  HD3  sing N N 275 
PRO OXT HXT  sing N N 276 
SER N   CA   sing N N 277 
SER N   H    sing N N 278 
SER N   H2   sing N N 279 
SER CA  C    sing N N 280 
SER CA  CB   sing N N 281 
SER CA  HA   sing N N 282 
SER C   O    doub N N 283 
SER C   OXT  sing N N 284 
SER CB  OG   sing N N 285 
SER CB  HB2  sing N N 286 
SER CB  HB3  sing N N 287 
SER OG  HG   sing N N 288 
SER OXT HXT  sing N N 289 
THR N   CA   sing N N 290 
THR N   H    sing N N 291 
THR N   H2   sing N N 292 
THR CA  C    sing N N 293 
THR CA  CB   sing N N 294 
THR CA  HA   sing N N 295 
THR C   O    doub N N 296 
THR C   OXT  sing N N 297 
THR CB  OG1  sing N N 298 
THR CB  CG2  sing N N 299 
THR CB  HB   sing N N 300 
THR OG1 HG1  sing N N 301 
THR CG2 HG21 sing N N 302 
THR CG2 HG22 sing N N 303 
THR CG2 HG23 sing N N 304 
THR OXT HXT  sing N N 305 
TRP N   CA   sing N N 306 
TRP N   H    sing N N 307 
TRP N   H2   sing N N 308 
TRP CA  C    sing N N 309 
TRP CA  CB   sing N N 310 
TRP CA  HA   sing N N 311 
TRP C   O    doub N N 312 
TRP C   OXT  sing N N 313 
TRP CB  CG   sing N N 314 
TRP CB  HB2  sing N N 315 
TRP CB  HB3  sing N N 316 
TRP CG  CD1  doub Y N 317 
TRP CG  CD2  sing Y N 318 
TRP CD1 NE1  sing Y N 319 
TRP CD1 HD1  sing N N 320 
TRP CD2 CE2  doub Y N 321 
TRP CD2 CE3  sing Y N 322 
TRP NE1 CE2  sing Y N 323 
TRP NE1 HE1  sing N N 324 
TRP CE2 CZ2  sing Y N 325 
TRP CE3 CZ3  doub Y N 326 
TRP CE3 HE3  sing N N 327 
TRP CZ2 CH2  doub Y N 328 
TRP CZ2 HZ2  sing N N 329 
TRP CZ3 CH2  sing Y N 330 
TRP CZ3 HZ3  sing N N 331 
TRP CH2 HH2  sing N N 332 
TRP OXT HXT  sing N N 333 
TYR N   CA   sing N N 334 
TYR N   H    sing N N 335 
TYR N   H2   sing N N 336 
TYR CA  C    sing N N 337 
TYR CA  CB   sing N N 338 
TYR CA  HA   sing N N 339 
TYR C   O    doub N N 340 
TYR C   OXT  sing N N 341 
TYR CB  CG   sing N N 342 
TYR CB  HB2  sing N N 343 
TYR CB  HB3  sing N N 344 
TYR CG  CD1  doub Y N 345 
TYR CG  CD2  sing Y N 346 
TYR CD1 CE1  sing Y N 347 
TYR CD1 HD1  sing N N 348 
TYR CD2 CE2  doub Y N 349 
TYR CD2 HD2  sing N N 350 
TYR CE1 CZ   doub Y N 351 
TYR CE1 HE1  sing N N 352 
TYR CE2 CZ   sing Y N 353 
TYR CE2 HE2  sing N N 354 
TYR CZ  OH   sing N N 355 
TYR OH  HH   sing N N 356 
TYR OXT HXT  sing N N 357 
VAL N   CA   sing N N 358 
VAL N   H    sing N N 359 
VAL N   H2   sing N N 360 
VAL CA  C    sing N N 361 
VAL CA  CB   sing N N 362 
VAL CA  HA   sing N N 363 
VAL C   O    doub N N 364 
VAL C   OXT  sing N N 365 
VAL CB  CG1  sing N N 366 
VAL CB  CG2  sing N N 367 
VAL CB  HB   sing N N 368 
VAL CG1 HG11 sing N N 369 
VAL CG1 HG12 sing N N 370 
VAL CG1 HG13 sing N N 371 
VAL CG2 HG21 sing N N 372 
VAL CG2 HG22 sing N N 373 
VAL CG2 HG23 sing N N 374 
VAL OXT HXT  sing N N 375 
# 
_pdbx_initial_refinement_model.id               1 
_pdbx_initial_refinement_model.entity_id_list   ? 
_pdbx_initial_refinement_model.type             'experimental model' 
_pdbx_initial_refinement_model.source_name      PDB 
_pdbx_initial_refinement_model.accession_code   2CVK 
_pdbx_initial_refinement_model.details          'PDB ENTRY 2CVK' 
# 
_atom_sites.entry_id                    2YZU 
_atom_sites.fract_transf_matrix[1][1]   -0.01598983 
_atom_sites.fract_transf_matrix[1][2]   0.00211723 
_atom_sites.fract_transf_matrix[1][3]   0.00576588 
_atom_sites.fract_transf_matrix[2][1]   -0.00477043 
_atom_sites.fract_transf_matrix[2][2]   0.00584820 
_atom_sites.fract_transf_matrix[2][3]   -0.01537674 
_atom_sites.fract_transf_matrix[3][1]   -0.00377459 
_atom_sites.fract_transf_matrix[3][2]   -0.01556950 
_atom_sites.fract_transf_matrix[3][3]   -0.00475049 
_atom_sites.fract_transf_vector[1]      0.287893 
_atom_sites.fract_transf_vector[2]      0.273743 
_atom_sites.fract_transf_vector[3]      0.189984 
# 
loop_
_atom_type.symbol 
C  
N  
O  
S  
SE 
# 
loop_
_atom_site.group_PDB 
_atom_site.id 
_atom_site.type_symbol 
_atom_site.label_atom_id 
_atom_site.label_alt_id 
_atom_site.label_comp_id 
_atom_site.label_asym_id 
_atom_site.label_entity_id 
_atom_site.label_seq_id 
_atom_site.pdbx_PDB_ins_code 
_atom_site.Cartn_x 
_atom_site.Cartn_y 
_atom_site.Cartn_z 
_atom_site.occupancy 
_atom_site.B_iso_or_equiv 
_atom_site.pdbx_formal_charge 
_atom_site.auth_seq_id 
_atom_site.auth_comp_id 
_atom_site.auth_asym_id 
_atom_site.auth_atom_id 
_atom_site.pdbx_PDB_model_num 
ATOM   1   N  N   . LYS A 1 2   ? -0.945  -9.694  -8.916  1.00 53.30 ? 3   LYS A N   1 
ATOM   2   C  CA  . LYS A 1 2   ? -1.507  -9.522  -7.546  1.00 53.19 ? 3   LYS A CA  1 
ATOM   3   C  C   . LYS A 1 2   ? -0.467  -8.978  -6.559  1.00 52.02 ? 3   LYS A C   1 
ATOM   4   O  O   . LYS A 1 2   ? 0.738   -9.039  -6.813  1.00 52.71 ? 3   LYS A O   1 
ATOM   5   C  CB  . LYS A 1 2   ? -2.076  -10.852 -7.043  1.00 54.28 ? 3   LYS A CB  1 
ATOM   6   C  CG  . LYS A 1 2   ? -1.102  -12.016 -7.067  1.00 56.03 ? 3   LYS A CG  1 
ATOM   7   C  CD  . LYS A 1 2   ? -1.804  -13.293 -6.631  1.00 56.80 ? 3   LYS A CD  1 
ATOM   8   C  CE  . LYS A 1 2   ? -0.900  -14.508 -6.750  1.00 56.95 ? 3   LYS A CE  1 
ATOM   9   N  NZ  . LYS A 1 2   ? -1.625  -15.754 -6.380  1.00 56.19 ? 3   LYS A NZ  1 
ATOM   10  N  N   . PRO A 1 3   ? -0.927  -8.450  -5.410  1.00 50.01 ? 4   PRO A N   1 
ATOM   11  C  CA  . PRO A 1 3   ? -0.080  -7.876  -4.356  1.00 48.03 ? 4   PRO A CA  1 
ATOM   12  C  C   . PRO A 1 3   ? 1.154   -8.669  -3.930  1.00 45.89 ? 4   PRO A C   1 
ATOM   13  O  O   . PRO A 1 3   ? 1.089   -9.881  -3.710  1.00 46.28 ? 4   PRO A O   1 
ATOM   14  C  CB  . PRO A 1 3   ? -1.063  -7.663  -3.198  1.00 48.67 ? 4   PRO A CB  1 
ATOM   15  C  CG  . PRO A 1 3   ? -2.132  -8.689  -3.458  1.00 49.49 ? 4   PRO A CG  1 
ATOM   16  C  CD  . PRO A 1 3   ? -2.319  -8.554  -4.940  1.00 49.16 ? 4   PRO A CD  1 
ATOM   17  N  N   . ILE A 1 4   ? 2.277   -7.963  -3.812  1.00 41.81 ? 5   ILE A N   1 
ATOM   18  C  CA  . ILE A 1 4   ? 3.534   -8.574  -3.398  1.00 39.27 ? 5   ILE A CA  1 
ATOM   19  C  C   . ILE A 1 4   ? 3.939   -8.075  -2.016  1.00 39.22 ? 5   ILE A C   1 
ATOM   20  O  O   . ILE A 1 4   ? 3.370   -7.115  -1.485  1.00 36.89 ? 5   ILE A O   1 
ATOM   21  C  CB  . ILE A 1 4   ? 4.680   -8.251  -4.371  1.00 39.00 ? 5   ILE A CB  1 
ATOM   22  C  CG1 . ILE A 1 4   ? 4.955   -6.745  -4.372  1.00 39.75 ? 5   ILE A CG1 1 
ATOM   23  C  CG2 . ILE A 1 4   ? 4.329   -8.732  -5.770  1.00 39.62 ? 5   ILE A CG2 1 
ATOM   24  C  CD1 . ILE A 1 4   ? 6.182   -6.352  -5.160  1.00 39.73 ? 5   ILE A CD1 1 
ATOM   25  N  N   . GLU A 1 5   ? 4.939   -8.731  -1.445  1.00 36.88 ? 6   GLU A N   1 
ATOM   26  C  CA  . GLU A 1 5   ? 5.435   -8.393  -0.123  1.00 36.09 ? 6   GLU A CA  1 
ATOM   27  C  C   . GLU A 1 5   ? 6.667   -7.502  -0.212  1.00 33.54 ? 6   GLU A C   1 
ATOM   28  O  O   . GLU A 1 5   ? 7.547   -7.740  -1.033  1.00 33.76 ? 6   GLU A O   1 
ATOM   29  C  CB  . GLU A 1 5   ? 5.800   -9.680  0.613   1.00 37.79 ? 6   GLU A CB  1 
ATOM   30  C  CG  . GLU A 1 5   ? 6.340   -9.494  2.009   1.00 41.75 ? 6   GLU A CG  1 
ATOM   31  C  CD  . GLU A 1 5   ? 6.996   -10.755 2.534   1.00 45.92 ? 6   GLU A CD  1 
ATOM   32  O  OE1 . GLU A 1 5   ? 8.194   -10.971 2.236   1.00 45.85 ? 6   GLU A OE1 1 
ATOM   33  O  OE2 . GLU A 1 5   ? 6.310   -11.538 3.226   1.00 46.49 ? 6   GLU A OE2 1 
ATOM   34  N  N   . VAL A 1 6   ? 6.721   -6.464  0.617   1.00 31.55 ? 7   VAL A N   1 
ATOM   35  C  CA  . VAL A 1 6   ? 7.890   -5.599  0.645   1.00 29.15 ? 7   VAL A CA  1 
ATOM   36  C  C   . VAL A 1 6   ? 8.435   -5.594  2.063   1.00 28.59 ? 7   VAL A C   1 
ATOM   37  O  O   . VAL A 1 6   ? 7.693   -5.784  3.029   1.00 26.44 ? 7   VAL A O   1 
ATOM   38  C  CB  . VAL A 1 6   ? 7.580   -4.145  0.195   1.00 29.98 ? 7   VAL A CB  1 
ATOM   39  C  CG1 . VAL A 1 6   ? 7.320   -4.124  -1.297  1.00 28.80 ? 7   VAL A CG1 1 
ATOM   40  C  CG2 . VAL A 1 6   ? 6.388   -3.588  0.963   1.00 26.73 ? 7   VAL A CG2 1 
ATOM   41  N  N   . THR A 1 7   ? 9.740   -5.393  2.183   1.00 27.96 ? 8   THR A N   1 
ATOM   42  C  CA  . THR A 1 7   ? 10.392  -5.384  3.481   1.00 26.51 ? 8   THR A CA  1 
ATOM   43  C  C   . THR A 1 7   ? 11.264  -4.142  3.594   1.00 27.16 ? 8   THR A C   1 
ATOM   44  O  O   . THR A 1 7   ? 11.414  -3.394  2.631   1.00 25.18 ? 8   THR A O   1 
ATOM   45  C  CB  . THR A 1 7   ? 11.304  -6.608  3.648   1.00 27.65 ? 8   THR A CB  1 
ATOM   46  O  OG1 . THR A 1 7   ? 12.348  -6.547  2.671   1.00 27.70 ? 8   THR A OG1 1 
ATOM   47  C  CG2 . THR A 1 7   ? 10.521  -7.899  3.460   1.00 26.84 ? 8   THR A CG2 1 
ATOM   48  N  N   . ASP A 1 8   ? 11.853  -3.943  4.767   1.00 29.31 ? 9   ASP A N   1 
ATOM   49  C  CA  . ASP A 1 8   ? 12.727  -2.801  4.993   1.00 31.87 ? 9   ASP A CA  1 
ATOM   50  C  C   . ASP A 1 8   ? 13.883  -2.875  3.992   1.00 32.24 ? 9   ASP A C   1 
ATOM   51  O  O   . ASP A 1 8   ? 14.405  -1.851  3.547   1.00 32.97 ? 9   ASP A O   1 
ATOM   52  C  CB  . ASP A 1 8   ? 13.286  -2.838  6.415   1.00 34.48 ? 9   ASP A CB  1 
ATOM   53  C  CG  . ASP A 1 8   ? 13.770  -1.481  6.885   1.00 37.53 ? 9   ASP A CG  1 
ATOM   54  O  OD1 . ASP A 1 8   ? 14.854  -1.417  7.504   1.00 42.83 ? 9   ASP A OD1 1 
ATOM   55  O  OD2 . ASP A 1 8   ? 13.063  -0.478  6.646   1.00 38.53 ? 9   ASP A OD2 1 
ATOM   56  N  N   . GLN A 1 9   ? 14.259  -4.098  3.634   1.00 31.03 ? 10  GLN A N   1 
ATOM   57  C  CA  . GLN A 1 9   ? 15.349  -4.344  2.700   1.00 32.51 ? 10  GLN A CA  1 
ATOM   58  C  C   . GLN A 1 9   ? 15.043  -4.056  1.229   1.00 31.54 ? 10  GLN A C   1 
ATOM   59  O  O   . GLN A 1 9   ? 15.891  -3.504  0.526   1.00 32.67 ? 10  GLN A O   1 
ATOM   60  C  CB  . GLN A 1 9   ? 15.845  -5.790  2.866   1.00 36.61 ? 10  GLN A CB  1 
ATOM   61  C  CG  . GLN A 1 9   ? 16.404  -6.471  1.601   1.00 41.59 ? 10  GLN A CG  1 
ATOM   62  C  CD  . GLN A 1 9   ? 17.475  -5.661  0.886   1.00 44.60 ? 10  GLN A CD  1 
ATOM   63  O  OE1 . GLN A 1 9   ? 18.338  -5.050  1.517   1.00 47.38 ? 10  GLN A OE1 1 
ATOM   64  N  NE2 . GLN A 1 9   ? 17.429  -5.669  -0.445  1.00 44.44 ? 10  GLN A NE2 1 
ATOM   65  N  N   . ASN A 1 10  ? 13.855  -4.413  0.750   1.00 27.40 ? 11  ASN A N   1 
ATOM   66  C  CA  . ASN A 1 10  ? 13.542  -4.169  -0.660  1.00 26.23 ? 11  ASN A CA  1 
ATOM   67  C  C   . ASN A 1 10  ? 12.520  -3.069  -0.924  1.00 22.96 ? 11  ASN A C   1 
ATOM   68  O  O   . ASN A 1 10  ? 12.153  -2.835  -2.069  1.00 22.77 ? 11  ASN A O   1 
ATOM   69  C  CB  . ASN A 1 10  ? 13.063  -5.452  -1.345  1.00 28.43 ? 11  ASN A CB  1 
ATOM   70  C  CG  . ASN A 1 10  ? 11.710  -5.919  -0.843  1.00 30.64 ? 11  ASN A CG  1 
ATOM   71  O  OD1 . ASN A 1 10  ? 10.881  -5.121  -0.413  1.00 28.40 ? 11  ASN A OD1 1 
ATOM   72  N  ND2 . ASN A 1 10  ? 11.472  -7.224  -0.918  1.00 32.48 ? 11  ASN A ND2 1 
ATOM   73  N  N   . PHE A 1 11  ? 12.076  -2.397  0.132   1.00 23.31 ? 12  PHE A N   1 
ATOM   74  C  CA  . PHE A 1 11  ? 11.086  -1.324  0.014   1.00 24.73 ? 12  PHE A CA  1 
ATOM   75  C  C   . PHE A 1 11  ? 11.510  -0.273  -1.016  1.00 25.24 ? 12  PHE A C   1 
ATOM   76  O  O   . PHE A 1 11  ? 10.772  0.039   -1.957  1.00 24.11 ? 12  PHE A O   1 
ATOM   77  C  CB  . PHE A 1 11  ? 10.887  -0.665  1.387   1.00 26.43 ? 12  PHE A CB  1 
ATOM   78  C  CG  . PHE A 1 11  ? 9.688   0.237   1.468   1.00 30.09 ? 12  PHE A CG  1 
ATOM   79  C  CD1 . PHE A 1 11  ? 8.404   -0.294  1.525   1.00 31.56 ? 12  PHE A CD1 1 
ATOM   80  C  CD2 . PHE A 1 11  ? 9.844   1.619   1.493   1.00 32.73 ? 12  PHE A CD2 1 
ATOM   81  C  CE1 . PHE A 1 11  ? 7.288   0.545   1.610   1.00 33.25 ? 12  PHE A CE1 1 
ATOM   82  C  CE2 . PHE A 1 11  ? 8.737   2.465   1.577   1.00 34.14 ? 12  PHE A CE2 1 
ATOM   83  C  CZ  . PHE A 1 11  ? 7.456   1.922   1.635   1.00 32.48 ? 12  PHE A CZ  1 
ATOM   84  N  N   . ASP A 1 12  ? 12.707  0.273   -0.848  1.00 25.31 ? 13  ASP A N   1 
ATOM   85  C  CA  . ASP A 1 12  ? 13.179  1.297   -1.769  1.00 24.90 ? 13  ASP A CA  1 
ATOM   86  C  C   . ASP A 1 12  ? 13.381  0.817   -3.198  1.00 24.75 ? 13  ASP A C   1 
ATOM   87  O  O   . ASP A 1 12  ? 12.991  1.502   -4.136  1.00 25.26 ? 13  ASP A O   1 
ATOM   88  C  CB  . ASP A 1 12  ? 14.454  1.925   -1.221  1.00 24.09 ? 13  ASP A CB  1 
ATOM   89  C  CG  . ASP A 1 12  ? 14.197  2.690   0.057   1.00 25.89 ? 13  ASP A CG  1 
ATOM   90  O  OD1 . ASP A 1 12  ? 13.520  3.734   -0.008  1.00 25.78 ? 13  ASP A OD1 1 
ATOM   91  O  OD2 . ASP A 1 12  ? 14.644  2.236   1.127   1.00 29.33 ? 13  ASP A OD2 1 
ATOM   92  N  N   . GLU A 1 13  ? 13.976  -0.359  -3.364  1.00 26.19 ? 14  GLU A N   1 
ATOM   93  C  CA  . GLU A 1 13  ? 14.205  -0.909  -4.695  1.00 27.81 ? 14  GLU A CA  1 
ATOM   94  C  C   . GLU A 1 13  ? 12.874  -1.016  -5.424  1.00 25.93 ? 14  GLU A C   1 
ATOM   95  O  O   . GLU A 1 13  ? 12.750  -0.617  -6.585  1.00 28.17 ? 14  GLU A O   1 
ATOM   96  C  CB  . GLU A 1 13  ? 14.815  -2.308  -4.606  1.00 30.30 ? 14  GLU A CB  1 
ATOM   97  C  CG  . GLU A 1 13  ? 16.000  -2.429  -3.684  1.00 35.57 ? 14  GLU A CG  1 
ATOM   98  C  CD  . GLU A 1 13  ? 16.348  -3.872  -3.383  1.00 36.20 ? 14  GLU A CD  1 
ATOM   99  O  OE1 . GLU A 1 13  ? 17.099  -4.096  -2.413  1.00 37.35 ? 14  GLU A OE1 1 
ATOM   100 O  OE2 . GLU A 1 13  ? 15.880  -4.777  -4.115  1.00 38.05 ? 14  GLU A OE2 1 
ATOM   101 N  N   . THR A 1 14  ? 11.882  -1.563  -4.731  1.00 25.05 ? 15  THR A N   1 
ATOM   102 C  CA  . THR A 1 14  ? 10.554  -1.745  -5.309  1.00 24.62 ? 15  THR A CA  1 
ATOM   103 C  C   . THR A 1 14  ? 9.961   -0.425  -5.788  1.00 25.52 ? 15  THR A C   1 
ATOM   104 O  O   . THR A 1 14  ? 9.485   -0.322  -6.925  1.00 26.03 ? 15  THR A O   1 
ATOM   105 C  CB  . THR A 1 14  ? 9.591   -2.403  -4.292  1.00 26.13 ? 15  THR A CB  1 
ATOM   106 O  OG1 . THR A 1 14  ? 10.173  -3.615  -3.794  1.00 25.23 ? 15  THR A OG1 1 
ATOM   107 C  CG2 . THR A 1 14  ? 8.257   -2.733  -4.953  1.00 23.22 ? 15  THR A CG2 1 
ATOM   108 N  N   . LEU A 1 15  ? 9.996   0.590   -4.931  1.00 24.04 ? 16  LEU A N   1 
ATOM   109 C  CA  . LEU A 1 15  ? 9.455   1.896   -5.293  1.00 25.88 ? 16  LEU A CA  1 
ATOM   110 C  C   . LEU A 1 15  ? 10.192  2.549   -6.455  1.00 26.16 ? 16  LEU A C   1 
ATOM   111 O  O   . LEU A 1 15  ? 9.611   3.341   -7.196  1.00 27.60 ? 16  LEU A O   1 
ATOM   112 C  CB  . LEU A 1 15  ? 9.481   2.835   -4.084  1.00 26.08 ? 16  LEU A CB  1 
ATOM   113 C  CG  . LEU A 1 15  ? 8.567   2.461   -2.921  1.00 27.28 ? 16  LEU A CG  1 
ATOM   114 C  CD1 . LEU A 1 15  ? 8.757   3.485   -1.812  1.00 28.34 ? 16  LEU A CD1 1 
ATOM   115 C  CD2 . LEU A 1 15  ? 7.110   2.412   -3.380  1.00 28.68 ? 16  LEU A CD2 1 
ATOM   116 N  N   . GLY A 1 16  ? 11.470  2.224   -6.612  1.00 27.47 ? 17  GLY A N   1 
ATOM   117 C  CA  . GLY A 1 16  ? 12.245  2.808   -7.692  1.00 31.25 ? 17  GLY A CA  1 
ATOM   118 C  C   . GLY A 1 16  ? 12.114  2.086   -9.022  1.00 33.86 ? 17  GLY A C   1 
ATOM   119 O  O   . GLY A 1 16  ? 12.492  2.635   -10.061 1.00 34.87 ? 17  GLY A O   1 
ATOM   120 N  N   . GLN A 1 17  ? 11.578  0.867   -8.994  1.00 35.28 ? 18  GLN A N   1 
ATOM   121 C  CA  . GLN A 1 17  ? 11.406  0.068   -10.207 1.00 38.00 ? 18  GLN A CA  1 
ATOM   122 C  C   . GLN A 1 17  ? 10.006  0.172   -10.816 1.00 38.95 ? 18  GLN A C   1 
ATOM   123 O  O   . GLN A 1 17  ? 9.781   -0.287  -11.938 1.00 39.89 ? 18  GLN A O   1 
ATOM   124 C  CB  . GLN A 1 17  ? 11.705  -1.409  -9.927  1.00 40.97 ? 18  GLN A CB  1 
ATOM   125 C  CG  . GLN A 1 17  ? 13.082  -1.717  -9.338  1.00 46.38 ? 18  GLN A CG  1 
ATOM   126 C  CD  . GLN A 1 17  ? 14.245  -1.355  -10.255 1.00 50.31 ? 18  GLN A CD  1 
ATOM   127 O  OE1 . GLN A 1 17  ? 15.382  -1.771  -10.019 1.00 51.06 ? 18  GLN A OE1 1 
ATOM   128 N  NE2 . GLN A 1 17  ? 13.970  -0.576  -11.294 1.00 52.15 ? 18  GLN A NE2 1 
ATOM   129 N  N   . HIS A 1 18  ? 9.066   0.758   -10.081 1.00 37.84 ? 19  HIS A N   1 
ATOM   130 C  CA  . HIS A 1 18  ? 7.700   0.904   -10.573 1.00 38.09 ? 19  HIS A CA  1 
ATOM   131 C  C   . HIS A 1 18  ? 7.211   2.343   -10.474 1.00 36.10 ? 19  HIS A C   1 
ATOM   132 O  O   . HIS A 1 18  ? 7.425   3.011   -9.471  1.00 36.07 ? 19  HIS A O   1 
ATOM   133 C  CB  . HIS A 1 18  ? 6.751   -0.016  -9.800  1.00 39.82 ? 19  HIS A CB  1 
ATOM   134 C  CG  . HIS A 1 18  ? 7.101   -1.467  -9.903  1.00 42.38 ? 19  HIS A CG  1 
ATOM   135 N  ND1 . HIS A 1 18  ? 8.209   -2.013  -9.292  1.00 43.81 ? 19  HIS A ND1 1 
ATOM   136 C  CD2 . HIS A 1 18  ? 6.504   -2.482  -10.573 1.00 43.39 ? 19  HIS A CD2 1 
ATOM   137 C  CE1 . HIS A 1 18  ? 8.281   -3.301  -9.580  1.00 44.46 ? 19  HIS A CE1 1 
ATOM   138 N  NE2 . HIS A 1 18  ? 7.258   -3.611  -10.357 1.00 45.08 ? 19  HIS A NE2 1 
ATOM   139 N  N   . PRO A 1 19  ? 6.538   2.835   -11.525 1.00 34.07 ? 20  PRO A N   1 
ATOM   140 C  CA  . PRO A 1 19  ? 6.011   4.202   -11.571 1.00 33.29 ? 20  PRO A CA  1 
ATOM   141 C  C   . PRO A 1 19  ? 4.904   4.527   -10.557 1.00 31.44 ? 20  PRO A C   1 
ATOM   142 O  O   . PRO A 1 19  ? 4.823   5.653   -10.067 1.00 32.13 ? 20  PRO A O   1 
ATOM   143 C  CB  . PRO A 1 19  ? 5.528   4.330   -13.014 1.00 32.70 ? 20  PRO A CB  1 
ATOM   144 C  CG  . PRO A 1 19  ? 5.104   2.934   -13.345 1.00 34.66 ? 20  PRO A CG  1 
ATOM   145 C  CD  . PRO A 1 19  ? 6.239   2.120   -12.779 1.00 34.82 ? 20  PRO A CD  1 
ATOM   146 N  N   . LEU A 1 20  ? 4.055   3.552   -10.252 1.00 28.85 ? 21  LEU A N   1 
ATOM   147 C  CA  . LEU A 1 20  ? 2.964   3.771   -9.303  1.00 27.37 ? 21  LEU A CA  1 
ATOM   148 C  C   . LEU A 1 20  ? 2.776   2.542   -8.418  1.00 26.01 ? 21  LEU A C   1 
ATOM   149 O  O   . LEU A 1 20  ? 2.383   1.471   -8.888  1.00 24.21 ? 21  LEU A O   1 
ATOM   150 C  CB  . LEU A 1 20  ? 1.665   4.075   -10.052 1.00 28.81 ? 21  LEU A CB  1 
ATOM   151 C  CG  . LEU A 1 20  ? 0.560   4.785   -9.270  1.00 28.70 ? 21  LEU A CG  1 
ATOM   152 C  CD1 . LEU A 1 20  ? 0.997   6.208   -8.914  1.00 28.82 ? 21  LEU A CD1 1 
ATOM   153 C  CD2 . LEU A 1 20  ? -0.698  4.823   -10.119 1.00 31.97 ? 21  LEU A CD2 1 
ATOM   154 N  N   . VAL A 1 21  ? 3.037   2.710   -7.126  1.00 23.13 ? 22  VAL A N   1 
ATOM   155 C  CA  . VAL A 1 21  ? 2.926   1.613   -6.182  1.00 23.25 ? 22  VAL A CA  1 
ATOM   156 C  C   . VAL A 1 21  ? 2.035   1.941   -4.991  1.00 23.11 ? 22  VAL A C   1 
ATOM   157 O  O   . VAL A 1 21  ? 2.219   2.962   -4.332  1.00 23.59 ? 22  VAL A O   1 
ATOM   158 C  CB  . VAL A 1 21  ? 4.308   1.224   -5.646  1.00 23.53 ? 22  VAL A CB  1 
ATOM   159 C  CG1 . VAL A 1 21  ? 4.191   -0.001  -4.754  1.00 23.01 ? 22  VAL A CG1 1 
ATOM   160 C  CG2 . VAL A 1 21  ? 5.264   0.973   -6.808  1.00 21.30 ? 22  VAL A CG2 1 
ATOM   161 N  N   . LEU A 1 22  ? 1.071   1.063   -4.729  1.00 22.01 ? 23  LEU A N   1 
ATOM   162 C  CA  . LEU A 1 22  ? 0.148   1.230   -3.612  1.00 21.40 ? 23  LEU A CA  1 
ATOM   163 C  C   . LEU A 1 22  ? 0.643   0.296   -2.507  1.00 21.65 ? 23  LEU A C   1 
ATOM   164 O  O   . LEU A 1 22  ? 0.588   -0.926  -2.652  1.00 22.78 ? 23  LEU A O   1 
ATOM   165 C  CB  . LEU A 1 22  ? -1.276  0.837   -4.034  1.00 22.40 ? 23  LEU A CB  1 
ATOM   166 C  CG  . LEU A 1 22  ? -2.434  1.195   -3.095  1.00 24.82 ? 23  LEU A CG  1 
ATOM   167 C  CD1 . LEU A 1 22  ? -2.575  2.699   -3.050  1.00 23.26 ? 23  LEU A CD1 1 
ATOM   168 C  CD2 . LEU A 1 22  ? -3.738  0.570   -3.586  1.00 24.05 ? 23  LEU A CD2 1 
ATOM   169 N  N   . VAL A 1 23  ? 1.123   0.873   -1.411  1.00 19.86 ? 24  VAL A N   1 
ATOM   170 C  CA  . VAL A 1 23  ? 1.654   0.093   -0.299  1.00 20.73 ? 24  VAL A CA  1 
ATOM   171 C  C   . VAL A 1 23  ? 0.711   0.019   0.893   1.00 21.43 ? 24  VAL A C   1 
ATOM   172 O  O   . VAL A 1 23  ? 0.301   1.043   1.451   1.00 18.15 ? 24  VAL A O   1 
ATOM   173 C  CB  . VAL A 1 23  ? 3.018   0.665   0.174   1.00 21.36 ? 24  VAL A CB  1 
ATOM   174 C  CG1 . VAL A 1 23  ? 3.562   -0.156  1.339   1.00 23.45 ? 24  VAL A CG1 1 
ATOM   175 C  CG2 . VAL A 1 23  ? 4.013   0.645   -0.983  1.00 23.23 ? 24  VAL A CG2 1 
ATOM   176 N  N   . ASP A 1 24  ? 0.381   -1.209  1.286   1.00 19.49 ? 25  ASP A N   1 
ATOM   177 C  CA  . ASP A 1 24  ? -0.516  -1.438  2.413   1.00 23.60 ? 25  ASP A CA  1 
ATOM   178 C  C   . ASP A 1 24  ? 0.250   -1.817  3.675   1.00 22.11 ? 25  ASP A C   1 
ATOM   179 O  O   . ASP A 1 24  ? 0.869   -2.880  3.742   1.00 22.91 ? 25  ASP A O   1 
ATOM   180 C  CB  . ASP A 1 24  ? -1.527  -2.531  2.042   1.00 23.89 ? 25  ASP A CB  1 
ATOM   181 C  CG  . ASP A 1 24  ? -2.388  -2.970  3.213   1.00 27.75 ? 25  ASP A CG  1 
ATOM   182 O  OD1 . ASP A 1 24  ? -2.708  -2.142  4.094   1.00 25.49 ? 25  ASP A OD1 1 
ATOM   183 O  OD2 . ASP A 1 24  ? -2.765  -4.160  3.237   1.00 27.36 ? 25  ASP A OD2 1 
ATOM   184 N  N   . PHE A 1 25  ? 0.225   -0.922  4.659   1.00 21.33 ? 26  PHE A N   1 
ATOM   185 C  CA  . PHE A 1 25  ? 0.875   -1.145  5.949   1.00 22.60 ? 26  PHE A CA  1 
ATOM   186 C  C   . PHE A 1 25  ? -0.163  -1.882  6.774   1.00 24.87 ? 26  PHE A C   1 
ATOM   187 O  O   . PHE A 1 25  ? -1.218  -1.330  7.091   1.00 23.76 ? 26  PHE A O   1 
ATOM   188 C  CB  . PHE A 1 25  ? 1.219   0.190   6.605   1.00 21.53 ? 26  PHE A CB  1 
ATOM   189 C  CG  . PHE A 1 25  ? 2.387   0.889   5.969   1.00 20.74 ? 26  PHE A CG  1 
ATOM   190 C  CD1 . PHE A 1 25  ? 3.663   0.762   6.507   1.00 21.14 ? 26  PHE A CD1 1 
ATOM   191 C  CD2 . PHE A 1 25  ? 2.214   1.664   4.829   1.00 21.03 ? 26  PHE A CD2 1 
ATOM   192 C  CE1 . PHE A 1 25  ? 4.756   1.400   5.918   1.00 21.39 ? 26  PHE A CE1 1 
ATOM   193 C  CE2 . PHE A 1 25  ? 3.299   2.308   4.231   1.00 20.43 ? 26  PHE A CE2 1 
ATOM   194 C  CZ  . PHE A 1 25  ? 4.570   2.176   4.777   1.00 22.83 ? 26  PHE A CZ  1 
ATOM   195 N  N   . TRP A 1 26  ? 0.140   -3.129  7.117   1.00 26.66 ? 27  TRP A N   1 
ATOM   196 C  CA  . TRP A 1 26  ? -0.808  -3.960  7.843   1.00 30.32 ? 27  TRP A CA  1 
ATOM   197 C  C   . TRP A 1 26  ? -0.161  -4.885  8.869   1.00 30.22 ? 27  TRP A C   1 
ATOM   198 O  O   . TRP A 1 26  ? 1.058   -4.907  9.032   1.00 27.96 ? 27  TRP A O   1 
ATOM   199 C  CB  . TRP A 1 26  ? -1.560  -4.825  6.837   1.00 30.82 ? 27  TRP A CB  1 
ATOM   200 C  CG  . TRP A 1 26  ? -0.687  -5.921  6.304   1.00 33.42 ? 27  TRP A CG  1 
ATOM   201 C  CD1 . TRP A 1 26  ? 0.434   -5.779  5.529   1.00 33.36 ? 27  TRP A CD1 1 
ATOM   202 C  CD2 . TRP A 1 26  ? -0.800  -7.321  6.591   1.00 35.01 ? 27  TRP A CD2 1 
ATOM   203 N  NE1 . TRP A 1 26  ? 1.026   -7.002  5.322   1.00 33.53 ? 27  TRP A NE1 1 
ATOM   204 C  CE2 . TRP A 1 26  ? 0.289   -7.965  5.962   1.00 35.96 ? 27  TRP A CE2 1 
ATOM   205 C  CE3 . TRP A 1 26  ? -1.716  -8.093  7.321   1.00 37.02 ? 27  TRP A CE3 1 
ATOM   206 C  CZ2 . TRP A 1 26  ? 0.488   -9.352  6.039   1.00 37.26 ? 27  TRP A CZ2 1 
ATOM   207 C  CZ3 . TRP A 1 26  ? -1.517  -9.472  7.399   1.00 37.69 ? 27  TRP A CZ3 1 
ATOM   208 C  CH2 . TRP A 1 26  ? -0.424  -10.083 6.760   1.00 37.14 ? 27  TRP A CH2 1 
ATOM   209 N  N   . ALA A 1 27  ? -1.010  -5.666  9.536   1.00 30.98 ? 28  ALA A N   1 
ATOM   210 C  CA  . ALA A 1 27  ? -0.592  -6.640  10.543  1.00 33.46 ? 28  ALA A CA  1 
ATOM   211 C  C   . ALA A 1 27  ? -1.647  -7.748  10.619  1.00 35.19 ? 28  ALA A C   1 
ATOM   212 O  O   . ALA A 1 27  ? -2.822  -7.509  10.350  1.00 35.07 ? 28  ALA A O   1 
ATOM   213 C  CB  . ALA A 1 27  ? -0.444  -5.967  11.899  1.00 33.52 ? 28  ALA A CB  1 
ATOM   214 N  N   . GLU A 1 28  ? -1.222  -8.955  10.983  1.00 38.98 ? 29  GLU A N   1 
ATOM   215 C  CA  . GLU A 1 28  ? -2.124  -10.104 11.083  1.00 42.63 ? 29  GLU A CA  1 
ATOM   216 C  C   . GLU A 1 28  ? -3.247  -9.927  12.109  1.00 42.69 ? 29  GLU A C   1 
ATOM   217 O  O   . GLU A 1 28  ? -4.387  -10.324 11.872  1.00 43.10 ? 29  GLU A O   1 
ATOM   218 C  CB  . GLU A 1 28  ? -1.326  -11.364 11.431  1.00 44.09 ? 29  GLU A CB  1 
ATOM   219 C  CG  . GLU A 1 28  ? -0.476  -11.921 10.297  1.00 49.18 ? 29  GLU A CG  1 
ATOM   220 C  CD  . GLU A 1 28  ? -1.303  -12.585 9.204   1.00 53.04 ? 29  GLU A CD  1 
ATOM   221 O  OE1 . GLU A 1 28  ? -0.703  -13.198 8.292   1.00 54.60 ? 29  GLU A OE1 1 
ATOM   222 O  OE2 . GLU A 1 28  ? -2.550  -12.494 9.249   1.00 54.69 ? 29  GLU A OE2 1 
ATOM   223 N  N   . TRP A 1 29  ? -2.915  -9.330  13.249  1.00 42.53 ? 30  TRP A N   1 
ATOM   224 C  CA  . TRP A 1 29  ? -3.879  -9.120  14.321  1.00 42.84 ? 30  TRP A CA  1 
ATOM   225 C  C   . TRP A 1 29  ? -4.848  -7.971  14.079  1.00 42.05 ? 30  TRP A C   1 
ATOM   226 O  O   . TRP A 1 29  ? -5.691  -7.681  14.923  1.00 43.17 ? 30  TRP A O   1 
ATOM   227 C  CB  . TRP A 1 29  ? -3.140  -8.856  15.631  1.00 45.31 ? 30  TRP A CB  1 
ATOM   228 C  CG  . TRP A 1 29  ? -2.050  -7.831  15.495  1.00 46.78 ? 30  TRP A CG  1 
ATOM   229 C  CD1 . TRP A 1 29  ? -0.718  -8.069  15.309  1.00 47.38 ? 30  TRP A CD1 1 
ATOM   230 C  CD2 . TRP A 1 29  ? -2.203  -6.405  15.513  1.00 47.26 ? 30  TRP A CD2 1 
ATOM   231 N  NE1 . TRP A 1 29  ? -0.031  -6.881  15.212  1.00 48.08 ? 30  TRP A NE1 1 
ATOM   232 C  CE2 . TRP A 1 29  ? -0.918  -5.844  15.333  1.00 47.66 ? 30  TRP A CE2 1 
ATOM   233 C  CE3 . TRP A 1 29  ? -3.300  -5.547  15.661  1.00 47.56 ? 30  TRP A CE3 1 
ATOM   234 C  CZ2 . TRP A 1 29  ? -0.700  -4.462  15.300  1.00 48.07 ? 30  TRP A CZ2 1 
ATOM   235 C  CZ3 . TRP A 1 29  ? -3.083  -4.169  15.627  1.00 47.14 ? 30  TRP A CZ3 1 
ATOM   236 C  CH2 . TRP A 1 29  ? -1.791  -3.643  15.448  1.00 47.57 ? 30  TRP A CH2 1 
ATOM   237 N  N   . CYS A 1 30  ? -4.737  -7.323  12.928  1.00 40.84 ? 31  CYS A N   1 
ATOM   238 C  CA  . CYS A 1 30  ? -5.587  -6.181  12.623  1.00 38.86 ? 31  CYS A CA  1 
ATOM   239 C  C   . CYS A 1 30  ? -6.816  -6.518  11.768  1.00 37.83 ? 31  CYS A C   1 
ATOM   240 O  O   . CYS A 1 30  ? -6.707  -6.830  10.582  1.00 38.68 ? 31  CYS A O   1 
ATOM   241 C  CB  . CYS A 1 30  ? -4.703  -5.098  11.982  1.00 38.18 ? 31  CYS A CB  1 
ATOM   242 S  SG  . CYS A 1 30  ? -5.531  -3.788  11.042  1.00 36.24 ? 31  CYS A SG  1 
ATOM   243 N  N   . ALA A 1 31  ? -7.992  -6.453  12.392  1.00 36.87 ? 32  ALA A N   1 
ATOM   244 C  CA  . ALA A 1 31  ? -9.252  -6.761  11.722  1.00 35.09 ? 32  ALA A CA  1 
ATOM   245 C  C   . ALA A 1 31  ? -9.541  -5.832  10.546  1.00 33.77 ? 32  ALA A C   1 
ATOM   246 O  O   . ALA A 1 31  ? -9.836  -6.292  9.448   1.00 33.03 ? 32  ALA A O   1 
ATOM   247 C  CB  . ALA A 1 31  ? -10.401 -6.714  12.724  1.00 38.27 ? 32  ALA A CB  1 
ATOM   248 N  N   . PRO A 1 32  ? -9.473  -4.506  10.762  1.00 32.90 ? 33  PRO A N   1 
ATOM   249 C  CA  . PRO A 1 32  ? -9.741  -3.595  9.644   1.00 31.51 ? 33  PRO A CA  1 
ATOM   250 C  C   . PRO A 1 32  ? -8.831  -3.910  8.458   1.00 30.04 ? 33  PRO A C   1 
ATOM   251 O  O   . PRO A 1 32  ? -9.234  -3.781  7.303   1.00 30.51 ? 33  PRO A O   1 
ATOM   252 C  CB  . PRO A 1 32  ? -9.464  -2.221  10.248  1.00 33.80 ? 33  PRO A CB  1 
ATOM   253 C  CG  . PRO A 1 32  ? -9.884  -2.409  11.679  1.00 34.00 ? 33  PRO A CG  1 
ATOM   254 C  CD  . PRO A 1 32  ? -9.271  -3.753  12.014  1.00 33.01 ? 33  PRO A CD  1 
ATOM   255 N  N   . CYS A 1 33  ? -7.603  -4.328  8.748   1.00 28.79 ? 34  CYS A N   1 
ATOM   256 C  CA  . CYS A 1 33  ? -6.654  -4.679  7.693   1.00 28.77 ? 34  CYS A CA  1 
ATOM   257 C  C   . CYS A 1 33  ? -7.192  -5.857  6.885   1.00 27.78 ? 34  CYS A C   1 
ATOM   258 O  O   . CYS A 1 33  ? -7.138  -5.857  5.655   1.00 26.67 ? 34  CYS A O   1 
ATOM   259 C  CB  . CYS A 1 33  ? -5.303  -5.066  8.293   1.00 30.26 ? 34  CYS A CB  1 
ATOM   260 S  SG  . CYS A 1 33  ? -4.494  -3.774  9.286   1.00 33.27 ? 34  CYS A SG  1 
ATOM   261 N  N   . ARG A 1 34  ? -7.705  -6.865  7.586   1.00 28.68 ? 35  ARG A N   1 
ATOM   262 C  CA  . ARG A 1 34  ? -8.254  -8.044  6.921   1.00 30.64 ? 35  ARG A CA  1 
ATOM   263 C  C   . ARG A 1 34  ? -9.398  -7.647  5.989   1.00 29.12 ? 35  ARG A C   1 
ATOM   264 O  O   . ARG A 1 34  ? -9.542  -8.206  4.903   1.00 29.68 ? 35  ARG A O   1 
ATOM   265 C  CB  . ARG A 1 34  ? -8.749  -9.066  7.954   1.00 31.75 ? 35  ARG A CB  1 
ATOM   266 C  CG  . ARG A 1 34  ? -7.625  -9.683  8.800   1.00 34.76 ? 35  ARG A CG  1 
ATOM   267 C  CD  . ARG A 1 34  ? -8.066  -10.977 9.488   1.00 37.72 ? 35  ARG A CD  1 
ATOM   268 N  NE  . ARG A 1 34  ? -8.994  -10.749 10.594  1.00 40.10 ? 35  ARG A NE  1 
ATOM   269 C  CZ  . ARG A 1 34  ? -8.642  -10.269 11.782  1.00 40.03 ? 35  ARG A CZ  1 
ATOM   270 N  NH1 . ARG A 1 34  ? -7.378  -9.961  12.034  1.00 41.20 ? 35  ARG A NH1 1 
ATOM   271 N  NH2 . ARG A 1 34  ? -9.556  -10.099 12.726  1.00 41.91 ? 35  ARG A NH2 1 
HETATM 272 N  N   . MSE A 1 35  ? -10.196 -6.668  6.407   1.00 29.93 ? 36  MSE A N   1 
HETATM 273 C  CA  . MSE A 1 35  ? -11.324 -6.208  5.595   1.00 31.29 ? 36  MSE A CA  1 
HETATM 274 C  C   . MSE A 1 35  ? -10.922 -5.623  4.243   1.00 30.38 ? 36  MSE A C   1 
HETATM 275 O  O   . MSE A 1 35  ? -11.630 -5.809  3.258   1.00 29.61 ? 36  MSE A O   1 
HETATM 276 C  CB  . MSE A 1 35  ? -12.156 -5.153  6.342   1.00 35.42 ? 36  MSE A CB  1 
HETATM 277 C  CG  . MSE A 1 35  ? -13.259 -5.682  7.260   1.00 43.64 ? 36  MSE A CG  1 
HETATM 278 SE SE  . MSE A 1 35  ? -14.698 -4.354  7.458   1.00 53.34 ? 36  MSE A SE  1 
HETATM 279 C  CE  . MSE A 1 35  ? -13.633 -2.791  7.865   1.00 49.41 ? 36  MSE A CE  1 
ATOM   280 N  N   . ILE A 1 36  ? -9.797  -4.912  4.181   1.00 29.93 ? 37  ILE A N   1 
ATOM   281 C  CA  . ILE A 1 36  ? -9.388  -4.306  2.911   1.00 28.80 ? 37  ILE A CA  1 
ATOM   282 C  C   . ILE A 1 36  ? -8.499  -5.172  2.027   1.00 28.17 ? 37  ILE A C   1 
ATOM   283 O  O   . ILE A 1 36  ? -8.292  -4.844  0.859   1.00 27.68 ? 37  ILE A O   1 
ATOM   284 C  CB  . ILE A 1 36  ? -8.655  -2.944  3.113   1.00 30.11 ? 37  ILE A CB  1 
ATOM   285 C  CG1 . ILE A 1 36  ? -7.374  -3.145  3.926   1.00 29.42 ? 37  ILE A CG1 1 
ATOM   286 C  CG2 . ILE A 1 36  ? -9.584  -1.938  3.803   1.00 29.73 ? 37  ILE A CG2 1 
ATOM   287 C  CD1 . ILE A 1 36  ? -6.553  -1.867  4.075   1.00 32.50 ? 37  ILE A CD1 1 
ATOM   288 N  N   . ALA A 1 37  ? -7.971  -6.266  2.566   1.00 27.97 ? 38  ALA A N   1 
ATOM   289 C  CA  . ALA A 1 37  ? -7.094  -7.127  1.774   1.00 27.98 ? 38  ALA A CA  1 
ATOM   290 C  C   . ALA A 1 37  ? -7.757  -7.538  0.459   1.00 29.12 ? 38  ALA A C   1 
ATOM   291 O  O   . ALA A 1 37  ? -7.237  -7.252  -0.622  1.00 29.96 ? 38  ALA A O   1 
ATOM   292 C  CB  . ALA A 1 37  ? -6.687  -8.362  2.581   1.00 28.61 ? 38  ALA A CB  1 
ATOM   293 N  N   . PRO A 1 38  ? -8.918  -8.210  0.523   1.00 28.58 ? 39  PRO A N   1 
ATOM   294 C  CA  . PRO A 1 38  ? -9.538  -8.593  -0.749  1.00 27.97 ? 39  PRO A CA  1 
ATOM   295 C  C   . PRO A 1 38  ? -9.876  -7.391  -1.636  1.00 29.89 ? 39  PRO A C   1 
ATOM   296 O  O   . PRO A 1 38  ? -9.883  -7.501  -2.864  1.00 29.54 ? 39  PRO A O   1 
ATOM   297 C  CB  . PRO A 1 38  ? -10.764 -9.401  -0.311  1.00 28.78 ? 39  PRO A CB  1 
ATOM   298 C  CG  . PRO A 1 38  ? -11.082 -8.855  1.042   1.00 28.33 ? 39  PRO A CG  1 
ATOM   299 C  CD  . PRO A 1 38  ? -9.717  -8.685  1.667   1.00 29.77 ? 39  PRO A CD  1 
ATOM   300 N  N   . ILE A 1 39  ? -10.138 -6.237  -1.022  1.00 29.40 ? 40  ILE A N   1 
ATOM   301 C  CA  . ILE A 1 39  ? -10.445 -5.041  -1.799  1.00 31.07 ? 40  ILE A CA  1 
ATOM   302 C  C   . ILE A 1 39  ? -9.203  -4.586  -2.561  1.00 31.75 ? 40  ILE A C   1 
ATOM   303 O  O   . ILE A 1 39  ? -9.292  -4.138  -3.704  1.00 31.70 ? 40  ILE A O   1 
ATOM   304 C  CB  . ILE A 1 39  ? -10.930 -3.884  -0.898  1.00 30.97 ? 40  ILE A CB  1 
ATOM   305 C  CG1 . ILE A 1 39  ? -12.325 -4.203  -0.352  1.00 33.25 ? 40  ILE A CG1 1 
ATOM   306 C  CG2 . ILE A 1 39  ? -10.930 -2.579  -1.675  1.00 29.83 ? 40  ILE A CG2 1 
ATOM   307 C  CD1 . ILE A 1 39  ? -12.933 -3.095  0.480   1.00 35.29 ? 40  ILE A CD1 1 
ATOM   308 N  N   . LEU A 1 40  ? -8.042  -4.700  -1.926  1.00 33.76 ? 41  LEU A N   1 
ATOM   309 C  CA  . LEU A 1 40  ? -6.796  -4.294  -2.566  1.00 33.10 ? 41  LEU A CA  1 
ATOM   310 C  C   . LEU A 1 40  ? -6.412  -5.270  -3.668  1.00 34.78 ? 41  LEU A C   1 
ATOM   311 O  O   . LEU A 1 40  ? -5.706  -4.906  -4.608  1.00 35.06 ? 41  LEU A O   1 
ATOM   312 C  CB  . LEU A 1 40  ? -5.671  -4.194  -1.533  1.00 31.74 ? 41  LEU A CB  1 
ATOM   313 C  CG  . LEU A 1 40  ? -5.856  -3.120  -0.456  1.00 31.58 ? 41  LEU A CG  1 
ATOM   314 C  CD1 . LEU A 1 40  ? -4.646  -3.116  0.468   1.00 33.73 ? 41  LEU A CD1 1 
ATOM   315 C  CD2 . LEU A 1 40  ? -6.034  -1.757  -1.102  1.00 34.15 ? 41  LEU A CD2 1 
ATOM   316 N  N   . GLU A 1 41  ? -6.875  -6.511  -3.548  1.00 36.00 ? 42  GLU A N   1 
ATOM   317 C  CA  . GLU A 1 41  ? -6.596  -7.528  -4.560  1.00 36.89 ? 42  GLU A CA  1 
ATOM   318 C  C   . GLU A 1 41  ? -7.386  -7.175  -5.821  1.00 36.55 ? 42  GLU A C   1 
ATOM   319 O  O   . GLU A 1 41  ? -6.909  -7.356  -6.946  1.00 36.65 ? 42  GLU A O   1 
ATOM   320 C  CB  . GLU A 1 41  ? -7.006  -8.912  -4.051  1.00 37.03 ? 42  GLU A CB  1 
ATOM   321 C  CG  . GLU A 1 41  ? -6.368  -9.286  -2.725  1.00 40.33 ? 42  GLU A CG  1 
ATOM   322 C  CD  . GLU A 1 41  ? -6.634  -10.727 -2.324  1.00 43.05 ? 42  GLU A CD  1 
ATOM   323 O  OE1 . GLU A 1 41  ? -7.804  -11.163 -2.383  1.00 44.77 ? 42  GLU A OE1 1 
ATOM   324 O  OE2 . GLU A 1 41  ? -5.673  -11.423 -1.939  1.00 43.88 ? 42  GLU A OE2 1 
ATOM   325 N  N   . GLU A 1 42  ? -8.604  -6.674  -5.623  1.00 35.61 ? 43  GLU A N   1 
ATOM   326 C  CA  . GLU A 1 42  ? -9.453  -6.263  -6.734  1.00 35.38 ? 43  GLU A CA  1 
ATOM   327 C  C   . GLU A 1 42  ? -8.807  -5.050  -7.385  1.00 35.04 ? 43  GLU A C   1 
ATOM   328 O  O   . GLU A 1 42  ? -8.811  -4.902  -8.607  1.00 35.26 ? 43  GLU A O   1 
ATOM   329 C  CB  . GLU A 1 42  ? -10.854 -5.892  -6.232  1.00 35.77 ? 43  GLU A CB  1 
ATOM   330 C  CG  . GLU A 1 42  ? -11.730 -7.090  -5.906  1.00 37.92 ? 43  GLU A CG  1 
ATOM   331 C  CD  . GLU A 1 42  ? -13.116 -6.693  -5.430  1.00 38.39 ? 43  GLU A CD  1 
ATOM   332 O  OE1 . GLU A 1 42  ? -13.719 -5.784  -6.035  1.00 39.28 ? 43  GLU A OE1 1 
ATOM   333 O  OE2 . GLU A 1 42  ? -13.608 -7.302  -4.458  1.00 39.59 ? 43  GLU A OE2 1 
ATOM   334 N  N   . ILE A 1 43  ? -8.255  -4.183  -6.545  1.00 34.34 ? 44  ILE A N   1 
ATOM   335 C  CA  . ILE A 1 43  ? -7.580  -2.980  -7.009  1.00 34.00 ? 44  ILE A CA  1 
ATOM   336 C  C   . ILE A 1 43  ? -6.369  -3.367  -7.853  1.00 34.32 ? 44  ILE A C   1 
ATOM   337 O  O   . ILE A 1 43  ? -6.093  -2.746  -8.882  1.00 34.38 ? 44  ILE A O   1 
ATOM   338 C  CB  . ILE A 1 43  ? -7.101  -2.118  -5.811  1.00 33.30 ? 44  ILE A CB  1 
ATOM   339 C  CG1 . ILE A 1 43  ? -8.300  -1.437  -5.146  1.00 31.97 ? 44  ILE A CG1 1 
ATOM   340 C  CG2 . ILE A 1 43  ? -6.076  -1.084  -6.278  1.00 32.50 ? 44  ILE A CG2 1 
ATOM   341 C  CD1 . ILE A 1 43  ? -8.985  -0.408  -6.034  1.00 35.39 ? 44  ILE A CD1 1 
ATOM   342 N  N   . ALA A 1 44  ? -5.654  -4.396  -7.406  1.00 32.75 ? 45  ALA A N   1 
ATOM   343 C  CA  . ALA A 1 44  ? -4.463  -4.879  -8.102  1.00 35.07 ? 45  ALA A CA  1 
ATOM   344 C  C   . ALA A 1 44  ? -4.794  -5.315  -9.526  1.00 36.75 ? 45  ALA A C   1 
ATOM   345 O  O   . ALA A 1 44  ? -4.098  -4.953  -10.474 1.00 37.47 ? 45  ALA A O   1 
ATOM   346 C  CB  . ALA A 1 44  ? -3.847  -6.037  -7.336  1.00 33.16 ? 45  ALA A CB  1 
ATOM   347 N  N   . LYS A 1 45  ? -5.860  -6.094  -9.674  1.00 39.36 ? 46  LYS A N   1 
ATOM   348 C  CA  . LYS A 1 45  ? -6.263  -6.558  -10.995 1.00 41.47 ? 46  LYS A CA  1 
ATOM   349 C  C   . LYS A 1 45  ? -6.791  -5.431  -11.879 1.00 41.52 ? 46  LYS A C   1 
ATOM   350 O  O   . LYS A 1 45  ? -6.382  -5.306  -13.031 1.00 42.07 ? 46  LYS A O   1 
ATOM   351 C  CB  . LYS A 1 45  ? -7.311  -7.665  -10.876 1.00 42.94 ? 46  LYS A CB  1 
ATOM   352 C  CG  . LYS A 1 45  ? -6.766  -8.943  -10.259 1.00 45.90 ? 46  LYS A CG  1 
ATOM   353 C  CD  . LYS A 1 45  ? -7.629  -10.148 -10.608 1.00 47.87 ? 46  LYS A CD  1 
ATOM   354 C  CE  . LYS A 1 45  ? -7.001  -11.440 -10.103 1.00 48.45 ? 46  LYS A CE  1 
ATOM   355 N  NZ  . LYS A 1 45  ? -7.745  -12.639 -10.581 1.00 50.40 ? 46  LYS A NZ  1 
ATOM   356 N  N   . GLU A 1 46  ? -7.687  -4.605  -11.343 1.00 41.54 ? 47  GLU A N   1 
ATOM   357 C  CA  . GLU A 1 46  ? -8.249  -3.501  -12.122 1.00 41.81 ? 47  GLU A CA  1 
ATOM   358 C  C   . GLU A 1 46  ? -7.184  -2.582  -12.708 1.00 43.65 ? 47  GLU A C   1 
ATOM   359 O  O   . GLU A 1 46  ? -7.374  -2.008  -13.784 1.00 44.10 ? 47  GLU A O   1 
ATOM   360 C  CB  . GLU A 1 46  ? -9.217  -2.665  -11.272 1.00 42.10 ? 47  GLU A CB  1 
ATOM   361 C  CG  . GLU A 1 46  ? -9.473  -1.260  -11.835 1.00 39.61 ? 47  GLU A CG  1 
ATOM   362 C  CD  . GLU A 1 46  ? -10.535 -0.477  -11.074 1.00 41.04 ? 47  GLU A CD  1 
ATOM   363 O  OE1 . GLU A 1 46  ? -10.706 -0.719  -9.858  1.00 38.39 ? 47  GLU A OE1 1 
ATOM   364 O  OE2 . GLU A 1 46  ? -11.188 0.397   -11.693 1.00 38.71 ? 47  GLU A OE2 1 
ATOM   365 N  N   . TYR A 1 47  ? -6.067  -2.434  -12.006 1.00 42.99 ? 48  TYR A N   1 
ATOM   366 C  CA  . TYR A 1 47  ? -5.007  -1.563  -12.485 1.00 43.86 ? 48  TYR A CA  1 
ATOM   367 C  C   . TYR A 1 47  ? -3.750  -2.326  -12.891 1.00 45.02 ? 48  TYR A C   1 
ATOM   368 O  O   . TYR A 1 47  ? -2.682  -1.735  -13.059 1.00 45.24 ? 48  TYR A O   1 
ATOM   369 C  CB  . TYR A 1 47  ? -4.678  -0.519  -11.418 1.00 43.30 ? 48  TYR A CB  1 
ATOM   370 C  CG  . TYR A 1 47  ? -5.837  0.403   -11.113 1.00 44.07 ? 48  TYR A CG  1 
ATOM   371 C  CD1 . TYR A 1 47  ? -6.290  1.323   -12.059 1.00 42.85 ? 48  TYR A CD1 1 
ATOM   372 C  CD2 . TYR A 1 47  ? -6.493  0.345   -9.882  1.00 43.91 ? 48  TYR A CD2 1 
ATOM   373 C  CE1 . TYR A 1 47  ? -7.368  2.168   -11.790 1.00 41.64 ? 48  TYR A CE1 1 
ATOM   374 C  CE2 . TYR A 1 47  ? -7.575  1.185   -9.601  1.00 43.37 ? 48  TYR A CE2 1 
ATOM   375 C  CZ  . TYR A 1 47  ? -8.007  2.094   -10.559 1.00 42.06 ? 48  TYR A CZ  1 
ATOM   376 O  OH  . TYR A 1 47  ? -9.073  2.924   -10.283 1.00 40.76 ? 48  TYR A OH  1 
ATOM   377 N  N   . GLU A 1 48  ? -3.879  -3.640  -13.050 1.00 46.49 ? 49  GLU A N   1 
ATOM   378 C  CA  . GLU A 1 48  ? -2.750  -4.467  -13.453 1.00 47.88 ? 49  GLU A CA  1 
ATOM   379 C  C   . GLU A 1 48  ? -2.104  -3.813  -14.674 1.00 47.83 ? 49  GLU A C   1 
ATOM   380 O  O   . GLU A 1 48  ? -2.784  -3.511  -15.652 1.00 47.62 ? 49  GLU A O   1 
ATOM   381 C  CB  . GLU A 1 48  ? -3.230  -5.875  -13.811 1.00 49.70 ? 49  GLU A CB  1 
ATOM   382 C  CG  . GLU A 1 48  ? -2.111  -6.893  -13.997 1.00 53.03 ? 49  GLU A CG  1 
ATOM   383 C  CD  . GLU A 1 48  ? -2.635  -8.280  -14.333 1.00 55.63 ? 49  GLU A CD  1 
ATOM   384 O  OE1 . GLU A 1 48  ? -1.823  -9.230  -14.400 1.00 56.87 ? 49  GLU A OE1 1 
ATOM   385 O  OE2 . GLU A 1 48  ? -3.863  -8.420  -14.534 1.00 56.35 ? 49  GLU A OE2 1 
ATOM   386 N  N   . GLY A 1 49  ? -0.799  -3.575  -14.605 1.00 47.11 ? 50  GLY A N   1 
ATOM   387 C  CA  . GLY A 1 49  ? -0.115  -2.955  -15.724 1.00 45.89 ? 50  GLY A CA  1 
ATOM   388 C  C   . GLY A 1 49  ? 0.291   -1.519  -15.468 1.00 44.75 ? 50  GLY A C   1 
ATOM   389 O  O   . GLY A 1 49  ? 1.351   -1.084  -15.914 1.00 45.17 ? 50  GLY A O   1 
ATOM   390 N  N   . LYS A 1 50  ? -0.548  -0.775  -14.752 1.00 42.35 ? 51  LYS A N   1 
ATOM   391 C  CA  . LYS A 1 50  ? -0.245  0.617   -14.451 1.00 40.16 ? 51  LYS A CA  1 
ATOM   392 C  C   . LYS A 1 50  ? 0.037   0.807   -12.967 1.00 38.65 ? 51  LYS A C   1 
ATOM   393 O  O   . LYS A 1 50  ? 0.482   1.877   -12.555 1.00 37.64 ? 51  LYS A O   1 
ATOM   394 C  CB  . LYS A 1 50  ? -1.413  1.538   -14.823 1.00 40.96 ? 51  LYS A CB  1 
ATOM   395 C  CG  . LYS A 1 50  ? -2.001  1.354   -16.213 1.00 43.28 ? 51  LYS A CG  1 
ATOM   396 C  CD  . LYS A 1 50  ? -3.054  0.258   -16.223 1.00 44.15 ? 51  LYS A CD  1 
ATOM   397 C  CE  . LYS A 1 50  ? -3.981  0.404   -17.422 1.00 46.25 ? 51  LYS A CE  1 
ATOM   398 N  NZ  . LYS A 1 50  ? -4.731  1.698   -17.388 1.00 46.98 ? 51  LYS A NZ  1 
ATOM   399 N  N   . LEU A 1 51  ? -0.221  -0.231  -12.175 1.00 34.84 ? 52  LEU A N   1 
ATOM   400 C  CA  . LEU A 1 51  ? -0.034  -0.150  -10.730 1.00 33.59 ? 52  LEU A CA  1 
ATOM   401 C  C   . LEU A 1 51  ? 0.433   -1.445  -10.086 1.00 32.12 ? 52  LEU A C   1 
ATOM   402 O  O   . LEU A 1 51  ? 0.046   -2.540  -10.497 1.00 31.94 ? 52  LEU A O   1 
ATOM   403 C  CB  . LEU A 1 51  ? -1.351  0.273   -10.071 1.00 32.10 ? 52  LEU A CB  1 
ATOM   404 C  CG  . LEU A 1 51  ? -1.405  0.326   -8.542  1.00 30.96 ? 52  LEU A CG  1 
ATOM   405 C  CD1 . LEU A 1 51  ? -0.722  1.591   -8.054  1.00 27.89 ? 52  LEU A CD1 1 
ATOM   406 C  CD2 . LEU A 1 51  ? -2.859  0.303   -8.084  1.00 30.78 ? 52  LEU A CD2 1 
ATOM   407 N  N   . LEU A 1 52  ? 1.269   -1.301  -9.066  1.00 30.73 ? 53  LEU A N   1 
ATOM   408 C  CA  . LEU A 1 52  ? 1.785   -2.432  -8.313  1.00 29.90 ? 53  LEU A CA  1 
ATOM   409 C  C   . LEU A 1 52  ? 1.270   -2.281  -6.885  1.00 30.29 ? 53  LEU A C   1 
ATOM   410 O  O   . LEU A 1 52  ? 1.376   -1.207  -6.289  1.00 28.72 ? 53  LEU A O   1 
ATOM   411 C  CB  . LEU A 1 52  ? 3.317   -2.429  -8.299  1.00 30.92 ? 53  LEU A CB  1 
ATOM   412 C  CG  . LEU A 1 52  ? 3.977   -3.555  -7.488  1.00 33.09 ? 53  LEU A CG  1 
ATOM   413 C  CD1 . LEU A 1 52  ? 3.865   -4.869  -8.257  1.00 34.66 ? 53  LEU A CD1 1 
ATOM   414 C  CD2 . LEU A 1 52  ? 5.443   -3.224  -7.222  1.00 34.49 ? 53  LEU A CD2 1 
ATOM   415 N  N   . VAL A 1 53  ? 0.694   -3.349  -6.352  1.00 28.77 ? 54  VAL A N   1 
ATOM   416 C  CA  . VAL A 1 53  ? 0.181   -3.345  -4.991  1.00 27.02 ? 54  VAL A CA  1 
ATOM   417 C  C   . VAL A 1 53  ? 1.185   -4.115  -4.144  1.00 25.79 ? 54  VAL A C   1 
ATOM   418 O  O   . VAL A 1 53  ? 1.553   -5.240  -4.482  1.00 26.00 ? 54  VAL A O   1 
ATOM   419 C  CB  . VAL A 1 53  ? -1.210  -4.022  -4.916  1.00 27.37 ? 54  VAL A CB  1 
ATOM   420 C  CG1 . VAL A 1 53  ? -1.685  -4.102  -3.478  1.00 27.78 ? 54  VAL A CG1 1 
ATOM   421 C  CG2 . VAL A 1 53  ? -2.205  -3.234  -5.748  1.00 27.03 ? 54  VAL A CG2 1 
ATOM   422 N  N   . ALA A 1 54  ? 1.638   -3.497  -3.058  1.00 23.14 ? 55  ALA A N   1 
ATOM   423 C  CA  . ALA A 1 54  ? 2.618   -4.117  -2.173  1.00 24.71 ? 55  ALA A CA  1 
ATOM   424 C  C   . ALA A 1 54  ? 2.157   -4.073  -0.722  1.00 25.16 ? 55  ALA A C   1 
ATOM   425 O  O   . ALA A 1 54  ? 1.482   -3.133  -0.301  1.00 23.47 ? 55  ALA A O   1 
ATOM   426 C  CB  . ALA A 1 54  ? 3.962   -3.417  -2.322  1.00 23.52 ? 55  ALA A CB  1 
ATOM   427 N  N   . LYS A 1 55  ? 2.537   -5.089  0.046   1.00 26.00 ? 56  LYS A N   1 
ATOM   428 C  CA  . LYS A 1 55  ? 2.132   -5.178  1.443   1.00 25.94 ? 56  LYS A CA  1 
ATOM   429 C  C   . LYS A 1 55  ? 3.322   -5.121  2.387   1.00 25.50 ? 56  LYS A C   1 
ATOM   430 O  O   . LYS A 1 55  ? 4.325   -5.811  2.191   1.00 24.62 ? 56  LYS A O   1 
ATOM   431 C  CB  . LYS A 1 55  ? 1.344   -6.472  1.672   1.00 30.58 ? 56  LYS A CB  1 
ATOM   432 C  CG  . LYS A 1 55  ? 0.187   -6.660  0.693   1.00 34.20 ? 56  LYS A CG  1 
ATOM   433 C  CD  . LYS A 1 55  ? -0.755  -7.774  1.126   1.00 38.69 ? 56  LYS A CD  1 
ATOM   434 C  CE  . LYS A 1 55  ? -1.580  -7.364  2.334   1.00 40.52 ? 56  LYS A CE  1 
ATOM   435 N  NZ  . LYS A 1 55  ? -2.529  -8.438  2.753   1.00 43.23 ? 56  LYS A NZ  1 
ATOM   436 N  N   . LEU A 1 56  ? 3.199   -4.296  3.418   1.00 24.02 ? 57  LEU A N   1 
ATOM   437 C  CA  . LEU A 1 56  ? 4.264   -4.124  4.394   1.00 25.26 ? 57  LEU A CA  1 
ATOM   438 C  C   . LEU A 1 56  ? 3.754   -4.471  5.790   1.00 24.80 ? 57  LEU A C   1 
ATOM   439 O  O   . LEU A 1 56  ? 2.985   -3.718  6.386   1.00 23.80 ? 57  LEU A O   1 
ATOM   440 C  CB  . LEU A 1 56  ? 4.767   -2.673  4.350   1.00 23.49 ? 57  LEU A CB  1 
ATOM   441 C  CG  . LEU A 1 56  ? 5.994   -2.181  5.133   1.00 23.55 ? 57  LEU A CG  1 
ATOM   442 C  CD1 . LEU A 1 56  ? 5.747   -2.272  6.625   1.00 22.00 ? 57  LEU A CD1 1 
ATOM   443 C  CD2 . LEU A 1 56  ? 7.221   -2.989  4.726   1.00 21.18 ? 57  LEU A CD2 1 
ATOM   444 N  N   . ASP A 1 57  ? 4.180   -5.625  6.295   1.00 26.24 ? 58  ASP A N   1 
ATOM   445 C  CA  . ASP A 1 57  ? 3.794   -6.084  7.626   1.00 27.40 ? 58  ASP A CA  1 
ATOM   446 C  C   . ASP A 1 57  ? 4.575   -5.261  8.645   1.00 27.69 ? 58  ASP A C   1 
ATOM   447 O  O   . ASP A 1 57  ? 5.800   -5.384  8.744   1.00 24.88 ? 58  ASP A O   1 
ATOM   448 C  CB  . ASP A 1 57  ? 4.142   -7.564  7.790   1.00 30.74 ? 58  ASP A CB  1 
ATOM   449 C  CG  . ASP A 1 57  ? 3.695   -8.122  9.123   1.00 32.63 ? 58  ASP A CG  1 
ATOM   450 O  OD1 . ASP A 1 57  ? 4.020   -7.517  10.163  1.00 34.86 ? 58  ASP A OD1 1 
ATOM   451 O  OD2 . ASP A 1 57  ? 3.021   -9.173  9.130   1.00 40.63 ? 58  ASP A OD2 1 
ATOM   452 N  N   . VAL A 1 58  ? 3.867   -4.430  9.404   1.00 25.71 ? 59  VAL A N   1 
ATOM   453 C  CA  . VAL A 1 58  ? 4.506   -3.569  10.386  1.00 27.76 ? 59  VAL A CA  1 
ATOM   454 C  C   . VAL A 1 58  ? 5.203   -4.301  11.534  1.00 29.46 ? 59  VAL A C   1 
ATOM   455 O  O   . VAL A 1 58  ? 6.131   -3.760  12.142  1.00 31.27 ? 59  VAL A O   1 
ATOM   456 C  CB  . VAL A 1 58  ? 3.494   -2.553  10.968  1.00 26.47 ? 59  VAL A CB  1 
ATOM   457 C  CG1 . VAL A 1 58  ? 3.008   -1.621  9.865   1.00 23.55 ? 59  VAL A CG1 1 
ATOM   458 C  CG2 . VAL A 1 58  ? 2.315   -3.287  11.594  1.00 26.56 ? 59  VAL A CG2 1 
ATOM   459 N  N   . ASP A 1 59  ? 4.778   -5.527  11.828  1.00 31.19 ? 60  ASP A N   1 
ATOM   460 C  CA  . ASP A 1 59  ? 5.399   -6.294  12.912  1.00 33.48 ? 60  ASP A CA  1 
ATOM   461 C  C   . ASP A 1 59  ? 6.795   -6.791  12.539  1.00 33.99 ? 60  ASP A C   1 
ATOM   462 O  O   . ASP A 1 59  ? 7.713   -6.785  13.367  1.00 34.42 ? 60  ASP A O   1 
ATOM   463 C  CB  . ASP A 1 59  ? 4.522   -7.489  13.302  1.00 34.58 ? 60  ASP A CB  1 
ATOM   464 C  CG  . ASP A 1 59  ? 3.235   -7.069  13.980  1.00 37.57 ? 60  ASP A CG  1 
ATOM   465 O  OD1 . ASP A 1 59  ? 3.285   -6.134  14.807  1.00 38.84 ? 60  ASP A OD1 1 
ATOM   466 O  OD2 . ASP A 1 59  ? 2.181   -7.675  13.698  1.00 38.25 ? 60  ASP A OD2 1 
ATOM   467 N  N   . GLU A 1 60  ? 6.952   -7.207  11.288  1.00 32.24 ? 61  GLU A N   1 
ATOM   468 C  CA  . GLU A 1 60  ? 8.228   -7.707  10.795  1.00 31.69 ? 61  GLU A CA  1 
ATOM   469 C  C   . GLU A 1 60  ? 9.120   -6.568  10.282  1.00 30.40 ? 61  GLU A C   1 
ATOM   470 O  O   . GLU A 1 60  ? 10.333  -6.718  10.187  1.00 30.54 ? 61  GLU A O   1 
ATOM   471 C  CB  . GLU A 1 60  ? 7.969   -8.722  9.675   1.00 35.88 ? 61  GLU A CB  1 
ATOM   472 C  CG  . GLU A 1 60  ? 9.192   -9.498  9.206   1.00 41.21 ? 61  GLU A CG  1 
ATOM   473 C  CD  . GLU A 1 60  ? 9.847   -10.293 10.324  1.00 44.85 ? 61  GLU A CD  1 
ATOM   474 O  OE1 . GLU A 1 60  ? 9.114   -10.950 11.096  1.00 45.23 ? 61  GLU A OE1 1 
ATOM   475 O  OE2 . GLU A 1 60  ? 11.094  -10.266 10.422  1.00 45.90 ? 61  GLU A OE2 1 
ATOM   476 N  N   . ASN A 1 61  ? 8.519   -5.422  9.975   1.00 26.13 ? 62  ASN A N   1 
ATOM   477 C  CA  . ASN A 1 61  ? 9.269   -4.282  9.454   1.00 26.03 ? 62  ASN A CA  1 
ATOM   478 C  C   . ASN A 1 61  ? 9.005   -2.995  10.238  1.00 23.89 ? 62  ASN A C   1 
ATOM   479 O  O   . ASN A 1 61  ? 8.550   -1.992  9.680   1.00 24.31 ? 62  ASN A O   1 
ATOM   480 C  CB  . ASN A 1 61  ? 8.906   -4.081  7.987   1.00 25.42 ? 62  ASN A CB  1 
ATOM   481 C  CG  . ASN A 1 61  ? 9.110   -5.341  7.168   1.00 26.96 ? 62  ASN A CG  1 
ATOM   482 O  OD1 . ASN A 1 61  ? 10.235  -5.678  6.804   1.00 26.19 ? 62  ASN A OD1 1 
ATOM   483 N  ND2 . ASN A 1 61  ? 8.019   -6.057  6.895   1.00 25.55 ? 62  ASN A ND2 1 
ATOM   484 N  N   . PRO A 1 62  ? 9.321   -2.996  11.538  1.00 23.20 ? 63  PRO A N   1 
ATOM   485 C  CA  . PRO A 1 62  ? 9.096   -1.813  12.374  1.00 21.64 ? 63  PRO A CA  1 
ATOM   486 C  C   . PRO A 1 62  ? 9.831   -0.541  11.953  1.00 22.28 ? 63  PRO A C   1 
ATOM   487 O  O   . PRO A 1 62  ? 9.323   0.555   12.155  1.00 21.15 ? 63  PRO A O   1 
ATOM   488 C  CB  . PRO A 1 62  ? 9.514   -2.291  13.765  1.00 22.15 ? 63  PRO A CB  1 
ATOM   489 C  CG  . PRO A 1 62  ? 10.605  -3.294  13.452  1.00 23.05 ? 63  PRO A CG  1 
ATOM   490 C  CD  . PRO A 1 62  ? 9.985   -4.067  12.307  1.00 22.59 ? 63  PRO A CD  1 
ATOM   491 N  N   . LYS A 1 63  ? 11.021  -0.679  11.377  1.00 21.68 ? 64  LYS A N   1 
ATOM   492 C  CA  . LYS A 1 63  ? 11.765  0.505   10.971  1.00 23.00 ? 64  LYS A CA  1 
ATOM   493 C  C   . LYS A 1 63  ? 11.113  1.194   9.779   1.00 22.86 ? 64  LYS A C   1 
ATOM   494 O  O   . LYS A 1 63  ? 11.225  2.409   9.618   1.00 21.87 ? 64  LYS A O   1 
ATOM   495 C  CB  . LYS A 1 63  ? 13.228  0.147   10.671  1.00 23.25 ? 64  LYS A CB  1 
ATOM   496 C  CG  . LYS A 1 63  ? 13.988  -0.304  11.917  1.00 25.59 ? 64  LYS A CG  1 
ATOM   497 C  CD  . LYS A 1 63  ? 15.495  -0.454  11.682  1.00 27.73 ? 64  LYS A CD  1 
ATOM   498 C  CE  . LYS A 1 63  ? 15.791  -1.638  10.776  1.00 29.88 ? 64  LYS A CE  1 
ATOM   499 N  NZ  . LYS A 1 63  ? 15.219  -2.891  11.348  1.00 30.99 ? 64  LYS A NZ  1 
ATOM   500 N  N   . THR A 1 64  ? 10.414  0.421   8.952   1.00 21.32 ? 65  THR A N   1 
ATOM   501 C  CA  . THR A 1 64  ? 9.738   0.982   7.787   1.00 21.82 ? 65  THR A CA  1 
ATOM   502 C  C   . THR A 1 64  ? 8.475   1.700   8.217   1.00 20.64 ? 65  THR A C   1 
ATOM   503 O  O   . THR A 1 64  ? 8.101   2.713   7.627   1.00 21.65 ? 65  THR A O   1 
ATOM   504 C  CB  . THR A 1 64  ? 9.353   -0.107  6.772   1.00 23.28 ? 65  THR A CB  1 
ATOM   505 O  OG1 . THR A 1 64  ? 10.517  -0.860  6.419   1.00 25.61 ? 65  THR A OG1 1 
ATOM   506 C  CG2 . THR A 1 64  ? 8.760   0.530   5.516   1.00 20.40 ? 65  THR A CG2 1 
ATOM   507 N  N   . ALA A 1 65  ? 7.807   1.167   9.236   1.00 21.66 ? 66  ALA A N   1 
ATOM   508 C  CA  . ALA A 1 65  ? 6.592   1.796   9.739   1.00 22.36 ? 66  ALA A CA  1 
ATOM   509 C  C   . ALA A 1 65  ? 6.999   3.097   10.425  1.00 23.40 ? 66  ALA A C   1 
ATOM   510 O  O   . ALA A 1 65  ? 6.330   4.114   10.286  1.00 22.86 ? 66  ALA A O   1 
ATOM   511 C  CB  . ALA A 1 65  ? 5.893   0.883   10.726  1.00 22.27 ? 66  ALA A CB  1 
HETATM 512 N  N   . MSE A 1 66  ? 8.105   3.047   11.163  1.00 24.17 ? 67  MSE A N   1 
HETATM 513 C  CA  . MSE A 1 66  ? 8.628   4.215   11.864  1.00 25.65 ? 67  MSE A CA  1 
HETATM 514 C  C   . MSE A 1 66  ? 9.035   5.259   10.827  1.00 23.92 ? 67  MSE A C   1 
HETATM 515 O  O   . MSE A 1 66  ? 8.795   6.461   10.988  1.00 24.04 ? 67  MSE A O   1 
HETATM 516 C  CB  . MSE A 1 66  ? 9.846   3.808   12.698  1.00 29.18 ? 67  MSE A CB  1 
HETATM 517 C  CG  . MSE A 1 66  ? 10.539  4.947   13.425  1.00 35.66 ? 67  MSE A CG  1 
HETATM 518 SE SE  . MSE A 1 66  ? 9.459   5.638   14.857  1.00 44.24 ? 67  MSE A SE  1 
HETATM 519 C  CE  . MSE A 1 66  ? 8.788   7.242   14.022  1.00 38.09 ? 67  MSE A CE  1 
ATOM   520 N  N   . ARG A 1 67  ? 9.658   4.780   9.760   1.00 23.69 ? 68  ARG A N   1 
ATOM   521 C  CA  . ARG A 1 67  ? 10.111  5.640   8.682   1.00 22.94 ? 68  ARG A CA  1 
ATOM   522 C  C   . ARG A 1 67  ? 9.022   6.601   8.202   1.00 23.91 ? 68  ARG A C   1 
ATOM   523 O  O   . ARG A 1 67  ? 9.264   7.797   8.052   1.00 24.24 ? 68  ARG A O   1 
ATOM   524 C  CB  . ARG A 1 67  ? 10.610  4.770   7.527   1.00 23.50 ? 68  ARG A CB  1 
ATOM   525 C  CG  . ARG A 1 67  ? 11.096  5.543   6.342   1.00 24.85 ? 68  ARG A CG  1 
ATOM   526 C  CD  . ARG A 1 67  ? 11.747  4.638   5.330   1.00 23.16 ? 68  ARG A CD  1 
ATOM   527 N  NE  . ARG A 1 67  ? 12.095  5.383   4.130   1.00 23.27 ? 68  ARG A NE  1 
ATOM   528 C  CZ  . ARG A 1 67  ? 12.776  4.880   3.108   1.00 25.00 ? 68  ARG A CZ  1 
ATOM   529 N  NH1 . ARG A 1 67  ? 13.188  3.621   3.142   1.00 22.91 ? 68  ARG A NH1 1 
ATOM   530 N  NH2 . ARG A 1 67  ? 13.040  5.636   2.053   1.00 23.44 ? 68  ARG A NH2 1 
ATOM   531 N  N   . TYR A 1 68  ? 7.823   6.082   7.966   1.00 25.26 ? 69  TYR A N   1 
ATOM   532 C  CA  . TYR A 1 68  ? 6.711   6.909   7.509   1.00 28.13 ? 69  TYR A CA  1 
ATOM   533 C  C   . TYR A 1 68  ? 5.765   7.260   8.650   1.00 29.46 ? 69  TYR A C   1 
ATOM   534 O  O   . TYR A 1 68  ? 4.685   7.809   8.432   1.00 33.72 ? 69  TYR A O   1 
ATOM   535 C  CB  . TYR A 1 68  ? 5.954   6.184   6.398   1.00 28.81 ? 69  TYR A CB  1 
ATOM   536 C  CG  . TYR A 1 68  ? 6.756   6.089   5.128   1.00 28.37 ? 69  TYR A CG  1 
ATOM   537 C  CD1 . TYR A 1 68  ? 6.768   7.137   4.212   1.00 31.03 ? 69  TYR A CD1 1 
ATOM   538 C  CD2 . TYR A 1 68  ? 7.552   4.978   4.866   1.00 32.86 ? 69  TYR A CD2 1 
ATOM   539 C  CE1 . TYR A 1 68  ? 7.551   7.083   3.062   1.00 31.79 ? 69  TYR A CE1 1 
ATOM   540 C  CE2 . TYR A 1 68  ? 8.343   4.914   3.723   1.00 32.35 ? 69  TYR A CE2 1 
ATOM   541 C  CZ  . TYR A 1 68  ? 8.333   5.972   2.828   1.00 32.59 ? 69  TYR A CZ  1 
ATOM   542 O  OH  . TYR A 1 68  ? 9.108   5.922   1.695   1.00 35.91 ? 69  TYR A OH  1 
ATOM   543 N  N   . ARG A 1 69  ? 6.190   6.945   9.867   1.00 28.68 ? 70  ARG A N   1 
ATOM   544 C  CA  . ARG A 1 69  ? 5.402   7.203   11.063  1.00 28.42 ? 70  ARG A CA  1 
ATOM   545 C  C   . ARG A 1 69  ? 3.975   6.667   10.933  1.00 30.43 ? 70  ARG A C   1 
ATOM   546 O  O   . ARG A 1 69  ? 2.998   7.361   11.233  1.00 28.85 ? 70  ARG A O   1 
ATOM   547 C  CB  . ARG A 1 69  ? 5.397   8.703   11.385  1.00 28.66 ? 70  ARG A CB  1 
ATOM   548 C  CG  . ARG A 1 69  ? 6.766   9.240   11.791  1.00 29.57 ? 70  ARG A CG  1 
ATOM   549 C  CD  . ARG A 1 69  ? 6.729   10.729  12.135  1.00 31.43 ? 70  ARG A CD  1 
ATOM   550 N  NE  . ARG A 1 69  ? 5.840   10.998  13.261  1.00 32.27 ? 70  ARG A NE  1 
ATOM   551 C  CZ  . ARG A 1 69  ? 6.162   10.812  14.538  1.00 33.09 ? 70  ARG A CZ  1 
ATOM   552 N  NH1 . ARG A 1 69  ? 7.367   10.366  14.873  1.00 31.33 ? 70  ARG A NH1 1 
ATOM   553 N  NH2 . ARG A 1 69  ? 5.262   11.044  15.479  1.00 33.29 ? 70  ARG A NH2 1 
ATOM   554 N  N   . VAL A 1 70  ? 3.869   5.424   10.475  1.00 29.03 ? 71  VAL A N   1 
ATOM   555 C  CA  . VAL A 1 70  ? 2.580   4.757   10.329  1.00 31.41 ? 71  VAL A CA  1 
ATOM   556 C  C   . VAL A 1 70  ? 2.311   4.066   11.655  1.00 33.30 ? 71  VAL A C   1 
ATOM   557 O  O   . VAL A 1 70  ? 2.777   2.950   11.885  1.00 35.61 ? 71  VAL A O   1 
ATOM   558 C  CB  . VAL A 1 70  ? 2.621   3.691   9.213   1.00 28.09 ? 71  VAL A CB  1 
ATOM   559 C  CG1 . VAL A 1 70  ? 1.311   2.912   9.184   1.00 28.41 ? 71  VAL A CG1 1 
ATOM   560 C  CG2 . VAL A 1 70  ? 2.881   4.355   7.878   1.00 26.58 ? 71  VAL A CG2 1 
HETATM 561 N  N   . MSE A 1 71  ? 1.565   4.723   12.535  1.00 37.00 ? 72  MSE A N   1 
HETATM 562 C  CA  . MSE A 1 71  ? 1.293   4.136   13.840  1.00 39.83 ? 72  MSE A CA  1 
HETATM 563 C  C   . MSE A 1 71  ? -0.161  3.795   14.091  1.00 39.67 ? 72  MSE A C   1 
HETATM 564 O  O   . MSE A 1 71  ? -0.583  3.625   15.237  1.00 38.86 ? 72  MSE A O   1 
HETATM 565 C  CB  . MSE A 1 71  ? 1.787   5.060   14.935  1.00 43.58 ? 72  MSE A CB  1 
HETATM 566 C  CG  . MSE A 1 71  ? 1.047   6.352   15.008  1.00 48.35 ? 72  MSE A CG  1 
HETATM 567 SE SE  . MSE A 1 71  ? 2.084   7.514   16.094  1.00 55.79 ? 72  MSE A SE  1 
HETATM 568 C  CE  . MSE A 1 71  ? 3.254   8.175   14.707  1.00 49.92 ? 72  MSE A CE  1 
ATOM   569 N  N   . SER A 1 72  ? -0.927  3.728   13.013  1.00 38.12 ? 73  SER A N   1 
ATOM   570 C  CA  . SER A 1 72  ? -2.326  3.346   13.085  1.00 37.28 ? 73  SER A CA  1 
ATOM   571 C  C   . SER A 1 72  ? -2.529  2.610   11.776  1.00 35.01 ? 73  SER A C   1 
ATOM   572 O  O   . SER A 1 72  ? -2.213  3.130   10.707  1.00 33.30 ? 73  SER A O   1 
ATOM   573 C  CB  . SER A 1 72  ? -3.251  4.569   13.166  1.00 40.17 ? 73  SER A CB  1 
ATOM   574 O  OG  . SER A 1 72  ? -3.415  5.189   11.904  1.00 43.72 ? 73  SER A OG  1 
ATOM   575 N  N   . ILE A 1 73  ? -3.007  1.379   11.860  1.00 32.41 ? 74  ILE A N   1 
ATOM   576 C  CA  . ILE A 1 73  ? -3.231  0.605   10.657  1.00 30.42 ? 74  ILE A CA  1 
ATOM   577 C  C   . ILE A 1 73  ? -4.688  0.168   10.599  1.00 30.67 ? 74  ILE A C   1 
ATOM   578 O  O   . ILE A 1 73  ? -5.369  0.118   11.624  1.00 32.43 ? 74  ILE A O   1 
ATOM   579 C  CB  . ILE A 1 73  ? -2.303  -0.631  10.603  1.00 28.56 ? 74  ILE A CB  1 
ATOM   580 C  CG1 . ILE A 1 73  ? -2.445  -1.463  11.878  1.00 30.16 ? 74  ILE A CG1 1 
ATOM   581 C  CG2 . ILE A 1 73  ? -0.850  -0.183  10.434  1.00 26.99 ? 74  ILE A CG2 1 
ATOM   582 C  CD1 . ILE A 1 73  ? -1.671  -2.757  11.835  1.00 29.24 ? 74  ILE A CD1 1 
ATOM   583 N  N   . PRO A 1 74  ? -5.188  -0.135  9.395   1.00 27.04 ? 75  PRO A N   1 
ATOM   584 C  CA  . PRO A 1 74  ? -4.443  -0.076  8.137   1.00 26.10 ? 75  PRO A CA  1 
ATOM   585 C  C   . PRO A 1 74  ? -4.202  1.341   7.613   1.00 24.69 ? 75  PRO A C   1 
ATOM   586 O  O   . PRO A 1 74  ? -5.030  2.234   7.795   1.00 26.42 ? 75  PRO A O   1 
ATOM   587 C  CB  . PRO A 1 74  ? -5.319  -0.892  7.188   1.00 28.03 ? 75  PRO A CB  1 
ATOM   588 C  CG  . PRO A 1 74  ? -6.704  -0.567  7.683   1.00 28.90 ? 75  PRO A CG  1 
ATOM   589 C  CD  . PRO A 1 74  ? -6.535  -0.699  9.181   1.00 28.55 ? 75  PRO A CD  1 
ATOM   590 N  N   . THR A 1 75  ? -3.045  1.531   6.986   1.00 22.28 ? 76  THR A N   1 
ATOM   591 C  CA  . THR A 1 75  ? -2.675  2.797   6.368   1.00 21.69 ? 76  THR A CA  1 
ATOM   592 C  C   . THR A 1 75  ? -2.134  2.446   4.990   1.00 21.99 ? 76  THR A C   1 
ATOM   593 O  O   . THR A 1 75  ? -1.217  1.627   4.871   1.00 22.59 ? 76  THR A O   1 
ATOM   594 C  CB  . THR A 1 75  ? -1.553  3.540   7.132   1.00 20.60 ? 76  THR A CB  1 
ATOM   595 O  OG1 . THR A 1 75  ? -2.065  4.057   8.364   1.00 21.25 ? 76  THR A OG1 1 
ATOM   596 C  CG2 . THR A 1 75  ? -1.016  4.705   6.289   1.00 20.98 ? 76  THR A CG2 1 
ATOM   597 N  N   . VAL A 1 76  ? -2.698  3.046   3.951   1.00 20.00 ? 77  VAL A N   1 
ATOM   598 C  CA  . VAL A 1 76  ? -2.220  2.784   2.596   1.00 20.10 ? 77  VAL A CA  1 
ATOM   599 C  C   . VAL A 1 76  ? -1.580  4.048   2.013   1.00 19.77 ? 77  VAL A C   1 
ATOM   600 O  O   . VAL A 1 76  ? -2.149  5.145   2.086   1.00 20.32 ? 77  VAL A O   1 
ATOM   601 C  CB  . VAL A 1 76  ? -3.371  2.299   1.673   1.00 22.83 ? 77  VAL A CB  1 
ATOM   602 C  CG1 . VAL A 1 76  ? -2.856  2.059   0.260   1.00 24.33 ? 77  VAL A CG1 1 
ATOM   603 C  CG2 . VAL A 1 76  ? -3.966  1.003   2.219   1.00 23.03 ? 77  VAL A CG2 1 
ATOM   604 N  N   . ILE A 1 77  ? -0.379  3.895   1.459   1.00 18.68 ? 78  ILE A N   1 
ATOM   605 C  CA  . ILE A 1 77  ? 0.326   5.025   0.859   1.00 18.56 ? 78  ILE A CA  1 
ATOM   606 C  C   . ILE A 1 77  ? 0.629   4.732   -0.605  1.00 18.66 ? 78  ILE A C   1 
ATOM   607 O  O   . ILE A 1 77  ? 1.139   3.663   -0.956  1.00 18.06 ? 78  ILE A O   1 
ATOM   608 C  CB  . ILE A 1 77  ? 1.649   5.347   1.601   1.00 18.80 ? 78  ILE A CB  1 
ATOM   609 C  CG1 . ILE A 1 77  ? 1.364   5.592   3.089   1.00 20.45 ? 78  ILE A CG1 1 
ATOM   610 C  CG2 . ILE A 1 77  ? 2.311   6.586   0.975   1.00 19.01 ? 78  ILE A CG2 1 
ATOM   611 C  CD1 . ILE A 1 77  ? 2.593   5.837   3.937   1.00 21.05 ? 78  ILE A CD1 1 
ATOM   612 N  N   . LEU A 1 78  ? 0.282   5.691   -1.455  1.00 20.14 ? 79  LEU A N   1 
ATOM   613 C  CA  . LEU A 1 78  ? 0.494   5.585   -2.890  1.00 20.87 ? 79  LEU A CA  1 
ATOM   614 C  C   . LEU A 1 78  ? 1.742   6.373   -3.242  1.00 20.36 ? 79  LEU A C   1 
ATOM   615 O  O   . LEU A 1 78  ? 1.882   7.529   -2.841  1.00 19.71 ? 79  LEU A O   1 
ATOM   616 C  CB  . LEU A 1 78  ? -0.705  6.169   -3.644  1.00 20.76 ? 79  LEU A CB  1 
ATOM   617 C  CG  . LEU A 1 78  ? -0.606  6.181   -5.172  1.00 23.37 ? 79  LEU A CG  1 
ATOM   618 C  CD1 . LEU A 1 78  ? -0.699  4.744   -5.716  1.00 24.14 ? 79  LEU A CD1 1 
ATOM   619 C  CD2 . LEU A 1 78  ? -1.726  7.045   -5.738  1.00 22.88 ? 79  LEU A CD2 1 
ATOM   620 N  N   . PHE A 1 79  ? 2.645   5.735   -3.981  1.00 21.33 ? 80  PHE A N   1 
ATOM   621 C  CA  . PHE A 1 79  ? 3.903   6.350   -4.390  1.00 20.94 ? 80  PHE A CA  1 
ATOM   622 C  C   . PHE A 1 79  ? 3.932   6.485   -5.905  1.00 22.67 ? 80  PHE A C   1 
ATOM   623 O  O   . PHE A 1 79  ? 3.621   5.532   -6.620  1.00 25.68 ? 80  PHE A O   1 
ATOM   624 C  CB  . PHE A 1 79  ? 5.092   5.478   -3.973  1.00 19.54 ? 80  PHE A CB  1 
ATOM   625 C  CG  . PHE A 1 79  ? 5.286   5.375   -2.492  1.00 19.98 ? 80  PHE A CG  1 
ATOM   626 C  CD1 . PHE A 1 79  ? 6.255   6.142   -1.849  1.00 19.19 ? 80  PHE A CD1 1 
ATOM   627 C  CD2 . PHE A 1 79  ? 4.496   4.521   -1.735  1.00 19.65 ? 80  PHE A CD2 1 
ATOM   628 C  CE1 . PHE A 1 79  ? 6.434   6.059   -0.466  1.00 21.82 ? 80  PHE A CE1 1 
ATOM   629 C  CE2 . PHE A 1 79  ? 4.666   4.430   -0.353  1.00 20.46 ? 80  PHE A CE2 1 
ATOM   630 C  CZ  . PHE A 1 79  ? 5.640   5.204   0.283   1.00 18.65 ? 80  PHE A CZ  1 
ATOM   631 N  N   . LYS A 1 80  ? 4.306   7.665   -6.381  1.00 22.56 ? 81  LYS A N   1 
ATOM   632 C  CA  . LYS A 1 80  ? 4.413   7.915   -7.812  1.00 25.10 ? 81  LYS A CA  1 
ATOM   633 C  C   . LYS A 1 80  ? 5.877   8.192   -8.104  1.00 25.11 ? 81  LYS A C   1 
ATOM   634 O  O   . LYS A 1 80  ? 6.460   9.120   -7.544  1.00 23.95 ? 81  LYS A O   1 
ATOM   635 C  CB  . LYS A 1 80  ? 3.567   9.116   -8.229  1.00 26.68 ? 81  LYS A CB  1 
ATOM   636 C  CG  . LYS A 1 80  ? 3.675   9.421   -9.722  1.00 28.76 ? 81  LYS A CG  1 
ATOM   637 C  CD  . LYS A 1 80  ? 2.562   10.347  -10.192 1.00 34.13 ? 81  LYS A CD  1 
ATOM   638 C  CE  . LYS A 1 80  ? 2.653   11.722  -9.549  1.00 33.51 ? 81  LYS A CE  1 
ATOM   639 N  NZ  . LYS A 1 80  ? 1.550   12.617  -10.032 1.00 34.88 ? 81  LYS A NZ  1 
ATOM   640 N  N   . ASP A 1 81  ? 6.459   7.391   -8.990  1.00 27.02 ? 82  ASP A N   1 
ATOM   641 C  CA  . ASP A 1 81  ? 7.868   7.522   -9.328  1.00 29.06 ? 82  ASP A CA  1 
ATOM   642 C  C   . ASP A 1 81  ? 8.692   7.562   -8.049  1.00 28.81 ? 82  ASP A C   1 
ATOM   643 O  O   . ASP A 1 81  ? 9.559   8.423   -7.874  1.00 28.22 ? 82  ASP A O   1 
ATOM   644 C  CB  . ASP A 1 81  ? 8.119   8.784   -10.160 1.00 32.11 ? 82  ASP A CB  1 
ATOM   645 C  CG  . ASP A 1 81  ? 7.515   8.686   -11.544 1.00 34.54 ? 82  ASP A CG  1 
ATOM   646 O  OD1 . ASP A 1 81  ? 7.515   7.571   -12.108 1.00 35.82 ? 82  ASP A OD1 1 
ATOM   647 O  OD2 . ASP A 1 81  ? 7.051   9.717   -12.071 1.00 36.75 ? 82  ASP A OD2 1 
ATOM   648 N  N   . GLY A 1 82  ? 8.390   6.623   -7.153  1.00 28.08 ? 83  GLY A N   1 
ATOM   649 C  CA  . GLY A 1 82  ? 9.106   6.511   -5.893  1.00 26.30 ? 83  GLY A CA  1 
ATOM   650 C  C   . GLY A 1 82  ? 8.774   7.498   -4.791  1.00 26.14 ? 83  GLY A C   1 
ATOM   651 O  O   . GLY A 1 82  ? 9.268   7.355   -3.677  1.00 27.25 ? 83  GLY A O   1 
ATOM   652 N  N   . GLN A 1 83  ? 7.941   8.492   -5.080  1.00 26.48 ? 84  GLN A N   1 
ATOM   653 C  CA  . GLN A 1 83  ? 7.593   9.495   -4.076  1.00 25.10 ? 84  GLN A CA  1 
ATOM   654 C  C   . GLN A 1 83  ? 6.147   9.351   -3.587  1.00 23.17 ? 84  GLN A C   1 
ATOM   655 O  O   . GLN A 1 83  ? 5.238   9.129   -4.383  1.00 23.98 ? 84  GLN A O   1 
ATOM   656 C  CB  . GLN A 1 83  ? 7.819   10.893  -4.654  1.00 28.43 ? 84  GLN A CB  1 
ATOM   657 C  CG  . GLN A 1 83  ? 9.270   11.159  -5.068  1.00 33.74 ? 84  GLN A CG  1 
ATOM   658 C  CD  . GLN A 1 83  ? 9.495   12.576  -5.583  1.00 37.03 ? 84  GLN A CD  1 
ATOM   659 O  OE1 . GLN A 1 83  ? 9.316   12.859  -6.772  1.00 37.01 ? 84  GLN A OE1 1 
ATOM   660 N  NE2 . GLN A 1 83  ? 9.876   13.478  -4.681  1.00 36.35 ? 84  GLN A NE2 1 
ATOM   661 N  N   . PRO A 1 84  ? 5.920   9.466   -2.267  1.00 22.15 ? 85  PRO A N   1 
ATOM   662 C  CA  . PRO A 1 84  ? 4.560   9.338   -1.726  1.00 21.37 ? 85  PRO A CA  1 
ATOM   663 C  C   . PRO A 1 84  ? 3.700   10.507  -2.178  1.00 22.20 ? 85  PRO A C   1 
ATOM   664 O  O   . PRO A 1 84  ? 4.133   11.659  -2.112  1.00 22.15 ? 85  PRO A O   1 
ATOM   665 C  CB  . PRO A 1 84  ? 4.789   9.322   -0.218  1.00 23.06 ? 85  PRO A CB  1 
ATOM   666 C  CG  . PRO A 1 84  ? 6.001   10.197  -0.064  1.00 24.38 ? 85  PRO A CG  1 
ATOM   667 C  CD  . PRO A 1 84  ? 6.890   9.701   -1.184  1.00 22.40 ? 85  PRO A CD  1 
ATOM   668 N  N   . VAL A 1 85  ? 2.495   10.210  -2.662  1.00 22.94 ? 86  VAL A N   1 
ATOM   669 C  CA  . VAL A 1 85  ? 1.602   11.264  -3.130  1.00 22.80 ? 86  VAL A CA  1 
ATOM   670 C  C   . VAL A 1 85  ? 0.206   11.260  -2.505  1.00 22.72 ? 86  VAL A C   1 
ATOM   671 O  O   . VAL A 1 85  ? -0.481  12.277  -2.520  1.00 21.35 ? 86  VAL A O   1 
ATOM   672 C  CB  . VAL A 1 85  ? 1.456   11.235  -4.677  1.00 21.93 ? 86  VAL A CB  1 
ATOM   673 C  CG1 . VAL A 1 85  ? 2.809   11.502  -5.334  1.00 24.52 ? 86  VAL A CG1 1 
ATOM   674 C  CG2 . VAL A 1 85  ? 0.905   9.895   -5.136  1.00 24.54 ? 86  VAL A CG2 1 
ATOM   675 N  N   . GLU A 1 86  ? -0.221  10.120  -1.964  1.00 23.47 ? 87  GLU A N   1 
ATOM   676 C  CA  . GLU A 1 86  ? -1.541  10.025  -1.339  1.00 21.78 ? 87  GLU A CA  1 
ATOM   677 C  C   . GLU A 1 86  ? -1.506  9.052   -0.161  1.00 21.85 ? 87  GLU A C   1 
ATOM   678 O  O   . GLU A 1 86  ? -0.742  8.086   -0.163  1.00 22.30 ? 87  GLU A O   1 
ATOM   679 C  CB  . GLU A 1 86  ? -2.579  9.536   -2.354  1.00 22.46 ? 87  GLU A CB  1 
ATOM   680 C  CG  . GLU A 1 86  ? -2.668  10.336  -3.650  1.00 25.09 ? 87  GLU A CG  1 
ATOM   681 C  CD  . GLU A 1 86  ? -3.308  11.708  -3.478  1.00 27.02 ? 87  GLU A CD  1 
ATOM   682 O  OE1 . GLU A 1 86  ? -3.951  11.962  -2.439  1.00 26.11 ? 87  GLU A OE1 1 
ATOM   683 O  OE2 . GLU A 1 86  ? -3.180  12.533  -4.400  1.00 31.87 ? 87  GLU A OE2 1 
ATOM   684 N  N   . VAL A 1 87  ? -2.338  9.316   0.843   1.00 20.19 ? 88  VAL A N   1 
ATOM   685 C  CA  . VAL A 1 87  ? -2.419  8.462   2.023   1.00 21.73 ? 88  VAL A CA  1 
ATOM   686 C  C   . VAL A 1 87  ? -3.889  8.190   2.335   1.00 21.06 ? 88  VAL A C   1 
ATOM   687 O  O   . VAL A 1 87  ? -4.728  9.090   2.263   1.00 20.13 ? 88  VAL A O   1 
ATOM   688 C  CB  . VAL A 1 87  ? -1.764  9.132   3.266   1.00 22.81 ? 88  VAL A CB  1 
ATOM   689 C  CG1 . VAL A 1 87  ? -1.879  8.223   4.481   1.00 23.22 ? 88  VAL A CG1 1 
ATOM   690 C  CG2 . VAL A 1 87  ? -0.296  9.437   2.983   1.00 23.71 ? 88  VAL A CG2 1 
ATOM   691 N  N   . LEU A 1 88  ? -4.198  6.937   2.639   1.00 18.76 ? 89  LEU A N   1 
ATOM   692 C  CA  . LEU A 1 88  ? -5.554  6.554   3.000   1.00 18.89 ? 89  LEU A CA  1 
ATOM   693 C  C   . LEU A 1 88  ? -5.463  5.831   4.334   1.00 18.92 ? 89  LEU A C   1 
ATOM   694 O  O   . LEU A 1 88  ? -4.898  4.730   4.432   1.00 19.29 ? 89  LEU A O   1 
ATOM   695 C  CB  . LEU A 1 88  ? -6.182  5.638   1.937   1.00 21.95 ? 89  LEU A CB  1 
ATOM   696 C  CG  . LEU A 1 88  ? -6.425  6.273   0.563   1.00 22.67 ? 89  LEU A CG  1 
ATOM   697 C  CD1 . LEU A 1 88  ? -5.277  5.910   -0.365  1.00 24.22 ? 89  LEU A CD1 1 
ATOM   698 C  CD2 . LEU A 1 88  ? -7.737  5.771   -0.025  1.00 22.89 ? 89  LEU A CD2 1 
ATOM   699 N  N   . VAL A 1 89  ? -6.007  6.465   5.370   1.00 17.30 ? 90  VAL A N   1 
ATOM   700 C  CA  . VAL A 1 89  ? -5.979  5.901   6.713   1.00 23.00 ? 90  VAL A CA  1 
ATOM   701 C  C   . VAL A 1 89  ? -7.266  5.154   7.049   1.00 23.90 ? 90  VAL A C   1 
ATOM   702 O  O   . VAL A 1 89  ? -8.359  5.671   6.841   1.00 24.39 ? 90  VAL A O   1 
ATOM   703 C  CB  . VAL A 1 89  ? -5.772  7.012   7.775   1.00 23.62 ? 90  VAL A CB  1 
ATOM   704 C  CG1 . VAL A 1 89  ? -5.882  6.433   9.163   1.00 26.70 ? 90  VAL A CG1 1 
ATOM   705 C  CG2 . VAL A 1 89  ? -4.394  7.667   7.587   1.00 25.63 ? 90  VAL A CG2 1 
ATOM   706 N  N   . GLY A 1 90  ? -7.122  3.939   7.569   1.00 26.15 ? 91  GLY A N   1 
ATOM   707 C  CA  . GLY A 1 90  ? -8.280  3.150   7.950   1.00 28.02 ? 91  GLY A CA  1 
ATOM   708 C  C   . GLY A 1 90  ? -8.872  2.328   6.823   1.00 27.31 ? 91  GLY A C   1 
ATOM   709 O  O   . GLY A 1 90  ? -8.538  2.526   5.651   1.00 26.71 ? 91  GLY A O   1 
ATOM   710 N  N   . ALA A 1 91  ? -9.759  1.401   7.178   1.00 25.78 ? 92  ALA A N   1 
ATOM   711 C  CA  . ALA A 1 91  ? -10.399 0.541   6.190   1.00 24.22 ? 92  ALA A CA  1 
ATOM   712 C  C   . ALA A 1 91  ? -11.434 1.345   5.421   1.00 25.59 ? 92  ALA A C   1 
ATOM   713 O  O   . ALA A 1 91  ? -12.384 1.864   6.009   1.00 24.69 ? 92  ALA A O   1 
ATOM   714 C  CB  . ALA A 1 91  ? -11.066 -0.659  6.883   1.00 22.79 ? 92  ALA A CB  1 
ATOM   715 N  N   . GLN A 1 92  ? -11.259 1.428   4.105   1.00 25.15 ? 93  GLN A N   1 
ATOM   716 C  CA  . GLN A 1 92  ? -12.173 2.188   3.268   1.00 26.75 ? 93  GLN A CA  1 
ATOM   717 C  C   . GLN A 1 92  ? -12.722 1.427   2.066   1.00 26.99 ? 93  GLN A C   1 
ATOM   718 O  O   . GLN A 1 92  ? -12.157 0.427   1.630   1.00 27.36 ? 93  GLN A O   1 
ATOM   719 C  CB  . GLN A 1 92  ? -11.473 3.451   2.772   1.00 28.70 ? 93  GLN A CB  1 
ATOM   720 C  CG  . GLN A 1 92  ? -11.091 4.418   3.878   1.00 28.36 ? 93  GLN A CG  1 
ATOM   721 C  CD  . GLN A 1 92  ? -10.374 5.631   3.347   1.00 28.76 ? 93  GLN A CD  1 
ATOM   722 O  OE1 . GLN A 1 92  ? -10.797 6.225   2.357   1.00 27.44 ? 93  GLN A OE1 1 
ATOM   723 N  NE2 . GLN A 1 92  ? -9.284  6.016   4.006   1.00 29.47 ? 93  GLN A NE2 1 
ATOM   724 N  N   . PRO A 1 93  ? -13.855 1.890   1.523   1.00 26.55 ? 94  PRO A N   1 
ATOM   725 C  CA  . PRO A 1 93  ? -14.438 1.222   0.355   1.00 25.92 ? 94  PRO A CA  1 
ATOM   726 C  C   . PRO A 1 93  ? -13.527 1.369   -0.872  1.00 26.24 ? 94  PRO A C   1 
ATOM   727 O  O   . PRO A 1 93  ? -12.757 2.329   -0.980  1.00 23.05 ? 94  PRO A O   1 
ATOM   728 C  CB  . PRO A 1 93  ? -15.797 1.916   0.198   1.00 25.76 ? 94  PRO A CB  1 
ATOM   729 C  CG  . PRO A 1 93  ? -15.617 3.240   0.897   1.00 27.84 ? 94  PRO A CG  1 
ATOM   730 C  CD  . PRO A 1 93  ? -14.788 2.876   2.092   1.00 26.45 ? 94  PRO A CD  1 
ATOM   731 N  N   . LYS A 1 94  ? -13.608 0.415   -1.793  1.00 24.22 ? 95  LYS A N   1 
ATOM   732 C  CA  . LYS A 1 94  ? -12.756 0.436   -2.976  1.00 25.59 ? 95  LYS A CA  1 
ATOM   733 C  C   . LYS A 1 94  ? -12.739 1.761   -3.733  1.00 26.89 ? 95  LYS A C   1 
ATOM   734 O  O   . LYS A 1 94  ? -11.687 2.186   -4.217  1.00 24.89 ? 95  LYS A O   1 
ATOM   735 C  CB  . LYS A 1 94  ? -13.145 -0.699  -3.936  1.00 25.74 ? 95  LYS A CB  1 
ATOM   736 C  CG  . LYS A 1 94  ? -12.170 -0.850  -5.098  1.00 29.48 ? 95  LYS A CG  1 
ATOM   737 C  CD  . LYS A 1 94  ? -12.275 -2.201  -5.783  1.00 29.93 ? 95  LYS A CD  1 
ATOM   738 C  CE  . LYS A 1 94  ? -13.550 -2.333  -6.592  1.00 32.42 ? 95  LYS A CE  1 
ATOM   739 N  NZ  . LYS A 1 94  ? -13.582 -3.650  -7.298  1.00 30.35 ? 95  LYS A NZ  1 
ATOM   740 N  N   . ARG A 1 95  ? -13.891 2.416   -3.830  1.00 25.49 ? 96  ARG A N   1 
ATOM   741 C  CA  . ARG A 1 95  ? -13.982 3.679   -4.553  1.00 29.26 ? 96  ARG A CA  1 
ATOM   742 C  C   . ARG A 1 95  ? -13.029 4.766   -4.055  1.00 27.25 ? 96  ARG A C   1 
ATOM   743 O  O   . ARG A 1 95  ? -12.569 5.599   -4.838  1.00 29.62 ? 96  ARG A O   1 
ATOM   744 C  CB  . ARG A 1 95  ? -15.425 4.212   -4.529  1.00 29.08 ? 96  ARG A CB  1 
ATOM   745 C  CG  . ARG A 1 95  ? -15.994 4.525   -3.144  1.00 30.62 ? 96  ARG A CG  1 
ATOM   746 C  CD  . ARG A 1 95  ? -17.281 5.336   -3.278  1.00 31.34 ? 96  ARG A CD  1 
ATOM   747 N  NE  . ARG A 1 95  ? -17.931 5.610   -1.996  1.00 31.63 ? 96  ARG A NE  1 
ATOM   748 C  CZ  . ARG A 1 95  ? -18.602 4.708   -1.291  1.00 31.94 ? 96  ARG A CZ  1 
ATOM   749 N  NH1 . ARG A 1 95  ? -18.717 3.466   -1.740  1.00 32.42 ? 96  ARG A NH1 1 
ATOM   750 N  NH2 . ARG A 1 95  ? -19.168 5.050   -0.137  1.00 30.22 ? 96  ARG A NH2 1 
ATOM   751 N  N   . ASN A 1 96  ? -12.741 4.774   -2.757  1.00 26.09 ? 97  ASN A N   1 
ATOM   752 C  CA  . ASN A 1 96  ? -11.835 5.780   -2.205  1.00 25.31 ? 97  ASN A CA  1 
ATOM   753 C  C   . ASN A 1 96  ? -10.409 5.570   -2.705  1.00 24.70 ? 97  ASN A C   1 
ATOM   754 O  O   . ASN A 1 96  ? -9.672  6.540   -2.932  1.00 23.21 ? 97  ASN A O   1 
ATOM   755 C  CB  . ASN A 1 96  ? -11.875 5.751   -0.673  1.00 25.84 ? 97  ASN A CB  1 
ATOM   756 C  CG  . ASN A 1 96  ? -13.161 6.332   -0.119  1.00 28.39 ? 97  ASN A CG  1 
ATOM   757 O  OD1 . ASN A 1 96  ? -13.983 6.855   -0.868  1.00 30.25 ? 97  ASN A OD1 1 
ATOM   758 N  ND2 . ASN A 1 96  ? -13.335 6.258   1.196   1.00 27.70 ? 97  ASN A ND2 1 
ATOM   759 N  N   . TYR A 1 97  ? -10.022 4.308   -2.873  1.00 23.78 ? 98  TYR A N   1 
ATOM   760 C  CA  . TYR A 1 97  ? -8.685  3.975   -3.373  1.00 24.55 ? 98  TYR A CA  1 
ATOM   761 C  C   . TYR A 1 97  ? -8.629  4.296   -4.859  1.00 26.06 ? 98  TYR A C   1 
ATOM   762 O  O   . TYR A 1 97  ? -7.639  4.839   -5.358  1.00 24.49 ? 98  TYR A O   1 
ATOM   763 C  CB  . TYR A 1 97  ? -8.384  2.487   -3.167  1.00 22.32 ? 98  TYR A CB  1 
ATOM   764 C  CG  . TYR A 1 97  ? -8.329  2.082   -1.713  1.00 24.07 ? 98  TYR A CG  1 
ATOM   765 C  CD1 . TYR A 1 97  ? -7.247  2.444   -0.906  1.00 23.68 ? 98  TYR A CD1 1 
ATOM   766 C  CD2 . TYR A 1 97  ? -9.393  1.395   -1.123  1.00 24.65 ? 98  TYR A CD2 1 
ATOM   767 C  CE1 . TYR A 1 97  ? -7.232  2.137   0.457   1.00 22.82 ? 98  TYR A CE1 1 
ATOM   768 C  CE2 . TYR A 1 97  ? -9.388  1.085   0.233   1.00 23.83 ? 98  TYR A CE2 1 
ATOM   769 C  CZ  . TYR A 1 97  ? -8.309  1.459   1.021   1.00 24.98 ? 98  TYR A CZ  1 
ATOM   770 O  OH  . TYR A 1 97  ? -8.316  1.173   2.370   1.00 23.46 ? 98  TYR A OH  1 
ATOM   771 N  N   . GLN A 1 98  ? -9.700  3.955   -5.569  1.00 28.36 ? 99  GLN A N   1 
ATOM   772 C  CA  . GLN A 1 98  ? -9.766  4.214   -7.002  1.00 28.53 ? 99  GLN A CA  1 
ATOM   773 C  C   . GLN A 1 98  ? -9.610  5.705   -7.279  1.00 29.61 ? 99  GLN A C   1 
ATOM   774 O  O   . GLN A 1 98  ? -8.866  6.109   -8.178  1.00 30.29 ? 99  GLN A O   1 
ATOM   775 C  CB  . GLN A 1 98  ? -11.104 3.721   -7.565  1.00 31.47 ? 99  GLN A CB  1 
ATOM   776 C  CG  . GLN A 1 98  ? -11.359 2.238   -7.340  1.00 29.11 ? 99  GLN A CG  1 
ATOM   777 C  CD  . GLN A 1 98  ? -12.697 1.782   -7.911  1.00 31.91 ? 99  GLN A CD  1 
ATOM   778 O  OE1 . GLN A 1 98  ? -13.731 2.393   -7.653  1.00 30.54 ? 99  GLN A OE1 1 
ATOM   779 N  NE2 . GLN A 1 98  ? -12.677 0.700   -8.680  1.00 29.62 ? 99  GLN A NE2 1 
ATOM   780 N  N   . ALA A 1 99  ? -10.312 6.521   -6.501  1.00 30.19 ? 100 ALA A N   1 
ATOM   781 C  CA  . ALA A 1 99  ? -10.254 7.967   -6.664  1.00 31.35 ? 100 ALA A CA  1 
ATOM   782 C  C   . ALA A 1 99  ? -8.814  8.448   -6.611  1.00 32.57 ? 100 ALA A C   1 
ATOM   783 O  O   . ALA A 1 99  ? -8.333  9.114   -7.529  1.00 31.03 ? 100 ALA A O   1 
ATOM   784 C  CB  . ALA A 1 99  ? -11.071 8.651   -5.566  1.00 30.61 ? 100 ALA A CB  1 
ATOM   785 N  N   . LYS A 1 100 ? -8.115  8.090   -5.540  1.00 31.63 ? 101 LYS A N   1 
ATOM   786 C  CA  . LYS A 1 100 ? -6.737  8.525   -5.377  1.00 32.55 ? 101 LYS A CA  1 
ATOM   787 C  C   . LYS A 1 100 ? -5.726  7.883   -6.337  1.00 32.51 ? 101 LYS A C   1 
ATOM   788 O  O   . LYS A 1 100 ? -4.689  8.483   -6.630  1.00 35.20 ? 101 LYS A O   1 
ATOM   789 C  CB  . LYS A 1 100 ? -6.324  8.359   -3.909  1.00 29.31 ? 101 LYS A CB  1 
ATOM   790 C  CG  . LYS A 1 100 ? -7.094  9.313   -2.987  1.00 28.80 ? 101 LYS A CG  1 
ATOM   791 C  CD  . LYS A 1 100 ? -6.636  9.258   -1.534  1.00 28.10 ? 101 LYS A CD  1 
ATOM   792 C  CE  . LYS A 1 100 ? -7.246  10.405  -0.721  1.00 31.72 ? 101 LYS A CE  1 
ATOM   793 N  NZ  . LYS A 1 100 ? -6.845  10.393  0.725   1.00 31.25 ? 101 LYS A NZ  1 
ATOM   794 N  N   . ILE A 1 101 ? -6.030  6.694   -6.846  1.00 33.03 ? 102 ILE A N   1 
ATOM   795 C  CA  . ILE A 1 101 ? -5.135  6.024   -7.791  1.00 36.15 ? 102 ILE A CA  1 
ATOM   796 C  C   . ILE A 1 101 ? -5.219  6.686   -9.169  1.00 40.02 ? 102 ILE A C   1 
ATOM   797 O  O   . ILE A 1 101 ? -4.202  7.080   -9.750  1.00 41.21 ? 102 ILE A O   1 
ATOM   798 C  CB  . ILE A 1 101 ? -5.493  4.529   -7.958  1.00 35.60 ? 102 ILE A CB  1 
ATOM   799 C  CG1 . ILE A 1 101 ? -5.191  3.767   -6.668  1.00 33.37 ? 102 ILE A CG1 1 
ATOM   800 C  CG2 . ILE A 1 101 ? -4.704  3.928   -9.118  1.00 36.28 ? 102 ILE A CG2 1 
ATOM   801 C  CD1 . ILE A 1 101 ? -5.601  2.310   -6.708  1.00 31.38 ? 102 ILE A CD1 1 
ATOM   802 N  N   . GLU A 1 102 ? -6.438  6.819   -9.682  1.00 41.45 ? 103 GLU A N   1 
ATOM   803 C  CA  . GLU A 1 102 ? -6.666  7.427   -10.990 1.00 43.43 ? 103 GLU A CA  1 
ATOM   804 C  C   . GLU A 1 102 ? -6.259  8.897   -10.988 1.00 44.02 ? 103 GLU A C   1 
ATOM   805 O  O   . GLU A 1 102 ? -6.044  9.498   -12.039 1.00 44.93 ? 103 GLU A O   1 
ATOM   806 C  CB  . GLU A 1 102 ? -8.140  7.286   -11.365 1.00 43.90 ? 103 GLU A CB  1 
ATOM   807 C  CG  . GLU A 1 102 ? -8.664  5.883   -11.130 1.00 46.61 ? 103 GLU A CG  1 
ATOM   808 C  CD  . GLU A 1 102 ? -10.135 5.750   -11.427 1.00 47.36 ? 103 GLU A CD  1 
ATOM   809 O  OE1 . GLU A 1 102 ? -10.900 6.676   -11.078 1.00 51.07 ? 103 GLU A OE1 1 
ATOM   810 O  OE2 . GLU A 1 102 ? -10.529 4.712   -11.995 1.00 48.71 ? 103 GLU A OE2 1 
ATOM   811 N  N   . LYS A 1 103 ? -6.156  9.471   -9.796  1.00 44.14 ? 104 LYS A N   1 
ATOM   812 C  CA  . LYS A 1 103 ? -5.761  10.861  -9.636  1.00 44.61 ? 104 LYS A CA  1 
ATOM   813 C  C   . LYS A 1 103 ? -4.318  11.018  -10.115 1.00 45.22 ? 104 LYS A C   1 
ATOM   814 O  O   . LYS A 1 103 ? -3.826  12.133  -10.303 1.00 46.80 ? 104 LYS A O   1 
ATOM   815 C  CB  . LYS A 1 103 ? -5.882  11.246  -8.163  1.00 46.10 ? 104 LYS A CB  1 
ATOM   816 C  CG  . LYS A 1 103 ? -5.759  12.723  -7.867  1.00 46.77 ? 104 LYS A CG  1 
ATOM   817 C  CD  . LYS A 1 103 ? -6.200  13.007  -6.439  1.00 47.93 ? 104 LYS A CD  1 
ATOM   818 C  CE  . LYS A 1 103 ? -6.193  14.495  -6.145  1.00 50.15 ? 104 LYS A CE  1 
ATOM   819 N  NZ  . LYS A 1 103 ? -6.687  14.791  -4.774  1.00 52.44 ? 104 LYS A NZ  1 
ATOM   820 N  N   . HIS A 1 104 ? -3.651  9.885   -10.316 1.00 44.23 ? 105 HIS A N   1 
ATOM   821 C  CA  . HIS A 1 104 ? -2.265  9.854   -10.769 1.00 44.24 ? 105 HIS A CA  1 
ATOM   822 C  C   . HIS A 1 104 ? -2.133  8.905   -11.959 1.00 46.21 ? 105 HIS A C   1 
ATOM   823 O  O   . HIS A 1 104 ? -1.042  8.430   -12.277 1.00 46.40 ? 105 HIS A O   1 
ATOM   824 C  CB  . HIS A 1 104 ? -1.365  9.410   -9.611  1.00 40.89 ? 105 HIS A CB  1 
ATOM   825 C  CG  . HIS A 1 104 ? -1.407  10.340  -8.438  1.00 37.22 ? 105 HIS A CG  1 
ATOM   826 N  ND1 . HIS A 1 104 ? -0.706  11.526  -8.404  1.00 35.83 ? 105 HIS A ND1 1 
ATOM   827 C  CD2 . HIS A 1 104 ? -2.130  10.298  -7.293  1.00 36.15 ? 105 HIS A CD2 1 
ATOM   828 C  CE1 . HIS A 1 104 ? -0.996  12.175  -7.290  1.00 35.40 ? 105 HIS A CE1 1 
ATOM   829 N  NE2 . HIS A 1 104 ? -1.859  11.453  -6.599  1.00 35.08 ? 105 HIS A NE2 1 
ATOM   830 N  N   . LEU A 1 105 ? -3.271  8.643   -12.600 1.00 48.39 ? 106 LEU A N   1 
ATOM   831 C  CA  . LEU A 1 105 ? -3.380  7.774   -13.770 1.00 50.34 ? 106 LEU A CA  1 
ATOM   832 C  C   . LEU A 1 105 ? -3.233  6.280   -13.489 1.00 51.72 ? 106 LEU A C   1 
ATOM   833 O  O   . LEU A 1 105 ? -2.233  5.679   -13.934 1.00 52.56 ? 106 LEU A O   1 
ATOM   834 C  CB  . LEU A 1 105 ? -2.377  8.212   -14.840 1.00 51.80 ? 106 LEU A CB  1 
ATOM   835 C  CG  . LEU A 1 105 ? -2.495  9.687   -15.242 1.00 52.84 ? 106 LEU A CG  1 
ATOM   836 C  CD1 . LEU A 1 105 ? -1.613  9.949   -16.452 1.00 53.36 ? 106 LEU A CD1 1 
ATOM   837 C  CD2 . LEU A 1 105 ? -3.950  10.035  -15.554 1.00 52.07 ? 106 LEU A CD2 1 
HETATM 838 O  O   . HOH B 2 .   ? 12.620  -3.184  10.005  1.00 15.86 ? 111 HOH A O   1 
HETATM 839 O  O   . HOH B 2 .   ? -16.690 1.019   -3.810  1.00 23.76 ? 112 HOH A O   1 
HETATM 840 O  O   . HOH B 2 .   ? -3.765  11.599  0.473   1.00 24.32 ? 113 HOH A O   1 
HETATM 841 O  O   . HOH B 2 .   ? -10.398 1.203   10.268  1.00 24.70 ? 114 HOH A O   1 
HETATM 842 O  O   . HOH B 2 .   ? 5.927   -7.380  4.541   1.00 25.34 ? 115 HOH A O   1 
HETATM 843 O  O   . HOH B 2 .   ? 7.528   0.806   14.325  1.00 30.87 ? 116 HOH A O   1 
HETATM 844 O  O   . HOH B 2 .   ? -15.947 -1.136  -1.627  1.00 25.54 ? 117 HOH A O   1 
HETATM 845 O  O   . HOH B 2 .   ? 6.833   4.485   -7.379  1.00 31.76 ? 118 HOH A O   1 
HETATM 846 O  O   . HOH B 2 .   ? -6.376  2.522   4.025   1.00 23.13 ? 119 HOH A O   1 
HETATM 847 O  O   . HOH B 2 .   ? -0.279  14.626  -3.795  1.00 29.84 ? 120 HOH A O   1 
HETATM 848 O  O   . HOH B 2 .   ? 6.147   11.664  -8.022  1.00 32.25 ? 121 HOH A O   1 
HETATM 849 O  O   . HOH B 2 .   ? -5.318  -9.513  -7.357  1.00 41.51 ? 122 HOH A O   1 
HETATM 850 O  O   . HOH B 2 .   ? -16.667 -2.711  -8.219  1.00 30.98 ? 123 HOH A O   1 
HETATM 851 O  O   . HOH B 2 .   ? 7.786   -9.065  5.761   1.00 24.61 ? 124 HOH A O   1 
HETATM 852 O  O   . HOH B 2 .   ? 3.299   -8.395  3.839   1.00 28.30 ? 125 HOH A O   1 
HETATM 853 O  O   . HOH B 2 .   ? 14.676  -0.257  1.300   1.00 27.77 ? 126 HOH A O   1 
HETATM 854 O  O   . HOH B 2 .   ? 12.709  1.052   4.575   1.00 35.04 ? 127 HOH A O   1 
HETATM 855 O  O   . HOH B 2 .   ? 7.699   14.626  -3.322  1.00 39.35 ? 128 HOH A O   1 
HETATM 856 O  O   . HOH B 2 .   ? 9.797   5.237   -9.546  1.00 34.47 ? 129 HOH A O   1 
HETATM 857 O  O   . HOH B 2 .   ? -8.363  -5.321  15.346  1.00 47.23 ? 130 HOH A O   1 
HETATM 858 O  O   . HOH B 2 .   ? 15.580  -1.424  -1.145  1.00 28.21 ? 131 HOH A O   1 
HETATM 859 O  O   . HOH B 2 .   ? -17.955 -1.207  -10.179 1.00 37.34 ? 132 HOH A O   1 
HETATM 860 O  O   . HOH B 2 .   ? -3.266  0.554   15.016  1.00 32.04 ? 133 HOH A O   1 
HETATM 861 O  O   . HOH B 2 .   ? -0.183  4.528   -16.651 1.00 40.83 ? 134 HOH A O   1 
HETATM 862 O  O   . HOH B 2 .   ? 1.661   4.209   -14.250 1.00 41.85 ? 135 HOH A O   1 
HETATM 863 O  O   . HOH B 2 .   ? -17.822 -1.232  0.284   1.00 27.43 ? 136 HOH A O   1 
HETATM 864 O  O   . HOH B 2 .   ? -7.551  12.609  2.444   1.00 40.29 ? 137 HOH A O   1 
HETATM 865 O  O   . HOH B 2 .   ? -1.353  -4.867  -9.892  1.00 34.37 ? 138 HOH A O   1 
HETATM 866 O  O   . HOH B 2 .   ? 12.190  -7.869  11.594  1.00 40.68 ? 139 HOH A O   1 
HETATM 867 O  O   . HOH B 2 .   ? 0.257   -5.508  -8.045  1.00 35.51 ? 140 HOH A O   1 
HETATM 868 O  O   . HOH B 2 .   ? -4.347  -7.839  -0.164  1.00 39.30 ? 141 HOH A O   1 
HETATM 869 O  O   . HOH B 2 .   ? 12.710  4.496   -12.498 1.00 40.76 ? 142 HOH A O   1 
HETATM 870 O  O   . HOH B 2 .   ? 17.058  -2.521  7.032   1.00 40.02 ? 143 HOH A O   1 
# 
